data_7P0X
#
_entry.id   7P0X
#
_cell.length_a   146.921
_cell.length_b   258.985
_cell.length_c   129.067
_cell.angle_alpha   90.000
_cell.angle_beta   90.000
_cell.angle_gamma   90.000
#
_symmetry.space_group_name_H-M   'C 2 2 21'
#
loop_
_entity.id
_entity.type
_entity.pdbx_description
1 polymer 'Glutaredoxin domain-containing protein'
2 polymer 'Glutaredoxin domain-containing protein'
3 non-polymer 'FLAVIN-ADENINE DINUCLEOTIDE'
4 non-polymer (4S)-2-METHYL-2,4-PENTANEDIOL
5 non-polymer 'SODIUM ION'
6 non-polymer 'CHLORIDE ION'
7 water water
#
loop_
_entity_poly.entity_id
_entity_poly.type
_entity_poly.pdbx_seq_one_letter_code
_entity_poly.pdbx_strand_id
1 'polypeptide(L)'
;MSPIPNRVSSGSLADAVFKSACEERILLAYADYNPDMTKVVNLFSKYNETVNTVRVSNDAVKDILEIVGWPSMPLIFVKG
NCCGGFKELYQLEESGFLNEWLKEHEYDLAIVGGGSGGLAAAKEAVRLGKKVVCLDFVKPSAMGTTWGLGGTCVNVGCIP
KKLMHQAALLGEYIEDAKKFGWEIPEGAIKLNWHQLKNAVQNHIASLNWGYRVQLKEKSVTYMNSYATFTGSHELSVKNK
KGKVEKVTADRFLIAVGLRPRFPDVPGALECCISSDDLFSLPYNPGKTLCVGASYVSLECAGFLKGIGNDVTVMVRSVLL
RGFDQDMAERIKKHMTERGVKFVQ(CSO)VPIKYERLKKPTDSEPGMIRVHTMQEDEDGTKEVTEDFNTVLMAIGRDAMT
DDLGLDVVGVNRAKSGKIIGRREQSVSCPYVYAIGDVLYGSPELTPVAIQAGKVLMRRLFTGSSELTEYDKIPTTVFTPL
EYGSCGLSEYSAIQKYGKENINVYHNVFIPLEYAVTERKEKTHCYCKLICLKNEQDLILGFHILTPNAGEITQGFAIALK
FDAKKADFDRLIGIHPTVAENFTTLTLVKEDGQTLKATGCUG
;
A,B
2 'polypeptide(L)'
;MSPIPNRVSSGSLADAVFKSACEERILLAYADYNPDMTKVVNLFSKYNETVNTVRVSNDAVKDILEIVGWPSMPLIFVKG
NCCGGFKELYQLEESGFLNEWLKEHEYDLAIVGGGSGGLAAAKEAVRLGKKVVCLDFVKPSAMGTTWGLGGTCVNVGCIP
KKLMHQAALLGEYIEDAKKFGWEIPEGAIKLNWHQLKNAVQNHIASLNWGYRVQLKEKSVTYMNSYATFTGSHELSVKNK
KGKVEKVTADRFLIAVGLRPRFPDVPGALECCISSDDLFSLPYNPGKTLCVGASYVSLECAGFLKGIGNDVTVMVRSVLL
RGFDQDMAERIKKHMTERGVKFVQCVPIKYERLKKPTDSEPGMIRVHTMQEDEDGTKEVTEDFNTVLMAIGRDAMTDDLG
LDVVGVNRAKSGKIIGRREQSVSCPYVYAIGDVLYGSPELTPVAIQAGKVLMRRLFTGSSELTEYDKIPTTVFTPLEYGS
CGLSEYSAIQKYGKENINVYHNVFIPLEYAVTERKEKTHCYCKLICLKNEQDLILGFHILTPNAGEITQGFAIALKFDAK
KADFDRLIGIHPTVAENFTTLTLVKEDGQTLKATGCUG
;
C
#
loop_
_chem_comp.id
_chem_comp.type
_chem_comp.name
_chem_comp.formula
CL non-polymer 'CHLORIDE ION' 'Cl -1'
FAD non-polymer 'FLAVIN-ADENINE DINUCLEOTIDE' 'C27 H33 N9 O15 P2'
MPD non-polymer (4S)-2-METHYL-2,4-PENTANEDIOL 'C6 H14 O2'
NA non-polymer 'SODIUM ION' 'Na 1'
#
# COMPACT_ATOMS: atom_id res chain seq x y z
N SER A 12 59.49 -20.44 14.36
CA SER A 12 59.03 -21.81 13.98
C SER A 12 57.86 -21.75 12.97
N LEU A 13 56.72 -21.17 13.34
CA LEU A 13 55.51 -21.10 12.47
C LEU A 13 55.30 -19.66 11.92
N ALA A 14 54.32 -19.52 11.02
CA ALA A 14 54.15 -18.36 10.10
C ALA A 14 54.04 -17.04 10.90
N ASP A 15 53.12 -16.99 11.86
CA ASP A 15 52.85 -15.78 12.68
C ASP A 15 54.15 -15.37 13.39
N ALA A 16 54.83 -16.33 14.05
CA ALA A 16 56.14 -16.14 14.73
C ALA A 16 57.20 -15.66 13.73
N VAL A 17 57.22 -16.19 12.49
CA VAL A 17 58.16 -15.73 11.43
C VAL A 17 57.89 -14.26 11.10
N PHE A 18 56.63 -13.92 10.78
CA PHE A 18 56.27 -12.57 10.27
C PHE A 18 56.41 -11.52 11.39
N LYS A 19 56.13 -11.91 12.65
CA LYS A 19 56.37 -11.04 13.84
C LYS A 19 57.87 -10.69 13.88
N SER A 20 58.73 -11.71 13.91
CA SER A 20 60.20 -11.54 13.88
C SER A 20 60.58 -10.65 12.68
N ALA A 21 60.05 -10.97 11.49
CA ALA A 21 60.31 -10.23 10.23
C ALA A 21 60.03 -8.74 10.43
N CYS A 22 58.87 -8.41 11.01
CA CYS A 22 58.47 -7.00 11.31
C CYS A 22 59.37 -6.39 12.40
N GLU A 23 59.73 -7.16 13.44
CA GLU A 23 60.48 -6.65 14.64
C GLU A 23 61.96 -6.39 14.30
N GLU A 24 62.55 -7.21 13.43
CA GLU A 24 64.02 -7.22 13.15
C GLU A 24 64.31 -6.43 11.87
N ARG A 25 65.49 -5.80 11.83
CA ARG A 25 66.01 -5.01 10.68
C ARG A 25 66.29 -5.96 9.51
N ILE A 26 67.07 -7.03 9.73
CA ILE A 26 67.41 -8.04 8.68
C ILE A 26 67.18 -9.43 9.26
N LEU A 27 66.25 -10.16 8.65
CA LEU A 27 65.89 -11.56 9.02
C LEU A 27 66.05 -12.47 7.78
N LEU A 28 66.74 -13.59 7.98
CA LEU A 28 66.86 -14.69 7.01
C LEU A 28 65.99 -15.85 7.52
N ALA A 29 64.92 -16.17 6.81
CA ALA A 29 64.05 -17.33 7.10
C ALA A 29 64.48 -18.53 6.24
N TYR A 30 64.72 -19.69 6.87
CA TYR A 30 65.26 -20.90 6.17
C TYR A 30 64.55 -22.19 6.60
N ALA A 31 64.74 -23.25 5.82
CA ALA A 31 64.14 -24.61 5.98
C ALA A 31 65.19 -25.62 6.49
N ASP A 32 65.99 -26.21 5.59
CA ASP A 32 67.25 -26.92 5.93
C ASP A 32 68.36 -26.30 5.07
N TYR A 33 69.55 -26.10 5.69
CA TYR A 33 70.94 -25.97 5.14
C TYR A 33 70.98 -25.32 3.75
N ASN A 34 70.29 -24.19 3.59
CA ASN A 34 70.10 -23.51 2.27
C ASN A 34 71.50 -23.17 1.74
N PRO A 35 71.70 -23.03 0.41
CA PRO A 35 73.03 -22.79 -0.15
C PRO A 35 73.37 -21.29 -0.11
N ASP A 36 74.58 -20.94 0.36
CA ASP A 36 75.07 -19.54 0.55
C ASP A 36 74.19 -18.79 1.56
N MET A 37 74.05 -19.31 2.77
CA MET A 37 73.57 -18.50 3.94
C MET A 37 74.74 -17.67 4.47
N THR A 38 75.98 -18.14 4.32
CA THR A 38 77.21 -17.34 4.57
C THR A 38 77.18 -16.08 3.70
N LYS A 39 77.11 -16.24 2.38
CA LYS A 39 77.27 -15.12 1.40
C LYS A 39 76.21 -14.04 1.62
N VAL A 40 75.17 -14.30 2.43
CA VAL A 40 74.19 -13.28 2.89
C VAL A 40 74.80 -12.48 4.05
N VAL A 41 75.17 -13.19 5.13
CA VAL A 41 75.80 -12.61 6.36
C VAL A 41 77.03 -11.81 5.93
N ASN A 42 77.86 -12.38 5.04
CA ASN A 42 79.03 -11.69 4.42
C ASN A 42 78.57 -10.40 3.73
N LEU A 43 77.49 -10.47 2.95
CA LEU A 43 77.00 -9.29 2.19
C LEU A 43 76.55 -8.21 3.17
N PHE A 44 75.84 -8.57 4.24
CA PHE A 44 75.29 -7.58 5.20
C PHE A 44 76.38 -7.05 6.12
N SER A 45 77.39 -7.87 6.46
CA SER A 45 78.55 -7.44 7.28
C SER A 45 79.21 -6.20 6.65
N LYS A 46 79.12 -6.04 5.32
CA LYS A 46 79.60 -4.86 4.56
C LYS A 46 78.99 -3.55 5.08
N TYR A 47 77.78 -3.58 5.65
CA TYR A 47 77.06 -2.37 6.15
C TYR A 47 76.85 -2.44 7.67
N ASN A 48 77.69 -3.18 8.42
CA ASN A 48 77.61 -3.40 9.89
C ASN A 48 76.15 -3.67 10.30
N GLU A 49 75.49 -4.55 9.55
CA GLU A 49 74.15 -5.08 9.87
C GLU A 49 74.30 -6.48 10.46
N THR A 50 73.47 -6.79 11.44
CA THR A 50 73.36 -8.13 12.08
C THR A 50 72.24 -8.87 11.34
N VAL A 51 72.47 -10.09 10.86
CA VAL A 51 71.47 -10.89 10.10
C VAL A 51 70.85 -11.89 11.06
N ASN A 52 69.58 -11.71 11.41
CA ASN A 52 68.85 -12.63 12.34
C ASN A 52 68.41 -13.86 11.53
N THR A 53 68.10 -14.97 12.20
CA THR A 53 67.78 -16.29 11.57
C THR A 53 66.51 -16.89 12.17
N VAL A 54 65.74 -17.62 11.33
CA VAL A 54 64.60 -18.48 11.80
C VAL A 54 64.51 -19.73 10.91
N ARG A 55 64.59 -20.90 11.57
CA ARG A 55 64.26 -22.23 11.03
C ARG A 55 62.73 -22.36 11.03
N VAL A 56 62.16 -22.31 9.84
CA VAL A 56 60.69 -22.47 9.62
C VAL A 56 60.35 -23.96 9.68
N SER A 57 59.28 -24.31 10.41
CA SER A 57 58.69 -25.68 10.44
C SER A 57 58.31 -26.05 9.00
N ASN A 58 58.54 -27.30 8.58
CA ASN A 58 58.18 -27.80 7.22
C ASN A 58 56.69 -27.61 6.94
N ASP A 59 55.82 -27.91 7.93
CA ASP A 59 54.35 -27.80 7.92
C ASP A 59 53.87 -26.34 7.76
N ALA A 60 54.79 -25.38 7.73
CA ALA A 60 54.50 -23.92 7.66
C ALA A 60 55.02 -23.28 6.36
N VAL A 61 55.99 -23.88 5.68
CA VAL A 61 56.76 -23.27 4.55
C VAL A 61 55.79 -22.83 3.43
N LYS A 62 55.02 -23.78 2.89
CA LYS A 62 54.13 -23.61 1.71
C LYS A 62 53.14 -22.46 1.98
N ASP A 63 52.65 -22.37 3.21
CA ASP A 63 51.80 -21.26 3.72
C ASP A 63 52.56 -19.92 3.65
N ILE A 64 53.79 -19.87 4.17
CA ILE A 64 54.59 -18.61 4.25
C ILE A 64 54.89 -18.16 2.83
N LEU A 65 55.23 -19.09 1.94
CA LEU A 65 55.58 -18.75 0.54
C LEU A 65 54.37 -18.21 -0.21
N GLU A 66 53.20 -18.83 -0.01
CA GLU A 66 51.92 -18.42 -0.63
C GLU A 66 51.66 -16.95 -0.25
N ILE A 67 51.80 -16.62 1.04
CA ILE A 67 51.50 -15.28 1.61
C ILE A 67 52.38 -14.20 0.95
N VAL A 68 53.70 -14.38 0.94
CA VAL A 68 54.66 -13.35 0.44
C VAL A 68 54.74 -13.41 -1.09
N GLY A 69 54.30 -14.52 -1.69
CA GLY A 69 54.25 -14.69 -3.15
C GLY A 69 55.62 -14.94 -3.74
N TRP A 70 56.43 -15.80 -3.13
CA TRP A 70 57.74 -16.22 -3.67
C TRP A 70 57.73 -17.73 -3.90
N PRO A 71 58.42 -18.22 -4.96
CA PRO A 71 58.44 -19.63 -5.32
C PRO A 71 59.09 -20.58 -4.29
N SER A 72 60.34 -20.27 -3.88
CA SER A 72 61.20 -21.12 -3.00
C SER A 72 61.60 -20.44 -1.69
N MET A 73 61.90 -21.28 -0.69
CA MET A 73 62.07 -20.95 0.76
C MET A 73 63.19 -20.04 1.28
N PRO A 74 64.50 -20.08 0.99
CA PRO A 74 65.33 -19.16 1.77
C PRO A 74 64.70 -17.79 1.50
N LEU A 75 64.08 -17.15 2.52
CA LEU A 75 63.51 -15.77 2.38
C LEU A 75 64.39 -14.75 3.13
N ILE A 76 64.53 -13.55 2.56
CA ILE A 76 65.23 -12.40 3.23
C ILE A 76 64.24 -11.26 3.43
N PHE A 77 64.20 -10.72 4.65
CA PHE A 77 63.41 -9.51 4.99
C PHE A 77 64.37 -8.35 5.30
N VAL A 78 64.02 -7.15 4.87
CA VAL A 78 64.74 -5.88 5.15
C VAL A 78 63.72 -4.85 5.64
N LYS A 79 63.84 -4.41 6.90
CA LYS A 79 62.95 -3.41 7.54
C LYS A 79 61.50 -3.86 7.37
N GLY A 80 61.24 -5.16 7.57
CA GLY A 80 59.92 -5.81 7.49
C GLY A 80 59.34 -5.89 6.08
N ASN A 81 60.16 -6.03 5.06
CA ASN A 81 59.73 -6.13 3.64
C ASN A 81 60.36 -7.39 3.04
N CYS A 82 59.55 -8.34 2.58
CA CYS A 82 60.04 -9.63 2.00
C CYS A 82 60.67 -9.37 0.62
N CYS A 83 61.96 -9.71 0.45
CA CYS A 83 62.81 -9.30 -0.71
C CYS A 83 62.90 -10.41 -1.75
N GLY A 84 62.61 -11.65 -1.31
CA GLY A 84 62.83 -12.91 -2.04
C GLY A 84 63.95 -13.73 -1.43
N GLY A 85 64.79 -14.30 -2.30
CA GLY A 85 66.01 -15.04 -1.97
C GLY A 85 67.29 -14.28 -2.32
N PHE A 86 68.44 -14.95 -2.16
CA PHE A 86 69.78 -14.32 -2.28
C PHE A 86 69.85 -13.62 -3.65
N LYS A 87 69.36 -14.30 -4.69
CA LYS A 87 69.28 -13.77 -6.07
C LYS A 87 68.72 -12.34 -6.05
N GLU A 88 67.60 -12.10 -5.36
CA GLU A 88 66.92 -10.78 -5.41
C GLU A 88 67.70 -9.79 -4.55
N LEU A 89 68.26 -10.23 -3.42
CA LEU A 89 69.07 -9.36 -2.51
C LEU A 89 70.27 -8.84 -3.31
N TYR A 90 71.01 -9.74 -3.95
CA TYR A 90 72.20 -9.41 -4.76
C TYR A 90 71.83 -8.37 -5.84
N GLN A 91 70.71 -8.56 -6.55
CA GLN A 91 70.16 -7.54 -7.48
C GLN A 91 70.08 -6.17 -6.79
N LEU A 92 69.52 -6.13 -5.56
CA LEU A 92 69.32 -4.87 -4.82
C LEU A 92 70.66 -4.25 -4.46
N GLU A 93 71.59 -5.10 -3.98
CA GLU A 93 72.95 -4.65 -3.62
C GLU A 93 73.63 -4.08 -4.87
N GLU A 94 73.72 -4.89 -5.94
CA GLU A 94 74.39 -4.59 -7.24
C GLU A 94 73.96 -3.23 -7.81
N SER A 95 72.71 -2.83 -7.60
CA SER A 95 72.11 -1.58 -8.16
C SER A 95 72.38 -0.37 -7.25
N GLY A 96 72.97 -0.58 -6.07
CA GLY A 96 73.19 0.45 -5.04
C GLY A 96 71.96 0.70 -4.16
N PHE A 97 70.81 0.11 -4.51
CA PHE A 97 69.50 0.34 -3.84
C PHE A 97 69.57 -0.11 -2.38
N LEU A 98 70.26 -1.24 -2.11
CA LEU A 98 70.30 -1.86 -0.75
C LEU A 98 71.04 -0.91 0.18
N ASN A 99 72.13 -0.32 -0.31
CA ASN A 99 72.96 0.64 0.46
C ASN A 99 72.08 1.82 0.91
N GLU A 100 71.31 2.39 -0.02
CA GLU A 100 70.44 3.56 0.25
C GLU A 100 69.25 3.12 1.13
N TRP A 101 68.78 1.87 0.97
CA TRP A 101 67.62 1.33 1.72
C TRP A 101 67.92 1.28 3.23
N LEU A 102 69.12 0.82 3.59
CA LEU A 102 69.52 0.57 4.99
C LEU A 102 69.79 1.89 5.73
N LYS A 103 69.88 3.02 5.04
CA LYS A 103 70.00 4.37 5.67
C LYS A 103 68.70 4.70 6.43
N GLU A 104 68.82 5.59 7.42
CA GLU A 104 67.68 6.29 8.07
C GLU A 104 67.07 7.22 7.01
N HIS A 105 65.76 7.35 7.01
CA HIS A 105 64.98 8.21 6.08
C HIS A 105 64.04 9.07 6.91
N GLU A 106 63.51 10.13 6.29
CA GLU A 106 62.66 11.14 6.95
C GLU A 106 61.35 10.48 7.42
N TYR A 107 60.75 9.61 6.60
CA TYR A 107 59.42 9.00 6.86
C TYR A 107 59.52 7.47 6.87
N ASP A 108 58.70 6.81 7.70
CA ASP A 108 58.58 5.32 7.69
C ASP A 108 57.90 4.91 6.38
N LEU A 109 56.99 5.76 5.91
CA LEU A 109 56.12 5.46 4.75
C LEU A 109 55.73 6.75 4.04
N ALA A 110 55.96 6.82 2.72
CA ALA A 110 55.42 7.91 1.87
C ALA A 110 54.28 7.35 1.03
N ILE A 111 53.13 8.01 1.11
CA ILE A 111 51.88 7.61 0.39
C ILE A 111 51.65 8.62 -0.72
N VAL A 112 51.68 8.16 -1.97
CA VAL A 112 51.38 8.97 -3.17
C VAL A 112 49.92 8.75 -3.53
N GLY A 113 49.07 9.70 -3.14
CA GLY A 113 47.61 9.71 -3.39
C GLY A 113 46.82 9.98 -2.12
N GLY A 114 45.96 10.99 -2.15
CA GLY A 114 45.07 11.41 -1.05
C GLY A 114 43.61 11.08 -1.35
N GLY A 115 43.41 9.85 -1.83
CA GLY A 115 42.08 9.31 -2.12
C GLY A 115 41.70 8.24 -1.14
N SER A 116 40.71 7.44 -1.54
CA SER A 116 40.10 6.42 -0.70
C SER A 116 41.21 5.59 -0.05
N GLY A 117 42.09 5.01 -0.88
CA GLY A 117 43.15 4.08 -0.42
C GLY A 117 44.19 4.81 0.37
N GLY A 118 44.76 5.86 -0.23
CA GLY A 118 45.83 6.65 0.42
C GLY A 118 45.45 7.08 1.83
N LEU A 119 44.24 7.65 2.00
CA LEU A 119 43.87 8.26 3.30
C LEU A 119 43.64 7.15 4.34
N ALA A 120 42.99 6.08 3.91
CA ALA A 120 42.72 4.89 4.76
C ALA A 120 44.05 4.30 5.22
N ALA A 121 45.00 4.13 4.29
CA ALA A 121 46.36 3.64 4.66
C ALA A 121 47.01 4.63 5.63
N ALA A 122 46.90 5.92 5.35
CA ALA A 122 47.53 6.95 6.21
C ALA A 122 46.99 6.80 7.63
N LYS A 123 45.66 6.75 7.79
CA LYS A 123 45.05 6.67 9.14
C LYS A 123 45.53 5.39 9.85
N GLU A 124 45.58 4.27 9.15
CA GLU A 124 45.94 2.98 9.78
C GLU A 124 47.45 2.95 10.13
N ALA A 125 48.35 3.43 9.26
CA ALA A 125 49.80 3.49 9.57
C ALA A 125 50.04 4.31 10.83
N VAL A 126 49.36 5.44 10.96
CA VAL A 126 49.54 6.37 12.11
C VAL A 126 49.02 5.72 13.40
N ARG A 127 47.87 5.04 13.35
CA ARG A 127 47.30 4.32 14.51
C ARG A 127 48.32 3.29 15.00
N LEU A 128 49.16 2.76 14.09
CA LEU A 128 50.22 1.77 14.44
C LEU A 128 51.53 2.48 14.77
N GLY A 129 51.51 3.80 14.97
CA GLY A 129 52.57 4.61 15.59
C GLY A 129 53.72 4.92 14.65
N LYS A 130 53.46 5.08 13.36
CA LYS A 130 54.49 5.26 12.30
C LYS A 130 54.48 6.70 11.77
N LYS A 131 55.63 7.20 11.34
CA LYS A 131 55.76 8.55 10.75
C LYS A 131 55.47 8.43 9.26
N VAL A 132 54.44 9.13 8.82
CA VAL A 132 53.82 8.95 7.48
C VAL A 132 53.65 10.31 6.81
N VAL A 133 53.93 10.38 5.52
CA VAL A 133 53.66 11.58 4.68
C VAL A 133 52.65 11.18 3.61
N CYS A 134 51.58 11.94 3.48
CA CYS A 134 50.55 11.73 2.44
C CYS A 134 50.66 12.86 1.42
N LEU A 135 50.88 12.51 0.17
CA LEU A 135 50.98 13.49 -0.95
C LEU A 135 49.71 13.42 -1.80
N ASP A 136 49.05 14.54 -2.04
CA ASP A 136 47.88 14.54 -2.95
C ASP A 136 47.88 15.80 -3.82
N PHE A 137 47.71 15.61 -5.12
CA PHE A 137 47.55 16.74 -6.07
C PHE A 137 46.54 16.34 -7.14
N VAL A 138 45.75 17.31 -7.59
CA VAL A 138 44.70 17.10 -8.61
C VAL A 138 45.07 17.93 -9.83
N LYS A 139 45.71 17.31 -10.82
CA LYS A 139 45.91 17.93 -12.15
C LYS A 139 44.54 18.26 -12.71
N PRO A 140 44.33 19.49 -13.22
CA PRO A 140 42.99 19.87 -13.64
C PRO A 140 42.55 19.01 -14.82
N SER A 141 41.24 18.89 -15.07
CA SER A 141 40.68 18.33 -16.31
C SER A 141 41.07 19.24 -17.46
N ALA A 142 40.87 18.79 -18.69
CA ALA A 142 41.09 19.59 -19.92
C ALA A 142 40.25 20.86 -19.90
N MET A 143 39.07 20.84 -19.26
CA MET A 143 38.14 22.00 -19.12
C MET A 143 38.58 22.91 -17.96
N GLY A 144 39.62 22.55 -17.22
CA GLY A 144 40.18 23.40 -16.15
C GLY A 144 39.72 23.02 -14.76
N THR A 145 38.91 21.97 -14.60
CA THR A 145 38.26 21.65 -13.30
C THR A 145 39.25 20.95 -12.37
N THR A 146 39.20 21.34 -11.10
CA THR A 146 40.11 20.84 -10.02
C THR A 146 39.32 20.82 -8.70
N TRP A 147 39.88 20.23 -7.64
CA TRP A 147 39.11 19.99 -6.39
C TRP A 147 40.06 19.65 -5.24
N GLY A 148 39.49 19.50 -4.04
CA GLY A 148 40.22 19.27 -2.79
C GLY A 148 40.47 17.79 -2.52
N LEU A 149 40.90 17.51 -1.29
CA LEU A 149 41.48 16.24 -0.79
C LEU A 149 40.36 15.19 -0.74
N GLY A 150 40.71 13.91 -0.90
CA GLY A 150 39.73 12.84 -0.65
C GLY A 150 39.57 11.94 -1.85
N GLY A 151 40.01 12.38 -3.02
CA GLY A 151 40.17 11.53 -4.21
C GLY A 151 38.93 11.53 -5.07
N THR A 152 38.85 10.58 -6.00
CA THR A 152 37.76 10.48 -6.98
C THR A 152 36.42 10.34 -6.28
N CYS A 153 36.34 9.50 -5.28
CA CYS A 153 35.03 9.09 -4.73
C CYS A 153 34.37 10.33 -4.11
N VAL A 154 35.11 11.04 -3.27
CA VAL A 154 34.67 12.24 -2.54
C VAL A 154 34.29 13.36 -3.52
N ASN A 155 35.12 13.63 -4.52
CA ASN A 155 35.05 14.89 -5.31
C ASN A 155 34.29 14.65 -6.62
N VAL A 156 34.55 13.56 -7.35
CA VAL A 156 34.03 13.43 -8.73
C VAL A 156 33.54 12.01 -9.00
N GLY A 157 33.00 11.33 -7.99
CA GLY A 157 32.66 9.90 -8.09
C GLY A 157 31.49 9.52 -7.23
N CYS A 158 31.63 8.49 -6.39
CA CYS A 158 30.50 7.81 -5.69
C CYS A 158 29.59 8.85 -5.00
N ILE A 159 30.18 9.73 -4.20
CA ILE A 159 29.45 10.70 -3.32
C ILE A 159 28.60 11.63 -4.19
N PRO A 160 29.17 12.48 -5.07
CA PRO A 160 28.31 13.37 -5.85
C PRO A 160 27.31 12.60 -6.71
N LYS A 161 27.73 11.48 -7.28
CA LYS A 161 26.90 10.63 -8.18
C LYS A 161 25.65 10.17 -7.39
N LYS A 162 25.86 9.70 -6.16
CA LYS A 162 24.74 9.08 -5.40
C LYS A 162 23.76 10.19 -5.01
N LEU A 163 24.26 11.38 -4.74
CA LEU A 163 23.45 12.55 -4.32
C LEU A 163 22.57 13.00 -5.48
N MET A 164 23.11 12.97 -6.70
CA MET A 164 22.32 13.36 -7.90
C MET A 164 21.34 12.23 -8.28
N HIS A 165 21.80 10.98 -8.15
CA HIS A 165 20.88 9.82 -8.21
C HIS A 165 19.70 10.02 -7.23
N GLN A 166 19.98 10.42 -5.98
CA GLN A 166 18.90 10.64 -4.99
C GLN A 166 18.03 11.83 -5.45
N ALA A 167 18.63 12.91 -5.97
CA ALA A 167 17.83 14.00 -6.59
C ALA A 167 16.85 13.37 -7.58
N ALA A 168 17.32 12.44 -8.42
CA ALA A 168 16.45 11.78 -9.42
C ALA A 168 15.36 10.96 -8.72
N LEU A 169 15.74 10.05 -7.82
CA LEU A 169 14.72 9.24 -7.08
C LEU A 169 13.65 10.16 -6.45
N LEU A 170 14.07 11.23 -5.78
CA LEU A 170 13.13 12.17 -5.10
C LEU A 170 12.13 12.75 -6.10
N GLY A 171 12.53 12.88 -7.37
CA GLY A 171 11.59 13.26 -8.44
C GLY A 171 10.47 12.25 -8.60
N GLU A 172 10.80 10.96 -8.57
CA GLU A 172 9.79 9.89 -8.74
C GLU A 172 8.99 9.82 -7.45
N TYR A 173 9.62 10.12 -6.29
CA TYR A 173 8.94 10.05 -4.97
C TYR A 173 7.84 11.10 -4.87
N ILE A 174 8.04 12.29 -5.48
CA ILE A 174 6.99 13.35 -5.52
C ILE A 174 5.72 12.77 -6.17
N GLU A 175 5.85 11.98 -7.23
CA GLU A 175 4.68 11.44 -7.96
C GLU A 175 3.98 10.40 -7.10
N ASP A 176 4.73 9.57 -6.40
CA ASP A 176 4.20 8.57 -5.43
C ASP A 176 3.41 9.28 -4.34
N ALA A 177 4.00 10.37 -3.82
CA ALA A 177 3.38 11.20 -2.75
C ALA A 177 1.93 11.55 -3.13
N LYS A 178 1.67 11.90 -4.40
CA LYS A 178 0.31 12.29 -4.87
C LYS A 178 -0.60 11.07 -4.78
N LYS A 179 -0.10 9.89 -5.15
CA LYS A 179 -0.89 8.65 -5.23
C LYS A 179 -1.13 8.13 -3.81
N PHE A 180 -0.29 8.47 -2.82
CA PHE A 180 -0.57 8.08 -1.41
C PHE A 180 -1.44 9.15 -0.71
N GLY A 181 -1.76 10.25 -1.40
CA GLY A 181 -2.76 11.24 -0.97
C GLY A 181 -2.17 12.59 -0.55
N TRP A 182 -0.89 12.83 -0.74
CA TRP A 182 -0.33 14.16 -0.42
C TRP A 182 -0.85 15.15 -1.47
N GLU A 183 -1.48 16.25 -1.05
CA GLU A 183 -2.06 17.26 -1.98
C GLU A 183 -0.94 18.23 -2.34
N ILE A 184 -0.18 17.88 -3.38
CA ILE A 184 0.90 18.70 -3.98
C ILE A 184 0.24 19.64 -4.98
N PRO A 185 0.36 20.99 -4.85
CA PRO A 185 -0.17 21.90 -5.86
C PRO A 185 0.17 21.41 -7.28
N GLU A 186 -0.78 21.61 -8.22
CA GLU A 186 -0.79 20.94 -9.55
C GLU A 186 0.11 21.74 -10.48
N GLY A 187 0.62 21.09 -11.53
CA GLY A 187 1.52 21.70 -12.53
C GLY A 187 2.95 21.23 -12.38
N ALA A 188 3.72 21.44 -13.45
CA ALA A 188 5.10 20.95 -13.65
C ALA A 188 5.96 21.41 -12.48
N ILE A 189 6.86 20.53 -12.03
CA ILE A 189 7.85 20.84 -10.96
C ILE A 189 9.24 20.63 -11.55
N LYS A 190 10.07 21.68 -11.57
CA LYS A 190 11.39 21.70 -12.26
C LYS A 190 12.46 21.45 -11.20
N LEU A 191 13.55 20.78 -11.57
CA LEU A 191 14.78 20.66 -10.74
C LEU A 191 15.72 21.83 -11.11
N ASN A 192 16.05 22.69 -10.16
CA ASN A 192 17.04 23.78 -10.30
C ASN A 192 18.45 23.19 -10.15
N TRP A 193 19.18 23.08 -11.25
CA TRP A 193 20.53 22.49 -11.30
C TRP A 193 21.47 23.19 -10.33
N HIS A 194 21.43 24.52 -10.28
CA HIS A 194 22.34 25.34 -9.43
C HIS A 194 22.18 24.95 -7.95
N GLN A 195 20.94 24.76 -7.47
CA GLN A 195 20.67 24.37 -6.05
C GLN A 195 21.26 22.97 -5.78
N LEU A 196 21.03 22.02 -6.68
CA LEU A 196 21.55 20.62 -6.58
C LEU A 196 23.08 20.66 -6.53
N LYS A 197 23.68 21.29 -7.54
CA LYS A 197 25.16 21.36 -7.67
C LYS A 197 25.71 22.05 -6.43
N ASN A 198 25.09 23.14 -5.97
CA ASN A 198 25.59 23.84 -4.75
C ASN A 198 25.46 22.93 -3.53
N ALA A 199 24.36 22.17 -3.43
CA ALA A 199 24.10 21.34 -2.24
C ALA A 199 25.18 20.24 -2.20
N VAL A 200 25.43 19.63 -3.35
CA VAL A 200 26.47 18.58 -3.54
C VAL A 200 27.87 19.15 -3.25
N GLN A 201 28.21 20.29 -3.83
CA GLN A 201 29.55 20.92 -3.64
C GLN A 201 29.72 21.36 -2.18
N ASN A 202 28.65 21.81 -1.51
CA ASN A 202 28.75 22.17 -0.08
C ASN A 202 29.14 20.90 0.69
N HIS A 203 28.47 19.77 0.44
CA HIS A 203 28.79 18.48 1.10
C HIS A 203 30.24 18.11 0.79
N ILE A 204 30.61 18.10 -0.48
CA ILE A 204 32.00 17.74 -0.86
C ILE A 204 32.97 18.62 -0.04
N ALA A 205 32.75 19.93 -0.04
CA ALA A 205 33.59 20.89 0.73
C ALA A 205 33.75 20.40 2.16
N SER A 206 32.70 19.87 2.80
CA SER A 206 32.74 19.43 4.22
C SER A 206 33.67 18.23 4.33
N LEU A 207 33.63 17.30 3.36
CA LEU A 207 34.52 16.12 3.30
C LEU A 207 35.98 16.56 3.05
N ASN A 208 36.23 17.37 2.02
CA ASN A 208 37.57 17.96 1.76
C ASN A 208 38.17 18.36 3.10
N TRP A 209 37.41 19.15 3.85
CA TRP A 209 37.88 19.81 5.09
C TRP A 209 38.01 18.75 6.19
N GLY A 210 37.04 17.85 6.30
CA GLY A 210 37.07 16.75 7.28
C GLY A 210 38.32 15.90 7.13
N TYR A 211 38.71 15.54 5.91
CA TYR A 211 39.92 14.71 5.66
C TYR A 211 41.18 15.52 6.00
N ARG A 212 41.22 16.77 5.55
CA ARG A 212 42.38 17.66 5.80
C ARG A 212 42.59 17.85 7.30
N VAL A 213 41.50 17.97 8.06
CA VAL A 213 41.56 18.11 9.55
C VAL A 213 41.97 16.77 10.15
N GLN A 214 41.23 15.73 9.78
CA GLN A 214 41.52 14.32 10.19
C GLN A 214 43.02 14.06 10.05
N LEU A 215 43.67 14.50 8.97
CA LEU A 215 45.14 14.22 8.79
C LEU A 215 45.96 14.97 9.84
N LYS A 216 45.60 16.22 10.15
CA LYS A 216 46.32 17.08 11.13
C LYS A 216 46.14 16.50 12.52
N GLU A 217 44.89 16.25 12.93
CA GLU A 217 44.52 15.65 14.24
C GLU A 217 45.35 14.38 14.54
N LYS A 218 45.76 13.63 13.52
CA LYS A 218 46.47 12.34 13.69
C LYS A 218 47.98 12.48 13.40
N SER A 219 48.49 13.71 13.21
CA SER A 219 49.93 13.98 12.89
C SER A 219 50.37 13.31 11.58
N VAL A 220 49.50 13.15 10.58
CA VAL A 220 49.96 12.79 9.21
C VAL A 220 50.43 14.08 8.53
N THR A 221 51.65 14.12 7.99
CA THR A 221 52.15 15.25 7.16
C THR A 221 51.44 15.21 5.80
N TYR A 222 50.51 16.15 5.57
CA TYR A 222 49.83 16.35 4.25
C TYR A 222 50.65 17.36 3.44
N MET A 223 50.94 17.04 2.18
CA MET A 223 51.59 17.96 1.21
C MET A 223 50.74 17.97 -0.06
N ASN A 224 50.16 19.13 -0.40
CA ASN A 224 49.36 19.32 -1.64
C ASN A 224 50.35 19.49 -2.78
N SER A 225 51.10 18.42 -3.09
CA SER A 225 52.19 18.42 -4.10
C SER A 225 52.11 17.15 -4.94
N TYR A 226 52.42 17.25 -6.24
CA TYR A 226 52.47 16.11 -7.19
C TYR A 226 53.85 15.46 -7.10
N ALA A 227 53.88 14.14 -6.86
CA ALA A 227 55.09 13.37 -6.47
C ALA A 227 55.63 12.60 -7.67
N THR A 228 56.95 12.49 -7.77
CA THR A 228 57.67 11.68 -8.79
C THR A 228 58.89 11.04 -8.12
N PHE A 229 59.26 9.80 -8.45
CA PHE A 229 60.50 9.19 -7.92
C PHE A 229 61.69 9.82 -8.64
N THR A 230 62.64 10.37 -7.88
CA THR A 230 63.95 10.86 -8.37
C THR A 230 65.10 10.10 -7.71
N GLY A 231 64.84 9.26 -6.69
CA GLY A 231 65.84 8.30 -6.18
C GLY A 231 65.21 6.98 -5.78
N SER A 232 66.05 5.97 -5.52
CA SER A 232 65.68 4.63 -4.97
C SER A 232 64.72 4.80 -3.80
N HIS A 233 64.99 5.78 -2.95
CA HIS A 233 64.20 6.08 -1.73
C HIS A 233 63.91 7.59 -1.66
N GLU A 234 63.65 8.22 -2.82
CA GLU A 234 63.43 9.69 -2.90
C GLU A 234 62.35 10.06 -3.93
N LEU A 235 61.31 10.74 -3.42
CA LEU A 235 60.27 11.46 -4.21
C LEU A 235 60.64 12.94 -4.28
N SER A 236 60.54 13.53 -5.48
CA SER A 236 60.49 14.99 -5.73
C SER A 236 59.03 15.38 -5.95
N VAL A 237 58.58 16.37 -5.19
CA VAL A 237 57.12 16.73 -5.11
C VAL A 237 56.98 18.22 -5.44
N LYS A 238 56.05 18.55 -6.34
CA LYS A 238 55.87 19.91 -6.89
C LYS A 238 54.50 20.45 -6.46
N ASN A 239 54.47 21.58 -5.77
CA ASN A 239 53.21 22.19 -5.27
C ASN A 239 52.60 23.09 -6.36
N LYS A 240 51.42 23.67 -6.11
CA LYS A 240 50.64 24.51 -7.07
C LYS A 240 51.54 25.61 -7.63
N LYS A 241 52.18 26.40 -6.75
CA LYS A 241 53.00 27.60 -7.10
C LYS A 241 54.25 27.23 -7.91
N GLY A 242 54.67 25.96 -7.94
CA GLY A 242 55.79 25.46 -8.76
C GLY A 242 57.01 25.06 -7.93
N LYS A 243 56.96 25.27 -6.62
CA LYS A 243 57.96 24.84 -5.60
C LYS A 243 58.12 23.32 -5.67
N VAL A 244 59.37 22.85 -5.74
CA VAL A 244 59.80 21.43 -5.74
C VAL A 244 60.50 21.14 -4.41
N GLU A 245 59.97 20.20 -3.62
CA GLU A 245 60.60 19.71 -2.37
C GLU A 245 61.01 18.24 -2.56
N LYS A 246 61.93 17.76 -1.72
CA LYS A 246 62.36 16.34 -1.67
C LYS A 246 61.84 15.64 -0.42
N VAL A 247 61.32 14.43 -0.61
CA VAL A 247 60.75 13.56 0.46
C VAL A 247 61.42 12.20 0.35
N THR A 248 62.05 11.73 1.43
CA THR A 248 62.64 10.36 1.52
C THR A 248 61.78 9.50 2.45
N ALA A 249 61.76 8.18 2.21
CA ALA A 249 61.03 7.20 3.05
C ALA A 249 61.63 5.80 2.90
N ASP A 250 61.46 4.98 3.95
CA ASP A 250 61.92 3.57 4.02
C ASP A 250 60.98 2.70 3.17
N ARG A 251 59.76 3.19 2.93
CA ARG A 251 58.72 2.47 2.15
C ARG A 251 57.84 3.47 1.42
N PHE A 252 57.27 3.06 0.28
CA PHE A 252 56.33 3.88 -0.52
C PHE A 252 55.06 3.09 -0.81
N LEU A 253 53.92 3.81 -0.77
CA LEU A 253 52.60 3.27 -1.20
C LEU A 253 52.04 4.17 -2.32
N ILE A 254 51.82 3.61 -3.52
CA ILE A 254 51.21 4.32 -4.69
C ILE A 254 49.70 4.02 -4.71
N ALA A 255 48.88 5.04 -4.53
CA ALA A 255 47.41 5.00 -4.40
C ALA A 255 46.85 6.20 -5.15
N VAL A 256 47.30 6.31 -6.39
CA VAL A 256 47.27 7.46 -7.33
C VAL A 256 46.01 7.42 -8.23
N GLY A 257 45.33 6.29 -8.31
CA GLY A 257 44.03 6.19 -9.01
C GLY A 257 44.15 6.37 -10.51
N LEU A 258 43.03 6.74 -11.13
CA LEU A 258 42.83 6.85 -12.60
C LEU A 258 42.22 8.21 -12.93
N ARG A 259 42.12 8.52 -14.20
CA ARG A 259 41.41 9.72 -14.71
C ARG A 259 40.64 9.29 -15.94
N PRO A 260 39.61 10.07 -16.34
CA PRO A 260 38.72 9.65 -17.42
C PRO A 260 39.47 9.50 -18.75
N ARG A 261 39.16 8.43 -19.48
CA ARG A 261 39.74 8.14 -20.81
C ARG A 261 39.07 9.02 -21.86
N PHE A 262 39.85 9.62 -22.75
CA PHE A 262 39.33 10.33 -23.95
C PHE A 262 39.80 9.56 -25.17
N PRO A 263 38.96 9.40 -26.22
CA PRO A 263 39.36 8.69 -27.42
C PRO A 263 40.10 9.63 -28.36
N ASP A 264 40.86 9.04 -29.29
CA ASP A 264 41.59 9.76 -30.37
C ASP A 264 40.57 10.15 -31.43
N VAL A 265 39.69 11.11 -31.13
CA VAL A 265 38.61 11.57 -32.06
C VAL A 265 38.65 13.10 -32.11
N PRO A 266 38.60 13.72 -33.31
CA PRO A 266 38.58 15.18 -33.45
C PRO A 266 37.45 15.84 -32.66
N GLY A 267 37.85 16.76 -31.77
CA GLY A 267 36.97 17.56 -30.89
C GLY A 267 36.79 16.96 -29.50
N ALA A 268 36.95 15.64 -29.33
CA ALA A 268 36.60 14.94 -28.07
C ALA A 268 36.97 15.80 -26.84
N LEU A 269 38.25 16.16 -26.76
CA LEU A 269 38.89 16.84 -25.60
C LEU A 269 38.40 18.28 -25.51
N GLU A 270 38.13 18.93 -26.65
CA GLU A 270 37.70 20.35 -26.69
C GLU A 270 36.23 20.43 -26.28
N CYS A 271 35.42 19.43 -26.62
CA CYS A 271 33.93 19.52 -26.66
C CYS A 271 33.27 18.71 -25.55
N CYS A 272 33.88 17.61 -25.11
CA CYS A 272 33.21 16.66 -24.20
C CYS A 272 33.69 16.89 -22.76
N ILE A 273 32.75 17.12 -21.85
CA ILE A 273 33.05 17.10 -20.40
C ILE A 273 33.29 15.64 -20.03
N SER A 274 33.92 15.42 -18.87
CA SER A 274 33.94 14.11 -18.17
C SER A 274 33.24 14.23 -16.82
N SER A 275 33.10 13.11 -16.12
CA SER A 275 32.61 13.02 -14.73
C SER A 275 33.43 13.98 -13.84
N ASP A 276 34.68 14.31 -14.21
CA ASP A 276 35.56 15.25 -13.45
C ASP A 276 34.90 16.64 -13.45
N ASP A 277 34.12 16.95 -14.49
CA ASP A 277 33.52 18.30 -14.69
C ASP A 277 32.04 18.27 -14.28
N LEU A 278 31.35 17.11 -14.42
CA LEU A 278 29.87 17.10 -14.43
C LEU A 278 29.32 17.62 -13.10
N PHE A 279 29.96 17.30 -11.98
CA PHE A 279 29.41 17.50 -10.61
C PHE A 279 29.64 18.93 -10.10
N SER A 280 30.40 19.76 -10.80
CA SER A 280 30.63 21.19 -10.45
C SER A 280 30.23 22.10 -11.61
N LEU A 281 29.43 21.61 -12.57
CA LEU A 281 29.04 22.39 -13.76
C LEU A 281 28.29 23.63 -13.30
N PRO A 282 28.67 24.84 -13.77
CA PRO A 282 27.95 26.06 -13.42
C PRO A 282 26.70 26.30 -14.29
N TYR A 283 26.21 25.25 -14.96
CA TYR A 283 25.03 25.31 -15.87
C TYR A 283 24.32 23.97 -15.86
N ASN A 284 23.01 23.99 -16.06
CA ASN A 284 22.20 22.80 -16.39
C ASN A 284 22.73 22.25 -17.71
N PRO A 285 23.16 20.97 -17.75
CA PRO A 285 23.76 20.40 -18.96
C PRO A 285 22.82 20.33 -20.17
N GLY A 286 21.50 20.45 -19.95
CA GLY A 286 20.50 20.48 -21.04
C GLY A 286 20.46 19.17 -21.80
N LYS A 287 20.15 19.21 -23.10
CA LYS A 287 20.14 18.01 -23.99
C LYS A 287 21.53 17.35 -23.98
N THR A 288 21.64 16.14 -23.43
CA THR A 288 22.94 15.50 -23.10
C THR A 288 23.16 14.22 -23.93
N LEU A 289 24.39 14.10 -24.45
CA LEU A 289 24.88 12.85 -25.07
C LEU A 289 25.88 12.23 -24.11
N CYS A 290 25.62 11.03 -23.62
CA CYS A 290 26.55 10.19 -22.81
C CYS A 290 27.20 9.19 -23.76
N VAL A 291 28.52 9.33 -23.96
CA VAL A 291 29.30 8.43 -24.86
C VAL A 291 29.95 7.35 -24.00
N GLY A 292 29.60 6.09 -24.26
CA GLY A 292 30.20 4.94 -23.54
C GLY A 292 29.18 4.08 -22.82
N ALA A 293 29.60 2.86 -22.49
CA ALA A 293 28.77 1.75 -22.00
C ALA A 293 29.13 1.42 -20.55
N SER A 294 30.08 2.16 -19.97
CA SER A 294 30.52 1.97 -18.58
C SER A 294 29.39 2.33 -17.60
N TYR A 295 29.46 1.81 -16.38
CA TYR A 295 28.43 2.10 -15.35
C TYR A 295 28.35 3.61 -15.16
N VAL A 296 29.48 4.32 -15.28
CA VAL A 296 29.53 5.80 -15.16
C VAL A 296 28.58 6.41 -16.21
N SER A 297 28.63 5.93 -17.44
CA SER A 297 27.84 6.52 -18.55
C SER A 297 26.36 6.37 -18.20
N LEU A 298 25.95 5.15 -17.78
CA LEU A 298 24.53 4.81 -17.53
C LEU A 298 24.02 5.48 -16.25
N GLU A 299 24.83 5.51 -15.20
CA GLU A 299 24.42 6.14 -13.93
C GLU A 299 24.17 7.62 -14.20
N CYS A 300 25.09 8.27 -14.91
CA CYS A 300 25.01 9.71 -15.24
C CYS A 300 23.83 9.93 -16.19
N ALA A 301 23.68 9.10 -17.22
CA ALA A 301 22.52 9.18 -18.15
C ALA A 301 21.24 9.10 -17.34
N GLY A 302 21.19 8.18 -16.37
CA GLY A 302 20.00 7.87 -15.56
C GLY A 302 19.55 9.07 -14.77
N PHE A 303 20.44 9.70 -14.02
CA PHE A 303 20.02 10.78 -13.10
C PHE A 303 19.70 12.03 -13.93
N LEU A 304 20.45 12.29 -15.00
CA LEU A 304 20.20 13.47 -15.88
C LEU A 304 18.78 13.36 -16.45
N LYS A 305 18.33 12.16 -16.81
CA LYS A 305 16.95 11.91 -17.26
C LYS A 305 16.00 12.18 -16.09
N GLY A 306 16.37 11.69 -14.92
CA GLY A 306 15.51 11.78 -13.71
C GLY A 306 15.30 13.23 -13.31
N ILE A 307 16.24 14.12 -13.62
CA ILE A 307 16.06 15.57 -13.34
C ILE A 307 15.49 16.31 -14.57
N GLY A 308 15.12 15.60 -15.65
CA GLY A 308 14.25 16.14 -16.71
C GLY A 308 14.99 16.50 -18.00
N ASN A 309 16.26 16.12 -18.15
CA ASN A 309 17.02 16.35 -19.39
C ASN A 309 16.67 15.31 -20.45
N ASP A 310 16.67 15.75 -21.71
CA ASP A 310 16.74 14.94 -22.95
C ASP A 310 18.10 14.22 -22.96
N VAL A 311 18.12 12.91 -22.78
CA VAL A 311 19.38 12.12 -22.58
C VAL A 311 19.50 11.06 -23.69
N THR A 312 20.64 11.07 -24.39
CA THR A 312 21.00 9.99 -25.35
C THR A 312 22.25 9.28 -24.84
N VAL A 313 22.32 7.97 -25.03
CA VAL A 313 23.50 7.14 -24.69
C VAL A 313 24.00 6.50 -25.97
N MET A 314 25.25 6.73 -26.34
CA MET A 314 25.85 6.14 -27.56
C MET A 314 26.92 5.15 -27.14
N VAL A 315 26.75 3.90 -27.58
CA VAL A 315 27.62 2.76 -27.19
C VAL A 315 28.13 2.06 -28.45
N ARG A 316 29.36 1.52 -28.40
CA ARG A 316 29.98 0.65 -29.44
C ARG A 316 29.07 -0.56 -29.72
N SER A 317 28.88 -1.44 -28.74
CA SER A 317 28.00 -2.64 -28.81
C SER A 317 27.15 -3.00 -27.58
N VAL A 318 27.78 -3.38 -26.46
CA VAL A 318 27.01 -3.87 -25.28
C VAL A 318 27.18 -2.90 -24.13
N LEU A 319 26.17 -2.84 -23.25
CA LEU A 319 26.21 -2.07 -21.98
C LEU A 319 26.95 -2.89 -20.92
N LEU A 320 27.67 -2.23 -20.02
CA LEU A 320 28.19 -2.88 -18.78
C LEU A 320 28.94 -4.18 -19.11
N ARG A 321 29.85 -4.11 -20.08
CA ARG A 321 31.03 -5.00 -20.21
C ARG A 321 31.52 -5.37 -18.81
N GLY A 322 31.60 -6.67 -18.50
CA GLY A 322 32.04 -7.19 -17.20
C GLY A 322 30.87 -7.64 -16.33
N PHE A 323 29.69 -7.04 -16.53
CA PHE A 323 28.47 -7.42 -15.79
C PHE A 323 27.65 -8.42 -16.61
N ASP A 324 26.79 -9.14 -15.89
CA ASP A 324 25.72 -10.04 -16.41
C ASP A 324 24.85 -9.28 -17.46
N GLN A 325 24.92 -9.78 -18.69
CA GLN A 325 24.30 -9.17 -19.91
C GLN A 325 22.77 -9.32 -19.87
N ASP A 326 22.27 -10.36 -19.20
CA ASP A 326 20.82 -10.48 -18.93
C ASP A 326 20.38 -9.25 -18.11
N MET A 327 21.07 -8.97 -17.01
CA MET A 327 20.76 -7.82 -16.15
C MET A 327 20.99 -6.52 -16.95
N ALA A 328 22.10 -6.43 -17.68
CA ALA A 328 22.38 -5.24 -18.54
C ALA A 328 21.24 -4.95 -19.52
N GLU A 329 20.78 -5.97 -20.24
CA GLU A 329 19.61 -5.85 -21.16
C GLU A 329 18.39 -5.35 -20.37
N ARG A 330 18.23 -5.79 -19.12
CA ARG A 330 16.99 -5.46 -18.38
C ARG A 330 17.08 -3.99 -18.01
N ILE A 331 18.27 -3.55 -17.60
CA ILE A 331 18.57 -2.12 -17.31
C ILE A 331 18.27 -1.30 -18.58
N LYS A 332 18.77 -1.77 -19.73
CA LYS A 332 18.49 -1.06 -21.01
C LYS A 332 16.97 -0.94 -21.25
N LYS A 333 16.23 -2.05 -21.17
CA LYS A 333 14.77 -2.01 -21.41
C LYS A 333 14.13 -0.93 -20.51
N HIS A 334 14.44 -0.96 -19.21
CA HIS A 334 13.84 -0.07 -18.18
C HIS A 334 14.18 1.39 -18.48
N MET A 335 15.47 1.68 -18.70
CA MET A 335 15.91 3.07 -18.99
C MET A 335 15.30 3.55 -20.31
N THR A 336 15.08 2.62 -21.25
CA THR A 336 14.36 2.96 -22.52
C THR A 336 12.92 3.35 -22.17
N GLU A 337 12.20 2.52 -21.42
CA GLU A 337 10.84 2.88 -20.94
C GLU A 337 10.86 4.21 -20.17
N ARG A 338 11.92 4.55 -19.45
CA ARG A 338 11.97 5.85 -18.70
C ARG A 338 12.41 7.01 -19.62
N GLY A 339 12.61 6.76 -20.92
CA GLY A 339 12.79 7.82 -21.93
C GLY A 339 14.24 8.05 -22.30
N VAL A 340 15.17 7.20 -21.85
CA VAL A 340 16.59 7.33 -22.29
C VAL A 340 16.66 6.74 -23.71
N LYS A 341 17.44 7.38 -24.57
CA LYS A 341 17.56 6.92 -25.97
C LYS A 341 18.91 6.24 -26.16
N PHE A 342 18.90 4.97 -26.55
CA PHE A 342 20.14 4.20 -26.80
C PHE A 342 20.33 4.06 -28.30
N VAL A 343 21.51 4.44 -28.79
CA VAL A 343 21.87 4.22 -30.22
C VAL A 343 23.24 3.55 -30.25
N GLN A 344 23.41 2.57 -31.13
CA GLN A 344 24.68 1.84 -31.27
C GLN A 344 25.55 2.62 -32.25
N CSO A 345 26.07 3.78 -31.85
CA CSO A 345 26.89 4.56 -32.79
CB CSO A 345 26.07 5.70 -33.33
SG CSO A 345 26.19 6.01 -35.12
C CSO A 345 28.12 5.10 -32.06
O CSO A 345 28.04 5.27 -30.85
OD CSO A 345 25.33 4.91 -36.00
N VAL A 346 29.23 5.31 -32.76
CA VAL A 346 30.44 5.89 -32.12
C VAL A 346 30.77 7.19 -32.87
N PRO A 347 30.67 8.37 -32.24
CA PRO A 347 30.94 9.63 -32.92
C PRO A 347 32.29 9.60 -33.64
N ILE A 348 32.39 10.24 -34.81
CA ILE A 348 33.68 10.33 -35.57
C ILE A 348 34.26 11.74 -35.46
N LYS A 349 33.47 12.72 -35.04
CA LYS A 349 33.91 14.12 -34.83
C LYS A 349 32.93 14.83 -33.92
N TYR A 350 33.46 15.67 -33.02
CA TYR A 350 32.70 16.64 -32.19
C TYR A 350 33.09 18.05 -32.65
N GLU A 351 32.13 18.90 -32.99
CA GLU A 351 32.40 20.30 -33.41
C GLU A 351 31.69 21.25 -32.42
N ARG A 352 32.41 22.15 -31.77
CA ARG A 352 31.81 23.14 -30.84
C ARG A 352 31.10 24.21 -31.66
N LEU A 353 29.78 24.34 -31.52
CA LEU A 353 28.96 25.42 -32.13
C LEU A 353 28.93 26.59 -31.14
N LYS A 354 28.75 26.32 -29.84
CA LYS A 354 28.67 27.39 -28.81
C LYS A 354 29.54 26.99 -27.63
N LYS A 355 30.15 27.98 -26.96
CA LYS A 355 30.83 27.83 -25.65
C LYS A 355 29.79 28.01 -24.55
N PRO A 356 29.86 27.29 -23.41
CA PRO A 356 29.07 27.65 -22.23
C PRO A 356 29.40 29.09 -21.81
N THR A 357 28.37 29.91 -21.54
CA THR A 357 28.55 31.28 -20.98
C THR A 357 27.33 31.63 -20.11
N ASP A 358 27.56 32.48 -19.10
CA ASP A 358 26.54 33.13 -18.25
C ASP A 358 25.60 32.12 -17.57
N SER A 359 26.14 30.99 -17.12
CA SER A 359 25.35 29.90 -16.50
C SER A 359 24.35 29.29 -17.50
N GLU A 360 24.69 29.32 -18.78
CA GLU A 360 24.01 28.52 -19.85
C GLU A 360 25.01 27.53 -20.43
N PRO A 361 24.52 26.35 -20.89
CA PRO A 361 25.39 25.39 -21.55
C PRO A 361 25.72 25.88 -22.96
N GLY A 362 26.84 25.40 -23.49
CA GLY A 362 27.17 25.58 -24.91
C GLY A 362 26.35 24.64 -25.77
N MET A 363 26.86 24.36 -26.97
CA MET A 363 26.24 23.48 -27.99
C MET A 363 27.35 22.85 -28.82
N ILE A 364 27.28 21.52 -28.95
CA ILE A 364 28.20 20.64 -29.72
C ILE A 364 27.39 19.91 -30.80
N ARG A 365 27.91 19.96 -32.03
CA ARG A 365 27.48 19.18 -33.22
C ARG A 365 28.27 17.86 -33.17
N VAL A 366 27.57 16.74 -32.99
CA VAL A 366 28.15 15.36 -32.97
C VAL A 366 27.99 14.72 -34.35
N HIS A 367 29.09 14.32 -35.00
CA HIS A 367 29.11 13.64 -36.33
C HIS A 367 29.12 12.10 -36.20
N THR A 368 28.24 11.44 -36.96
CA THR A 368 28.09 9.96 -36.98
C THR A 368 27.98 9.47 -38.44
N MET A 369 28.47 8.25 -38.70
CA MET A 369 28.25 7.52 -39.99
C MET A 369 27.05 6.61 -39.79
N GLN A 370 25.92 6.91 -40.45
CA GLN A 370 24.71 6.06 -40.43
C GLN A 370 24.49 5.49 -41.82
N GLU A 371 24.10 4.22 -41.95
CA GLU A 371 23.83 3.63 -43.29
C GLU A 371 22.31 3.76 -43.54
N ASP A 372 21.95 4.07 -44.78
CA ASP A 372 20.56 4.13 -45.29
C ASP A 372 20.46 3.15 -46.47
N GLU A 373 19.26 3.04 -47.05
CA GLU A 373 18.95 2.03 -48.07
C GLU A 373 19.95 2.14 -49.24
N ASP A 374 20.80 3.17 -49.30
CA ASP A 374 21.75 3.36 -50.43
C ASP A 374 23.20 3.09 -50.03
N GLY A 375 23.55 3.08 -48.74
CA GLY A 375 24.98 3.03 -48.35
C GLY A 375 25.20 3.69 -47.01
N THR A 376 26.32 4.40 -46.81
CA THR A 376 26.67 5.04 -45.51
C THR A 376 26.85 6.55 -45.71
N LYS A 377 26.27 7.34 -44.81
CA LYS A 377 26.21 8.82 -44.87
C LYS A 377 26.63 9.40 -43.53
N GLU A 378 27.40 10.49 -43.59
CA GLU A 378 27.69 11.38 -42.45
C GLU A 378 26.40 12.11 -42.06
N VAL A 379 26.14 12.17 -40.79
CA VAL A 379 24.90 12.69 -40.15
C VAL A 379 25.38 13.47 -38.92
N THR A 380 24.67 14.55 -38.59
CA THR A 380 24.96 15.35 -37.38
C THR A 380 23.72 15.37 -36.49
N GLU A 381 23.95 15.55 -35.20
CA GLU A 381 22.91 15.94 -34.24
C GLU A 381 23.57 16.87 -33.20
N ASP A 382 22.79 17.87 -32.74
CA ASP A 382 23.25 18.93 -31.80
C ASP A 382 22.86 18.57 -30.37
N PHE A 383 23.82 18.69 -29.44
CA PHE A 383 23.60 18.46 -28.00
C PHE A 383 24.16 19.66 -27.22
N ASN A 384 23.53 20.01 -26.10
CA ASN A 384 24.02 21.07 -25.21
C ASN A 384 25.37 20.63 -24.59
N THR A 385 25.46 19.35 -24.22
CA THR A 385 26.56 18.73 -23.44
C THR A 385 26.80 17.28 -23.91
N VAL A 386 28.06 16.91 -24.06
CA VAL A 386 28.53 15.54 -24.31
C VAL A 386 29.44 15.11 -23.16
N LEU A 387 29.03 14.04 -22.47
CA LEU A 387 29.80 13.40 -21.37
C LEU A 387 30.57 12.24 -21.97
N MET A 388 31.90 12.37 -21.97
CA MET A 388 32.82 11.30 -22.43
C MET A 388 33.00 10.34 -21.26
N ALA A 389 32.38 9.17 -21.31
CA ALA A 389 32.37 8.19 -20.20
C ALA A 389 32.65 6.78 -20.72
N ILE A 390 33.76 6.60 -21.45
CA ILE A 390 34.09 5.31 -22.13
C ILE A 390 34.92 4.47 -21.17
N GLY A 391 35.64 5.11 -20.24
CA GLY A 391 36.50 4.44 -19.27
C GLY A 391 37.40 5.34 -18.48
N ARG A 392 38.31 4.74 -17.73
CA ARG A 392 39.22 5.40 -16.78
C ARG A 392 40.61 4.78 -16.92
N ASP A 393 41.65 5.59 -17.06
CA ASP A 393 43.03 5.08 -17.29
C ASP A 393 43.93 5.55 -16.16
N ALA A 394 44.98 4.78 -15.90
CA ALA A 394 46.03 5.13 -14.92
C ALA A 394 46.97 6.11 -15.64
N MET A 395 47.17 7.29 -15.06
CA MET A 395 48.06 8.36 -15.57
C MET A 395 49.40 8.29 -14.81
N THR A 396 50.13 7.20 -14.99
CA THR A 396 51.39 6.91 -14.25
C THR A 396 52.68 7.15 -15.08
N ASP A 397 52.60 7.74 -16.27
CA ASP A 397 53.80 7.97 -17.12
C ASP A 397 54.80 8.90 -16.42
N ASP A 398 54.35 9.84 -15.60
CA ASP A 398 55.27 10.92 -15.07
C ASP A 398 55.66 10.65 -13.62
N LEU A 399 55.50 9.42 -13.14
CA LEU A 399 55.72 9.07 -11.71
C LEU A 399 57.18 8.68 -11.46
N GLY A 400 57.99 8.45 -12.49
CA GLY A 400 59.39 8.03 -12.35
C GLY A 400 59.49 6.60 -11.84
N LEU A 401 58.53 5.75 -12.18
CA LEU A 401 58.55 4.32 -11.76
C LEU A 401 59.72 3.59 -12.43
N ASP A 402 60.21 4.09 -13.58
CA ASP A 402 61.49 3.67 -14.21
C ASP A 402 62.66 3.87 -13.21
N VAL A 403 62.65 4.93 -12.41
CA VAL A 403 63.78 5.27 -11.49
C VAL A 403 63.85 4.22 -10.38
N VAL A 404 62.72 3.85 -9.77
CA VAL A 404 62.69 2.84 -8.67
C VAL A 404 62.50 1.44 -9.25
N GLY A 405 62.28 1.30 -10.56
CA GLY A 405 62.17 -0.01 -11.22
C GLY A 405 60.93 -0.71 -10.76
N VAL A 406 59.81 0.04 -10.74
CA VAL A 406 58.43 -0.46 -10.47
C VAL A 406 57.79 -0.74 -11.83
N ASN A 407 57.72 -2.03 -12.17
CA ASN A 407 57.10 -2.56 -13.40
C ASN A 407 55.62 -2.17 -13.44
N ARG A 408 55.21 -1.71 -14.62
CA ARG A 408 53.81 -1.39 -15.00
C ARG A 408 53.32 -2.30 -16.11
N ALA A 409 52.02 -2.49 -16.21
CA ALA A 409 51.34 -3.21 -17.31
C ALA A 409 51.12 -2.23 -18.46
N LYS A 410 50.74 -2.75 -19.62
CA LYS A 410 50.43 -1.97 -20.84
C LYS A 410 49.58 -0.74 -20.45
N SER A 411 48.61 -0.94 -19.57
CA SER A 411 47.57 0.05 -19.18
C SER A 411 48.11 1.12 -18.23
N GLY A 412 49.32 0.97 -17.68
CA GLY A 412 49.89 1.99 -16.79
C GLY A 412 49.69 1.63 -15.33
N LYS A 413 48.99 0.53 -15.06
CA LYS A 413 48.77 0.03 -13.69
C LYS A 413 50.03 -0.67 -13.19
N ILE A 414 50.25 -0.62 -11.88
CA ILE A 414 51.44 -1.23 -11.25
C ILE A 414 51.18 -2.73 -11.06
N ILE A 415 52.18 -3.56 -11.39
CA ILE A 415 52.07 -5.04 -11.30
C ILE A 415 52.49 -5.48 -9.90
N GLY A 416 51.57 -6.15 -9.23
CA GLY A 416 51.68 -6.56 -7.82
C GLY A 416 52.05 -8.01 -7.70
N ARG A 417 52.80 -8.29 -6.64
CA ARG A 417 52.98 -9.54 -5.88
C ARG A 417 52.09 -9.33 -4.64
N ARG A 418 50.82 -9.65 -4.78
CA ARG A 418 49.75 -9.02 -3.98
C ARG A 418 49.87 -7.51 -4.20
N GLU A 419 50.06 -6.73 -3.14
CA GLU A 419 50.15 -5.25 -3.18
C GLU A 419 51.61 -4.79 -3.27
N GLN A 420 52.60 -5.67 -3.06
CA GLN A 420 54.03 -5.32 -3.19
C GLN A 420 54.32 -5.15 -4.70
N SER A 421 55.05 -4.12 -5.15
CA SER A 421 55.51 -4.08 -6.55
C SER A 421 56.20 -5.42 -6.83
N VAL A 422 55.85 -6.09 -7.94
CA VAL A 422 56.45 -7.41 -8.30
C VAL A 422 57.97 -7.27 -8.38
N SER A 423 58.50 -6.07 -8.63
CA SER A 423 59.90 -5.85 -9.04
C SER A 423 60.67 -5.00 -8.01
N CYS A 424 60.04 -4.54 -6.92
CA CYS A 424 60.68 -3.62 -5.94
C CYS A 424 60.04 -3.82 -4.56
N PRO A 425 60.78 -4.37 -3.58
CA PRO A 425 60.16 -4.87 -2.35
C PRO A 425 59.67 -3.84 -1.29
N TYR A 426 59.97 -2.55 -1.43
CA TYR A 426 59.60 -1.50 -0.44
C TYR A 426 58.62 -0.50 -1.06
N VAL A 427 58.21 -0.78 -2.29
CA VAL A 427 57.12 -0.03 -2.99
C VAL A 427 55.90 -0.93 -3.05
N TYR A 428 54.76 -0.42 -2.63
CA TYR A 428 53.45 -1.12 -2.65
C TYR A 428 52.46 -0.25 -3.44
N ALA A 429 51.44 -0.88 -3.98
CA ALA A 429 50.29 -0.23 -4.67
C ALA A 429 48.98 -0.86 -4.21
N ILE A 430 47.96 -0.03 -4.06
CA ILE A 430 46.56 -0.39 -3.75
C ILE A 430 45.62 0.47 -4.58
N GLY A 431 44.36 0.05 -4.60
CA GLY A 431 43.30 0.83 -5.25
C GLY A 431 43.33 0.61 -6.73
N ASP A 432 42.74 1.52 -7.47
CA ASP A 432 42.48 1.40 -8.92
C ASP A 432 43.82 1.18 -9.64
N VAL A 433 44.95 1.66 -9.13
CA VAL A 433 46.20 1.64 -9.93
C VAL A 433 46.90 0.26 -9.78
N LEU A 434 46.46 -0.61 -8.85
CA LEU A 434 47.03 -1.97 -8.72
C LEU A 434 46.43 -2.86 -9.82
N TYR A 435 47.27 -3.45 -10.67
CA TYR A 435 46.81 -4.25 -11.82
C TYR A 435 45.89 -5.35 -11.25
N GLY A 436 44.69 -5.53 -11.79
CA GLY A 436 43.76 -6.59 -11.37
C GLY A 436 42.87 -6.22 -10.18
N SER A 437 43.07 -5.07 -9.50
CA SER A 437 42.28 -4.69 -8.31
C SER A 437 40.93 -4.19 -8.82
N PRO A 438 39.81 -4.70 -8.30
CA PRO A 438 38.51 -4.15 -8.70
C PRO A 438 38.53 -2.66 -8.35
N GLU A 439 38.01 -1.83 -9.25
CA GLU A 439 38.07 -0.34 -9.07
C GLU A 439 36.91 0.14 -8.20
N LEU A 440 36.94 -0.12 -6.89
CA LEU A 440 35.89 0.31 -5.92
C LEU A 440 36.52 0.94 -4.67
N THR A 441 35.84 1.92 -4.09
CA THR A 441 36.31 2.68 -2.90
C THR A 441 36.60 1.71 -1.76
N PRO A 442 35.65 0.85 -1.36
CA PRO A 442 35.82 -0.03 -0.19
C PRO A 442 36.95 -1.06 -0.33
N VAL A 443 37.27 -1.42 -1.56
CA VAL A 443 38.47 -2.25 -1.90
C VAL A 443 39.74 -1.43 -1.64
N ALA A 444 39.78 -0.21 -2.18
CA ALA A 444 40.92 0.69 -1.95
C ALA A 444 41.08 0.83 -0.43
N ILE A 445 39.97 1.04 0.27
CA ILE A 445 40.01 1.27 1.74
C ILE A 445 40.51 0.01 2.45
N GLN A 446 39.98 -1.17 2.12
CA GLN A 446 40.36 -2.42 2.84
C GLN A 446 41.82 -2.77 2.52
N ALA A 447 42.24 -2.68 1.26
CA ALA A 447 43.61 -2.99 0.84
C ALA A 447 44.60 -2.13 1.65
N GLY A 448 44.33 -0.82 1.72
CA GLY A 448 45.16 0.10 2.50
C GLY A 448 45.25 -0.34 3.95
N LYS A 449 44.12 -0.50 4.62
CA LYS A 449 44.08 -0.81 6.08
C LYS A 449 44.78 -2.15 6.34
N VAL A 450 44.49 -3.17 5.52
CA VAL A 450 45.07 -4.53 5.73
C VAL A 450 46.58 -4.49 5.48
N LEU A 451 47.01 -3.89 4.37
CA LEU A 451 48.46 -3.82 4.05
C LEU A 451 49.20 -3.23 5.26
N MET A 452 48.68 -2.14 5.80
CA MET A 452 49.37 -1.42 6.90
C MET A 452 49.49 -2.36 8.12
N ARG A 453 48.56 -3.30 8.30
CA ARG A 453 48.64 -4.20 9.48
C ARG A 453 49.69 -5.30 9.20
N ARG A 454 49.70 -5.79 7.97
CA ARG A 454 50.77 -6.71 7.50
C ARG A 454 52.15 -6.05 7.75
N LEU A 455 52.40 -4.89 7.14
CA LEU A 455 53.75 -4.25 7.17
C LEU A 455 54.21 -3.92 8.60
N PHE A 456 53.33 -3.42 9.48
CA PHE A 456 53.75 -2.83 10.78
C PHE A 456 53.34 -3.70 11.98
N THR A 457 52.65 -4.81 11.75
CA THR A 457 52.30 -5.78 12.82
C THR A 457 52.80 -7.19 12.47
N GLY A 458 53.09 -7.47 11.20
CA GLY A 458 53.48 -8.81 10.73
C GLY A 458 52.39 -9.85 10.93
N SER A 459 51.19 -9.52 10.45
CA SER A 459 50.03 -10.45 10.38
C SER A 459 49.93 -11.01 8.95
N SER A 460 49.20 -12.10 8.78
CA SER A 460 49.06 -12.83 7.51
C SER A 460 47.73 -12.42 6.85
N GLU A 461 47.04 -11.40 7.39
CA GLU A 461 45.72 -10.95 6.93
C GLU A 461 45.82 -10.49 5.47
N LEU A 462 45.01 -11.10 4.58
CA LEU A 462 44.91 -10.74 3.16
C LEU A 462 43.57 -10.06 2.92
N THR A 463 43.56 -9.07 2.05
CA THR A 463 42.34 -8.53 1.44
C THR A 463 41.71 -9.62 0.59
N GLU A 464 40.40 -9.80 0.67
CA GLU A 464 39.66 -10.79 -0.15
C GLU A 464 39.09 -10.05 -1.35
N TYR A 465 39.62 -10.33 -2.53
CA TYR A 465 39.36 -9.64 -3.82
C TYR A 465 38.31 -10.43 -4.63
N ASP A 466 37.85 -11.59 -4.16
CA ASP A 466 36.81 -12.40 -4.87
C ASP A 466 35.44 -12.12 -4.25
N LYS A 467 34.37 -12.34 -5.01
CA LYS A 467 32.97 -12.32 -4.50
C LYS A 467 32.65 -10.96 -3.89
N ILE A 468 33.16 -9.89 -4.51
CA ILE A 468 32.94 -8.52 -4.02
C ILE A 468 31.58 -8.06 -4.51
N PRO A 469 30.65 -7.64 -3.62
CA PRO A 469 29.37 -7.12 -4.06
C PRO A 469 29.53 -5.72 -4.65
N THR A 470 28.72 -5.43 -5.66
CA THR A 470 28.55 -4.10 -6.25
C THR A 470 27.07 -3.76 -6.39
N THR A 471 26.85 -2.49 -6.66
CA THR A 471 25.56 -1.90 -7.07
C THR A 471 25.89 -0.86 -8.15
N VAL A 472 25.24 -0.98 -9.28
CA VAL A 472 25.10 0.06 -10.33
C VAL A 472 23.85 0.89 -10.01
N PHE A 473 24.05 2.17 -9.74
CA PHE A 473 22.99 3.11 -9.28
C PHE A 473 22.28 3.72 -10.50
N THR A 474 21.84 2.86 -11.43
CA THR A 474 20.90 3.20 -12.53
C THR A 474 19.56 3.57 -11.92
N PRO A 475 18.63 4.17 -12.68
CA PRO A 475 17.37 4.65 -12.12
C PRO A 475 16.67 3.57 -11.29
N LEU A 476 16.62 2.35 -11.82
CA LEU A 476 16.34 1.11 -11.04
C LEU A 476 17.70 0.45 -10.76
N GLU A 477 18.06 0.34 -9.48
CA GLU A 477 19.41 -0.03 -9.02
C GLU A 477 19.68 -1.52 -9.32
N TYR A 478 20.92 -1.84 -9.67
CA TYR A 478 21.33 -3.23 -9.98
C TYR A 478 22.38 -3.69 -8.98
N GLY A 479 22.02 -4.64 -8.11
CA GLY A 479 22.94 -5.14 -7.09
C GLY A 479 23.41 -6.52 -7.48
N SER A 480 24.69 -6.83 -7.24
CA SER A 480 25.20 -8.17 -7.59
C SER A 480 26.42 -8.55 -6.74
N CYS A 481 26.66 -9.86 -6.72
CA CYS A 481 27.79 -10.51 -6.04
C CYS A 481 28.03 -11.86 -6.72
N GLY A 482 29.26 -12.11 -7.11
CA GLY A 482 29.69 -13.43 -7.61
C GLY A 482 29.50 -13.56 -9.11
N LEU A 483 29.33 -14.77 -9.59
CA LEU A 483 29.38 -15.00 -11.05
C LEU A 483 28.09 -14.47 -11.70
N SER A 484 28.22 -14.00 -12.94
CA SER A 484 27.12 -13.85 -13.90
C SER A 484 26.61 -15.25 -14.26
N GLU A 485 25.39 -15.33 -14.74
CA GLU A 485 24.81 -16.57 -15.33
C GLU A 485 25.79 -17.11 -16.37
N TYR A 486 26.30 -16.24 -17.24
CA TYR A 486 27.17 -16.64 -18.37
C TYR A 486 28.48 -17.22 -17.81
N SER A 487 29.17 -16.54 -16.90
CA SER A 487 30.46 -17.02 -16.34
C SER A 487 30.31 -18.41 -15.71
N ALA A 488 29.21 -18.62 -14.98
CA ALA A 488 28.92 -19.90 -14.29
C ALA A 488 28.70 -21.00 -15.33
N ILE A 489 27.90 -20.71 -16.36
CA ILE A 489 27.61 -21.68 -17.45
C ILE A 489 28.92 -21.98 -18.21
N GLN A 490 29.67 -20.95 -18.62
CA GLN A 490 30.99 -21.09 -19.29
C GLN A 490 31.88 -21.97 -18.41
N LYS A 491 31.95 -21.73 -17.09
CA LYS A 491 32.93 -22.47 -16.25
C LYS A 491 32.47 -23.90 -15.93
N TYR A 492 31.17 -24.16 -15.67
CA TYR A 492 30.72 -25.46 -15.10
C TYR A 492 29.83 -26.29 -16.03
N GLY A 493 29.24 -25.65 -17.06
CA GLY A 493 28.33 -26.29 -18.03
C GLY A 493 26.88 -26.03 -17.68
N LYS A 494 26.05 -25.75 -18.67
CA LYS A 494 24.61 -25.47 -18.43
C LYS A 494 23.98 -26.59 -17.60
N GLU A 495 24.41 -27.82 -17.84
CA GLU A 495 23.83 -29.00 -17.15
C GLU A 495 24.06 -28.92 -15.64
N ASN A 496 25.08 -28.20 -15.16
CA ASN A 496 25.45 -28.18 -13.72
C ASN A 496 25.07 -26.86 -13.05
N ILE A 497 24.27 -26.02 -13.70
CA ILE A 497 23.87 -24.70 -13.14
C ILE A 497 22.36 -24.70 -12.97
N ASN A 498 21.89 -24.38 -11.77
CA ASN A 498 20.48 -24.00 -11.52
C ASN A 498 20.43 -22.48 -11.36
N VAL A 499 19.54 -21.85 -12.11
CA VAL A 499 19.21 -20.42 -11.97
C VAL A 499 17.82 -20.33 -11.38
N TYR A 500 17.72 -19.85 -10.13
CA TYR A 500 16.41 -19.66 -9.46
C TYR A 500 16.07 -18.18 -9.59
N HIS A 501 14.84 -17.84 -9.94
CA HIS A 501 14.51 -16.42 -10.20
C HIS A 501 13.05 -16.10 -9.86
N ASN A 502 12.74 -14.80 -9.79
CA ASN A 502 11.37 -14.33 -9.60
C ASN A 502 11.25 -12.88 -10.05
N VAL A 503 10.02 -12.48 -10.37
CA VAL A 503 9.65 -11.03 -10.42
C VAL A 503 8.94 -10.72 -9.11
N PHE A 504 8.77 -9.44 -8.81
CA PHE A 504 8.16 -8.95 -7.56
C PHE A 504 7.90 -7.47 -7.78
N ILE A 505 6.92 -6.94 -7.08
CA ILE A 505 6.58 -5.51 -7.02
C ILE A 505 6.93 -5.03 -5.62
N PRO A 506 7.93 -4.17 -5.47
CA PRO A 506 8.15 -3.53 -4.17
C PRO A 506 6.80 -2.96 -3.70
N LEU A 507 6.40 -3.32 -2.47
CA LEU A 507 5.11 -2.88 -1.89
C LEU A 507 4.93 -1.36 -2.04
N GLU A 508 6.02 -0.60 -1.95
CA GLU A 508 6.04 0.89 -2.05
C GLU A 508 5.51 1.37 -3.41
N TYR A 509 5.48 0.48 -4.43
CA TYR A 509 5.09 0.84 -5.82
C TYR A 509 3.65 0.38 -6.11
N ALA A 510 3.06 -0.44 -5.23
CA ALA A 510 1.83 -1.25 -5.48
C ALA A 510 0.65 -0.36 -5.86
N VAL A 511 0.59 0.82 -5.28
CA VAL A 511 -0.48 1.84 -5.29
C VAL A 511 -0.18 2.86 -6.38
N THR A 512 1.00 2.79 -7.02
CA THR A 512 1.43 3.74 -8.06
C THR A 512 1.19 3.12 -9.44
N GLU A 513 1.45 3.89 -10.51
CA GLU A 513 1.39 3.39 -11.91
C GLU A 513 2.82 3.36 -12.45
N ARG A 514 3.80 3.22 -11.57
CA ARG A 514 5.24 3.28 -11.93
C ARG A 514 5.58 2.23 -12.99
N LYS A 515 6.58 2.56 -13.82
CA LYS A 515 7.11 1.67 -14.89
C LYS A 515 7.89 0.54 -14.22
N GLU A 516 8.56 0.85 -13.10
CA GLU A 516 9.40 -0.11 -12.33
C GLU A 516 8.61 -1.38 -11.99
N LYS A 517 7.28 -1.29 -11.81
CA LYS A 517 6.40 -2.42 -11.39
C LYS A 517 6.54 -3.64 -12.31
N THR A 518 7.07 -3.49 -13.52
CA THR A 518 7.20 -4.61 -14.48
C THR A 518 8.68 -4.98 -14.68
N HIS A 519 9.63 -4.34 -13.99
CA HIS A 519 11.09 -4.54 -14.28
C HIS A 519 11.87 -5.15 -13.10
N CYS A 520 11.31 -5.20 -11.89
CA CYS A 520 12.02 -5.72 -10.72
C CYS A 520 12.13 -7.24 -10.86
N TYR A 521 13.34 -7.76 -10.74
CA TYR A 521 13.72 -9.16 -11.01
C TYR A 521 14.89 -9.50 -10.08
N CYS A 522 14.95 -10.73 -9.59
CA CYS A 522 16.16 -11.22 -8.88
C CYS A 522 16.48 -12.62 -9.37
N LYS A 523 17.75 -12.98 -9.34
CA LYS A 523 18.11 -14.38 -9.65
C LYS A 523 19.31 -14.79 -8.84
N LEU A 524 19.37 -16.09 -8.64
CA LEU A 524 20.31 -16.80 -7.77
C LEU A 524 20.92 -17.89 -8.62
N ILE A 525 22.24 -17.88 -8.73
CA ILE A 525 22.98 -18.80 -9.65
C ILE A 525 23.72 -19.83 -8.81
N CYS A 526 23.41 -21.10 -9.05
CA CYS A 526 23.70 -22.24 -8.15
C CYS A 526 24.41 -23.36 -8.92
N LEU A 527 25.42 -23.92 -8.26
CA LEU A 527 26.19 -25.10 -8.75
C LEU A 527 25.44 -26.37 -8.36
N LYS A 528 24.66 -26.92 -9.29
CA LYS A 528 23.73 -28.05 -9.06
C LYS A 528 24.45 -29.25 -8.42
N ASN A 529 25.67 -29.56 -8.85
CA ASN A 529 26.43 -30.78 -8.46
CA ASN A 529 26.28 -30.83 -8.36
C ASN A 529 27.09 -30.56 -7.09
N GLU A 530 26.97 -29.38 -6.48
CA GLU A 530 27.49 -29.12 -5.10
C GLU A 530 26.40 -28.51 -4.22
N GLN A 531 25.23 -29.15 -4.22
CA GLN A 531 24.05 -28.90 -3.37
C GLN A 531 23.53 -27.49 -3.59
N ASP A 532 23.56 -27.05 -4.85
CA ASP A 532 23.13 -25.68 -5.24
C ASP A 532 23.94 -24.67 -4.43
N LEU A 533 25.26 -24.88 -4.32
CA LEU A 533 26.23 -23.87 -3.84
C LEU A 533 25.94 -22.56 -4.57
N ILE A 534 25.89 -21.44 -3.85
CA ILE A 534 25.55 -20.15 -4.52
C ILE A 534 26.83 -19.55 -5.07
N LEU A 535 26.86 -19.35 -6.39
CA LEU A 535 28.01 -18.83 -7.18
C LEU A 535 27.85 -17.33 -7.38
N GLY A 536 26.61 -16.86 -7.42
CA GLY A 536 26.29 -15.43 -7.62
C GLY A 536 24.84 -15.14 -7.38
N PHE A 537 24.54 -13.87 -7.09
CA PHE A 537 23.13 -13.42 -7.10
C PHE A 537 23.05 -12.03 -7.73
N HIS A 538 21.87 -11.70 -8.27
CA HIS A 538 21.67 -10.46 -9.07
C HIS A 538 20.28 -9.91 -8.76
N ILE A 539 20.16 -8.60 -8.52
CA ILE A 539 18.80 -8.06 -8.24
C ILE A 539 18.65 -6.68 -8.84
N LEU A 540 17.47 -6.45 -9.42
CA LEU A 540 17.06 -5.18 -10.05
C LEU A 540 15.89 -4.68 -9.21
N THR A 541 16.11 -3.62 -8.43
CA THR A 541 15.17 -3.18 -7.37
C THR A 541 15.60 -1.83 -6.84
N PRO A 542 14.70 -1.04 -6.23
CA PRO A 542 15.11 0.05 -5.37
C PRO A 542 15.95 -0.55 -4.22
N ASN A 543 16.92 0.23 -3.71
CA ASN A 543 17.76 -0.11 -2.51
C ASN A 543 18.59 -1.37 -2.75
N ALA A 544 18.96 -1.66 -4.00
CA ALA A 544 19.78 -2.83 -4.39
C ALA A 544 21.04 -2.90 -3.54
N GLY A 545 21.69 -1.76 -3.35
CA GLY A 545 22.89 -1.68 -2.49
C GLY A 545 22.59 -2.19 -1.10
N GLU A 546 21.47 -1.77 -0.53
CA GLU A 546 21.21 -2.06 0.90
C GLU A 546 20.89 -3.55 1.01
N ILE A 547 20.33 -4.15 -0.02
CA ILE A 547 19.89 -5.56 0.00
C ILE A 547 21.10 -6.44 -0.24
N THR A 548 21.94 -6.07 -1.21
CA THR A 548 23.06 -6.91 -1.69
C THR A 548 24.12 -7.08 -0.60
N GLN A 549 24.34 -6.06 0.23
CA GLN A 549 25.53 -5.97 1.13
C GLN A 549 25.61 -7.20 2.03
N GLY A 550 24.53 -7.48 2.75
CA GLY A 550 24.45 -8.52 3.79
C GLY A 550 24.36 -9.88 3.16
N PHE A 551 23.59 -10.03 2.07
CA PHE A 551 23.50 -11.31 1.34
C PHE A 551 24.88 -11.71 0.81
N ALA A 552 25.74 -10.74 0.49
CA ALA A 552 27.12 -10.99 -0.01
C ALA A 552 27.91 -11.83 1.00
N ILE A 553 27.67 -11.68 2.30
CA ILE A 553 28.42 -12.46 3.31
C ILE A 553 28.08 -13.95 3.14
N ALA A 554 26.97 -14.33 2.50
CA ALA A 554 26.62 -15.76 2.37
C ALA A 554 27.74 -16.44 1.58
N LEU A 555 28.36 -15.74 0.63
CA LEU A 555 29.36 -16.38 -0.28
C LEU A 555 30.67 -16.65 0.49
N LYS A 556 30.95 -15.96 1.61
CA LYS A 556 32.13 -16.20 2.47
C LYS A 556 32.00 -17.53 3.23
N PHE A 557 30.81 -18.13 3.28
CA PHE A 557 30.58 -19.40 4.02
C PHE A 557 30.10 -20.50 3.06
N ASP A 558 30.21 -20.32 1.73
CA ASP A 558 29.81 -21.38 0.78
C ASP A 558 28.35 -21.78 1.03
N ALA A 559 27.53 -20.77 1.31
CA ALA A 559 26.05 -20.85 1.34
C ALA A 559 25.52 -21.64 0.13
N LYS A 560 24.54 -22.48 0.43
CA LYS A 560 23.74 -23.26 -0.54
C LYS A 560 22.37 -22.59 -0.67
N LYS A 561 21.65 -22.91 -1.74
CA LYS A 561 20.20 -22.52 -1.88
C LYS A 561 19.45 -22.83 -0.55
N ALA A 562 19.67 -24.00 0.01
CA ALA A 562 19.03 -24.48 1.27
C ALA A 562 19.25 -23.48 2.42
N ASP A 563 20.35 -22.76 2.42
CA ASP A 563 20.66 -21.74 3.45
C ASP A 563 19.77 -20.51 3.21
N PHE A 564 19.56 -20.15 1.95
CA PHE A 564 18.66 -19.04 1.58
C PHE A 564 17.24 -19.47 1.95
N ASP A 565 16.89 -20.76 1.77
CA ASP A 565 15.51 -21.23 2.01
C ASP A 565 15.21 -21.32 3.52
N ARG A 566 16.19 -21.49 4.40
CA ARG A 566 15.89 -21.69 5.85
C ARG A 566 16.05 -20.34 6.58
N LEU A 567 16.52 -19.32 5.87
CA LEU A 567 16.57 -17.95 6.39
C LEU A 567 15.12 -17.44 6.38
N ILE A 568 14.63 -16.94 7.51
CA ILE A 568 13.26 -16.40 7.62
C ILE A 568 13.26 -14.98 7.11
N GLY A 569 12.31 -14.65 6.23
CA GLY A 569 12.24 -13.29 5.69
C GLY A 569 11.77 -12.28 6.75
N ILE A 570 12.09 -11.04 6.46
CA ILE A 570 11.45 -9.83 7.04
C ILE A 570 10.37 -9.39 6.06
N HIS A 571 9.15 -9.29 6.55
CA HIS A 571 7.98 -8.89 5.75
C HIS A 571 7.50 -7.56 6.28
N PRO A 572 7.13 -6.61 5.39
CA PRO A 572 7.31 -6.73 3.95
C PRO A 572 8.57 -6.02 3.46
N THR A 573 9.42 -6.70 2.68
CA THR A 573 10.67 -6.10 2.11
C THR A 573 10.85 -6.69 0.73
N VAL A 574 11.67 -6.08 -0.12
CA VAL A 574 12.12 -6.75 -1.35
C VAL A 574 13.08 -7.90 -1.00
N ALA A 575 14.02 -7.66 -0.05
CA ALA A 575 15.11 -8.60 0.31
C ALA A 575 14.56 -10.00 0.59
N GLU A 576 13.38 -10.12 1.20
CA GLU A 576 12.88 -11.45 1.61
C GLU A 576 12.65 -12.32 0.37
N ASN A 577 12.57 -11.71 -0.82
CA ASN A 577 12.40 -12.49 -2.07
C ASN A 577 13.54 -13.51 -2.21
N PHE A 578 14.73 -13.27 -1.68
CA PHE A 578 15.85 -14.25 -1.81
C PHE A 578 15.59 -15.49 -0.95
N THR A 579 14.53 -15.48 -0.17
CA THR A 579 14.16 -16.50 0.86
C THR A 579 13.17 -17.54 0.29
N THR A 580 12.46 -17.24 -0.81
CA THR A 580 11.30 -18.04 -1.27
C THR A 580 11.40 -18.28 -2.80
N LEU A 581 12.59 -18.30 -3.38
CA LEU A 581 12.75 -18.66 -4.82
C LEU A 581 12.46 -20.14 -5.04
N THR A 582 11.55 -20.48 -5.95
CA THR A 582 11.23 -21.87 -6.34
C THR A 582 11.37 -22.05 -7.86
N LEU A 583 11.22 -21.07 -8.57
CA LEU A 583 11.21 -21.12 -10.06
C LEU A 583 12.64 -21.20 -10.60
N VAL A 584 12.83 -22.20 -11.45
CA VAL A 584 14.06 -22.49 -12.21
C VAL A 584 13.94 -21.85 -13.59
N LYS A 585 14.96 -21.07 -13.97
CA LYS A 585 15.01 -20.45 -15.32
C LYS A 585 15.42 -21.56 -16.28
N GLU A 586 14.66 -21.78 -17.35
CA GLU A 586 15.02 -22.87 -18.28
C GLU A 586 15.59 -22.32 -19.59
N ASP A 587 16.68 -22.91 -20.04
CA ASP A 587 17.38 -22.54 -21.30
C ASP A 587 18.38 -23.63 -21.68
N SER B 10 22.83 -52.81 10.43
CA SER B 10 22.22 -52.77 11.79
C SER B 10 20.92 -51.96 11.77
N GLY B 11 20.15 -52.03 10.67
CA GLY B 11 18.82 -51.41 10.53
C GLY B 11 18.75 -50.45 9.35
N SER B 12 17.76 -49.55 9.35
CA SER B 12 17.58 -48.47 8.35
C SER B 12 17.49 -47.10 9.06
N LEU B 13 17.56 -46.02 8.27
CA LEU B 13 17.83 -44.64 8.77
C LEU B 13 16.56 -43.77 8.69
N ALA B 14 16.68 -42.54 9.21
CA ALA B 14 15.57 -41.58 9.46
C ALA B 14 14.73 -41.37 8.20
N ASP B 15 15.37 -40.98 7.09
CA ASP B 15 14.66 -40.66 5.81
C ASP B 15 13.83 -41.89 5.40
N ALA B 16 14.43 -43.09 5.38
CA ALA B 16 13.78 -44.38 5.04
C ALA B 16 12.63 -44.67 6.01
N VAL B 17 12.81 -44.38 7.31
CA VAL B 17 11.73 -44.53 8.33
C VAL B 17 10.56 -43.60 7.98
N PHE B 18 10.82 -42.31 7.81
CA PHE B 18 9.77 -41.27 7.66
C PHE B 18 9.07 -41.43 6.30
N LYS B 19 9.80 -41.85 5.25
CA LYS B 19 9.20 -42.19 3.92
C LYS B 19 8.17 -43.30 4.14
N SER B 20 8.60 -44.42 4.73
CA SER B 20 7.70 -45.56 5.06
C SER B 20 6.53 -45.03 5.88
N ALA B 21 6.80 -44.25 6.93
CA ALA B 21 5.79 -43.66 7.84
C ALA B 21 4.72 -42.92 7.03
N CYS B 22 5.16 -42.06 6.10
CA CYS B 22 4.26 -41.29 5.19
C CYS B 22 3.51 -42.22 4.21
N GLU B 23 4.18 -43.25 3.68
CA GLU B 23 3.61 -44.15 2.62
C GLU B 23 2.59 -45.13 3.21
N GLU B 24 2.79 -45.58 4.45
CA GLU B 24 2.04 -46.70 5.08
C GLU B 24 0.92 -46.16 5.99
N ARG B 25 -0.17 -46.93 6.07
CA ARG B 25 -1.36 -46.69 6.92
C ARG B 25 -0.96 -46.79 8.39
N ILE B 26 -0.36 -47.92 8.80
CA ILE B 26 0.11 -48.15 10.18
C ILE B 26 1.53 -48.70 10.10
N LEU B 27 2.49 -47.97 10.65
CA LEU B 27 3.92 -48.34 10.76
C LEU B 27 4.34 -48.35 12.24
N LEU B 28 4.97 -49.45 12.66
CA LEU B 28 5.65 -49.60 13.96
C LEU B 28 7.16 -49.53 13.73
N ALA B 29 7.82 -48.48 14.23
CA ALA B 29 9.29 -48.31 14.18
C ALA B 29 9.89 -48.80 15.50
N TYR B 30 10.76 -49.81 15.43
CA TYR B 30 11.26 -50.44 16.67
C TYR B 30 12.79 -50.51 16.68
N ALA B 31 13.33 -50.60 17.89
CA ALA B 31 14.79 -50.66 18.11
C ALA B 31 15.10 -51.97 18.82
N ASP B 32 16.15 -51.94 19.65
CA ASP B 32 16.78 -53.12 20.29
C ASP B 32 15.76 -54.21 20.60
N TYR B 33 14.61 -53.87 21.15
CA TYR B 33 13.63 -54.94 21.53
C TYR B 33 12.23 -54.59 21.05
N ASN B 34 11.32 -55.58 21.06
CA ASN B 34 9.92 -55.31 20.67
C ASN B 34 8.95 -55.93 21.69
N PRO B 35 8.98 -55.52 22.97
CA PRO B 35 8.02 -56.00 23.96
C PRO B 35 6.63 -55.48 23.57
N ASP B 36 5.61 -56.33 23.55
CA ASP B 36 4.23 -55.88 23.22
C ASP B 36 4.03 -55.69 21.72
N MET B 37 4.85 -56.30 20.86
CA MET B 37 4.63 -56.13 19.40
C MET B 37 3.22 -56.66 19.05
N THR B 38 2.87 -57.82 19.60
CA THR B 38 1.55 -58.43 19.34
C THR B 38 0.45 -57.52 19.90
N LYS B 39 0.70 -56.92 21.06
CA LYS B 39 -0.30 -56.05 21.71
C LYS B 39 -0.65 -54.96 20.71
N VAL B 40 0.35 -54.51 19.97
CA VAL B 40 0.07 -53.48 18.92
C VAL B 40 -0.73 -54.15 17.79
N VAL B 41 -0.13 -55.19 17.17
CA VAL B 41 -0.73 -55.98 16.06
C VAL B 41 -2.11 -56.48 16.51
N ASN B 42 -2.21 -57.02 17.73
CA ASN B 42 -3.47 -57.46 18.36
C ASN B 42 -4.45 -56.28 18.41
N LEU B 43 -3.99 -55.10 18.83
CA LEU B 43 -4.89 -53.92 18.97
C LEU B 43 -5.41 -53.52 17.58
N PHE B 44 -4.54 -53.53 16.55
CA PHE B 44 -4.94 -53.08 15.19
C PHE B 44 -5.79 -54.16 14.50
N SER B 45 -5.53 -55.44 14.75
CA SER B 45 -6.32 -56.57 14.20
C SER B 45 -7.80 -56.37 14.51
N LYS B 46 -8.15 -55.68 15.60
CA LYS B 46 -9.54 -55.32 15.97
C LYS B 46 -10.23 -54.52 14.85
N TYR B 47 -9.50 -53.76 14.02
CA TYR B 47 -10.06 -52.91 12.94
C TYR B 47 -9.59 -53.38 11.55
N ASN B 48 -9.22 -54.66 11.41
CA ASN B 48 -8.72 -55.30 10.16
C ASN B 48 -7.66 -54.41 9.51
N GLU B 49 -6.75 -53.89 10.31
CA GLU B 49 -5.58 -53.09 9.88
C GLU B 49 -4.32 -53.97 9.97
N THR B 50 -3.42 -53.83 9.01
CA THR B 50 -2.14 -54.58 8.96
C THR B 50 -1.08 -53.60 9.43
N VAL B 51 -0.23 -54.03 10.35
CA VAL B 51 0.81 -53.18 11.00
C VAL B 51 2.16 -53.42 10.32
N ASN B 52 2.68 -52.43 9.60
CA ASN B 52 4.01 -52.52 8.93
C ASN B 52 5.11 -52.30 9.99
N THR B 53 6.35 -52.74 9.71
CA THR B 53 7.47 -52.76 10.68
C THR B 53 8.75 -52.19 10.08
N VAL B 54 9.57 -51.53 10.91
CA VAL B 54 10.97 -51.11 10.57
C VAL B 54 11.86 -51.19 11.82
N ARG B 55 12.93 -51.97 11.71
CA ARG B 55 14.09 -52.01 12.64
C ARG B 55 14.97 -50.80 12.28
N VAL B 56 14.95 -49.80 13.16
CA VAL B 56 15.76 -48.55 13.01
C VAL B 56 17.19 -48.85 13.44
N SER B 57 18.17 -48.37 12.67
CA SER B 57 19.61 -48.38 13.03
C SER B 57 19.79 -47.73 14.41
N ASN B 58 20.59 -48.32 15.30
CA ASN B 58 20.77 -47.83 16.69
C ASN B 58 21.33 -46.40 16.66
N ASP B 59 22.32 -46.11 15.80
CA ASP B 59 23.00 -44.78 15.74
C ASP B 59 22.16 -43.80 14.89
N ALA B 60 20.87 -44.10 14.67
CA ALA B 60 19.89 -43.22 13.99
C ALA B 60 18.74 -42.84 14.93
N VAL B 61 18.52 -43.62 16.01
CA VAL B 61 17.33 -43.49 16.90
C VAL B 61 17.26 -42.08 17.49
N LYS B 62 18.34 -41.62 18.15
CA LYS B 62 18.42 -40.32 18.89
C LYS B 62 17.94 -39.18 17.98
N ASP B 63 18.37 -39.22 16.71
CA ASP B 63 17.97 -38.27 15.64
C ASP B 63 16.46 -38.37 15.38
N ILE B 64 15.95 -39.58 15.19
CA ILE B 64 14.51 -39.82 14.85
C ILE B 64 13.66 -39.33 16.02
N LEU B 65 14.07 -39.63 17.26
CA LEU B 65 13.31 -39.26 18.47
C LEU B 65 13.28 -37.74 18.62
N GLU B 66 14.42 -37.08 18.40
CA GLU B 66 14.55 -35.60 18.48
C GLU B 66 13.52 -34.96 17.53
N ILE B 67 13.47 -35.44 16.29
CA ILE B 67 12.60 -34.91 15.19
C ILE B 67 11.12 -35.00 15.58
N VAL B 68 10.62 -36.17 15.98
CA VAL B 68 9.18 -36.38 16.29
C VAL B 68 8.85 -35.87 17.69
N GLY B 69 9.87 -35.67 18.54
CA GLY B 69 9.75 -35.12 19.90
C GLY B 69 9.13 -36.12 20.86
N TRP B 70 9.59 -37.38 20.83
CA TRP B 70 9.19 -38.42 21.81
C TRP B 70 10.41 -38.93 22.55
N PRO B 71 10.28 -39.38 23.83
CA PRO B 71 11.42 -39.74 24.65
C PRO B 71 12.22 -40.98 24.22
N SER B 72 11.58 -42.12 23.94
CA SER B 72 12.25 -43.40 23.54
C SER B 72 11.44 -44.16 22.47
N MET B 73 12.03 -45.23 21.92
CA MET B 73 11.37 -46.20 21.01
C MET B 73 10.54 -47.16 21.85
N PRO B 74 9.60 -47.96 21.29
CA PRO B 74 9.24 -47.90 19.87
C PRO B 74 8.25 -46.78 19.51
N LEU B 75 8.17 -46.43 18.22
CA LEU B 75 7.25 -45.38 17.69
C LEU B 75 6.12 -46.01 16.85
N ILE B 76 4.91 -45.44 16.93
CA ILE B 76 3.75 -45.87 16.11
C ILE B 76 3.29 -44.68 15.27
N PHE B 77 3.14 -44.90 13.96
CA PHE B 77 2.56 -43.92 13.02
C PHE B 77 1.18 -44.41 12.56
N VAL B 78 0.23 -43.47 12.47
CA VAL B 78 -1.13 -43.71 11.90
C VAL B 78 -1.38 -42.66 10.80
N LYS B 79 -1.48 -43.11 9.54
CA LYS B 79 -1.75 -42.25 8.36
C LYS B 79 -0.73 -41.13 8.32
N GLY B 80 0.54 -41.45 8.58
CA GLY B 80 1.68 -40.52 8.48
C GLY B 80 1.74 -39.52 9.63
N ASN B 81 1.26 -39.90 10.81
CA ASN B 81 1.23 -39.04 12.03
C ASN B 81 1.87 -39.82 13.17
N CYS B 82 2.97 -39.34 13.74
CA CYS B 82 3.66 -39.99 14.89
C CYS B 82 2.80 -39.88 16.16
N CYS B 83 2.42 -41.02 16.77
CA CYS B 83 1.45 -41.10 17.90
C CYS B 83 2.15 -41.16 19.25
N GLY B 84 3.41 -41.60 19.24
CA GLY B 84 4.21 -41.97 20.42
C GLY B 84 4.46 -43.48 20.45
N GLY B 85 4.31 -44.09 21.64
CA GLY B 85 4.38 -45.54 21.86
C GLY B 85 3.04 -46.13 22.30
N PHE B 86 3.07 -47.39 22.75
CA PHE B 86 1.86 -48.22 22.96
C PHE B 86 0.94 -47.45 23.91
N LYS B 87 1.52 -46.89 24.99
CA LYS B 87 0.80 -46.08 26.00
C LYS B 87 -0.10 -45.06 25.28
N GLU B 88 0.43 -44.31 24.31
CA GLU B 88 -0.33 -43.20 23.66
C GLU B 88 -1.40 -43.81 22.72
N LEU B 89 -1.05 -44.88 22.00
CA LEU B 89 -1.98 -45.57 21.07
C LEU B 89 -3.20 -46.08 21.85
N TYR B 90 -2.95 -46.82 22.93
CA TYR B 90 -3.99 -47.42 23.80
C TYR B 90 -4.94 -46.30 24.32
N GLN B 91 -4.41 -45.15 24.74
CA GLN B 91 -5.25 -43.98 25.11
C GLN B 91 -6.17 -43.64 23.93
N LEU B 92 -5.63 -43.56 22.71
CA LEU B 92 -6.43 -43.19 21.52
C LEU B 92 -7.51 -44.24 21.23
N GLU B 93 -7.14 -45.53 21.34
CA GLU B 93 -8.09 -46.66 21.14
C GLU B 93 -9.20 -46.52 22.20
N GLU B 94 -8.83 -46.51 23.48
CA GLU B 94 -9.72 -46.47 24.67
C GLU B 94 -10.78 -45.36 24.55
N SER B 95 -10.43 -44.21 23.96
CA SER B 95 -11.30 -43.01 23.85
C SER B 95 -12.22 -43.10 22.63
N GLY B 96 -12.03 -44.11 21.76
CA GLY B 96 -12.80 -44.34 20.52
C GLY B 96 -12.26 -43.52 19.37
N PHE B 97 -11.28 -42.64 19.61
CA PHE B 97 -10.69 -41.73 18.61
C PHE B 97 -10.03 -42.53 17.49
N LEU B 98 -9.35 -43.63 17.85
CA LEU B 98 -8.57 -44.45 16.88
C LEU B 98 -9.55 -45.09 15.88
N ASN B 99 -10.69 -45.57 16.37
CA ASN B 99 -11.77 -46.17 15.55
C ASN B 99 -12.20 -45.17 14.47
N GLU B 100 -12.48 -43.93 14.87
CA GLU B 100 -12.96 -42.86 13.94
C GLU B 100 -11.80 -42.39 13.06
N TRP B 101 -10.57 -42.44 13.57
CA TRP B 101 -9.36 -41.99 12.81
C TRP B 101 -9.13 -42.87 11.58
N LEU B 102 -9.28 -44.19 11.74
CA LEU B 102 -8.96 -45.20 10.69
C LEU B 102 -10.01 -45.19 9.58
N LYS B 103 -11.15 -44.50 9.77
CA LYS B 103 -12.18 -44.35 8.72
C LYS B 103 -11.62 -43.46 7.60
N GLU B 104 -12.18 -43.63 6.39
CA GLU B 104 -12.02 -42.67 5.26
C GLU B 104 -12.71 -41.37 5.69
N HIS B 105 -12.15 -40.22 5.32
CA HIS B 105 -12.71 -38.89 5.63
C HIS B 105 -12.79 -38.12 4.33
N GLU B 106 -13.60 -37.06 4.32
CA GLU B 106 -13.85 -36.21 3.13
C GLU B 106 -12.54 -35.56 2.66
N TYR B 107 -11.70 -35.07 3.59
CA TYR B 107 -10.46 -34.30 3.27
C TYR B 107 -9.23 -34.96 3.89
N ASP B 108 -8.07 -34.87 3.20
CA ASP B 108 -6.77 -35.36 3.76
C ASP B 108 -6.36 -34.44 4.90
N LEU B 109 -6.72 -33.16 4.75
CA LEU B 109 -6.32 -32.07 5.67
C LEU B 109 -7.41 -31.00 5.69
N ALA B 110 -7.87 -30.63 6.89
CA ALA B 110 -8.70 -29.41 7.09
C ALA B 110 -7.85 -28.35 7.78
N ILE B 111 -7.80 -27.18 7.15
CA ILE B 111 -7.04 -26.00 7.64
C ILE B 111 -8.03 -24.98 8.17
N VAL B 112 -7.96 -24.70 9.47
CA VAL B 112 -8.77 -23.65 10.14
C VAL B 112 -7.93 -22.37 10.17
N GLY B 113 -8.21 -21.46 9.25
CA GLY B 113 -7.59 -20.14 9.14
C GLY B 113 -7.11 -19.89 7.72
N GLY B 114 -7.49 -18.74 7.15
CA GLY B 114 -7.15 -18.33 5.76
C GLY B 114 -6.19 -17.16 5.77
N GLY B 115 -5.18 -17.26 6.64
CA GLY B 115 -4.14 -16.23 6.79
C GLY B 115 -2.81 -16.70 6.20
N SER B 116 -1.76 -16.03 6.63
CA SER B 116 -0.38 -16.27 6.14
C SER B 116 -0.11 -17.78 6.17
N GLY B 117 -0.23 -18.40 7.34
CA GLY B 117 0.10 -19.81 7.56
C GLY B 117 -0.89 -20.73 6.85
N GLY B 118 -2.18 -20.52 7.11
CA GLY B 118 -3.24 -21.33 6.48
C GLY B 118 -3.09 -21.42 4.97
N LEU B 119 -2.90 -20.28 4.31
CA LEU B 119 -2.89 -20.22 2.81
C LEU B 119 -1.63 -20.88 2.29
N ALA B 120 -0.51 -20.63 2.95
CA ALA B 120 0.80 -21.20 2.60
C ALA B 120 0.71 -22.71 2.72
N ALA B 121 0.17 -23.19 3.83
CA ALA B 121 -0.03 -24.64 4.04
C ALA B 121 -0.96 -25.18 2.96
N ALA B 122 -2.04 -24.45 2.66
CA ALA B 122 -3.02 -24.90 1.63
C ALA B 122 -2.29 -25.09 0.30
N LYS B 123 -1.55 -24.06 -0.15
CA LYS B 123 -0.84 -24.13 -1.46
C LYS B 123 0.16 -25.29 -1.45
N GLU B 124 0.91 -25.48 -0.36
CA GLU B 124 1.96 -26.53 -0.32
C GLU B 124 1.32 -27.93 -0.25
N ALA B 125 0.27 -28.14 0.54
CA ALA B 125 -0.44 -29.45 0.62
C ALA B 125 -0.94 -29.85 -0.77
N VAL B 126 -1.54 -28.91 -1.49
CA VAL B 126 -2.12 -29.16 -2.84
C VAL B 126 -1.01 -29.47 -3.84
N ARG B 127 0.09 -28.73 -3.82
CA ARG B 127 1.27 -29.01 -4.69
C ARG B 127 1.74 -30.46 -4.46
N LEU B 128 1.54 -31.01 -3.25
CA LEU B 128 1.93 -32.41 -2.92
C LEU B 128 0.77 -33.37 -3.17
N GLY B 129 -0.27 -32.93 -3.89
CA GLY B 129 -1.35 -33.77 -4.47
C GLY B 129 -2.39 -34.24 -3.45
N LYS B 130 -2.72 -33.41 -2.46
CA LYS B 130 -3.63 -33.77 -1.34
C LYS B 130 -4.95 -33.01 -1.47
N LYS B 131 -6.04 -33.62 -0.99
CA LYS B 131 -7.37 -32.98 -0.95
C LYS B 131 -7.44 -32.19 0.37
N VAL B 132 -7.63 -30.90 0.24
CA VAL B 132 -7.47 -29.92 1.33
C VAL B 132 -8.69 -29.02 1.35
N VAL B 133 -9.18 -28.71 2.55
CA VAL B 133 -10.26 -27.71 2.75
C VAL B 133 -9.66 -26.60 3.59
N CYS B 134 -9.82 -25.36 3.11
CA CYS B 134 -9.38 -24.16 3.86
C CYS B 134 -10.61 -23.43 4.37
N LEU B 135 -10.70 -23.23 5.68
CA LEU B 135 -11.82 -22.48 6.31
C LEU B 135 -11.32 -21.12 6.75
N ASP B 136 -11.99 -20.04 6.36
CA ASP B 136 -11.61 -18.71 6.89
C ASP B 136 -12.86 -17.88 7.14
N PHE B 137 -12.92 -17.28 8.33
CA PHE B 137 -14.03 -16.38 8.72
C PHE B 137 -13.43 -15.27 9.56
N VAL B 138 -13.96 -14.07 9.38
CA VAL B 138 -13.53 -12.86 10.12
C VAL B 138 -14.70 -12.39 10.98
N LYS B 139 -14.73 -12.79 12.24
CA LYS B 139 -15.69 -12.22 13.23
C LYS B 139 -15.42 -10.73 13.27
N PRO B 140 -16.45 -9.87 13.20
CA PRO B 140 -16.20 -8.43 13.13
C PRO B 140 -15.54 -7.96 14.42
N SER B 141 -14.85 -6.81 14.38
CA SER B 141 -14.43 -6.07 15.60
C SER B 141 -15.68 -5.56 16.31
N ALA B 142 -15.51 -5.09 17.54
CA ALA B 142 -16.59 -4.47 18.35
C ALA B 142 -17.19 -3.26 17.62
N MET B 143 -16.42 -2.56 16.78
CA MET B 143 -16.87 -1.40 15.96
C MET B 143 -17.56 -1.87 14.68
N GLY B 144 -17.62 -3.17 14.42
CA GLY B 144 -18.37 -3.73 13.28
C GLY B 144 -17.50 -4.05 12.08
N THR B 145 -16.18 -3.85 12.16
CA THR B 145 -15.26 -3.96 11.01
C THR B 145 -14.93 -5.42 10.71
N THR B 146 -14.91 -5.75 9.41
CA THR B 146 -14.70 -7.12 8.86
C THR B 146 -13.98 -6.98 7.50
N TRP B 147 -13.53 -8.08 6.91
CA TRP B 147 -12.67 -8.01 5.69
C TRP B 147 -12.59 -9.38 5.00
N GLY B 148 -11.91 -9.43 3.84
CA GLY B 148 -11.77 -10.62 2.98
C GLY B 148 -10.62 -11.52 3.38
N LEU B 149 -10.31 -12.49 2.52
CA LEU B 149 -9.40 -13.65 2.73
C LEU B 149 -7.96 -13.15 2.83
N GLY B 150 -7.08 -13.86 3.56
CA GLY B 150 -5.64 -13.55 3.55
C GLY B 150 -5.09 -13.26 4.93
N GLY B 151 -5.96 -13.00 5.90
CA GLY B 151 -5.63 -12.98 7.33
C GLY B 151 -5.25 -11.59 7.81
N THR B 152 -4.58 -11.53 8.96
CA THR B 152 -4.17 -10.27 9.62
C THR B 152 -3.25 -9.50 8.70
N CYS B 153 -2.28 -10.18 8.09
CA CYS B 153 -1.17 -9.48 7.43
C CYS B 153 -1.75 -8.68 6.27
N VAL B 154 -2.53 -9.36 5.45
CA VAL B 154 -3.11 -8.80 4.20
C VAL B 154 -4.08 -7.67 4.53
N ASN B 155 -4.96 -7.86 5.52
CA ASN B 155 -6.14 -7.00 5.71
C ASN B 155 -5.87 -5.94 6.79
N VAL B 156 -5.26 -6.28 7.91
CA VAL B 156 -5.21 -5.35 9.08
C VAL B 156 -3.84 -5.37 9.76
N GLY B 157 -2.77 -5.59 9.01
CA GLY B 157 -1.42 -5.84 9.56
C GLY B 157 -0.34 -5.32 8.65
N CYS B 158 0.62 -6.17 8.31
CA CYS B 158 1.93 -5.77 7.69
C CYS B 158 1.67 -4.87 6.46
N ILE B 159 0.81 -5.33 5.55
CA ILE B 159 0.56 -4.68 4.23
C ILE B 159 -0.01 -3.28 4.46
N PRO B 160 -1.20 -3.07 5.04
CA PRO B 160 -1.72 -1.71 5.20
C PRO B 160 -0.77 -0.84 6.04
N LYS B 161 -0.13 -1.41 7.05
CA LYS B 161 0.78 -0.68 7.97
C LYS B 161 1.95 -0.12 7.14
N LYS B 162 2.53 -0.95 6.27
CA LYS B 162 3.76 -0.57 5.53
C LYS B 162 3.40 0.55 4.55
N LEU B 163 2.21 0.49 3.97
CA LEU B 163 1.71 1.44 2.94
C LEU B 163 1.51 2.81 3.59
N MET B 164 0.99 2.83 4.82
CA MET B 164 0.79 4.10 5.56
C MET B 164 2.13 4.62 6.07
N HIS B 165 2.98 3.71 6.56
CA HIS B 165 4.38 4.07 6.85
C HIS B 165 5.02 4.75 5.62
N GLN B 166 4.85 4.16 4.42
CA GLN B 166 5.40 4.76 3.17
C GLN B 166 4.73 6.12 2.92
N ALA B 167 3.42 6.23 3.12
CA ALA B 167 2.75 7.56 3.01
C ALA B 167 3.52 8.54 3.91
N ALA B 168 3.89 8.12 5.13
CA ALA B 168 4.58 9.02 6.07
C ALA B 168 5.99 9.34 5.54
N LEU B 169 6.77 8.32 5.16
CA LEU B 169 8.13 8.58 4.61
C LEU B 169 8.05 9.55 3.42
N LEU B 170 7.09 9.34 2.51
CA LEU B 170 6.95 10.21 1.32
C LEU B 170 6.73 11.66 1.75
N GLY B 171 6.12 11.88 2.92
CA GLY B 171 5.98 13.25 3.47
C GLY B 171 7.33 13.86 3.76
N GLU B 172 8.25 13.08 4.32
CA GLU B 172 9.61 13.58 4.66
C GLU B 172 10.40 13.73 3.35
N TYR B 173 10.10 12.86 2.37
CA TYR B 173 10.80 12.89 1.04
C TYR B 173 10.48 14.18 0.28
N ILE B 174 9.24 14.69 0.40
CA ILE B 174 8.85 15.98 -0.24
C ILE B 174 9.79 17.09 0.26
N GLU B 175 10.14 17.12 1.54
CA GLU B 175 10.97 18.22 2.09
C GLU B 175 12.40 18.06 1.57
N ASP B 176 12.87 16.82 1.45
CA ASP B 176 14.22 16.54 0.91
C ASP B 176 14.27 17.00 -0.54
N ALA B 177 13.23 16.66 -1.30
CA ALA B 177 13.10 17.07 -2.72
C ALA B 177 13.41 18.58 -2.87
N LYS B 178 12.92 19.42 -1.97
CA LYS B 178 13.16 20.89 -2.03
C LYS B 178 14.64 21.18 -1.81
N LYS B 179 15.29 20.46 -0.90
CA LYS B 179 16.72 20.68 -0.53
C LYS B 179 17.61 20.13 -1.65
N PHE B 180 17.15 19.16 -2.45
CA PHE B 180 17.95 18.69 -3.62
C PHE B 180 17.66 19.57 -4.85
N GLY B 181 16.69 20.49 -4.76
CA GLY B 181 16.46 21.57 -5.73
C GLY B 181 15.17 21.44 -6.50
N TRP B 182 14.30 20.49 -6.16
CA TRP B 182 12.98 20.40 -6.83
C TRP B 182 12.14 21.61 -6.41
N GLU B 183 11.65 22.40 -7.37
CA GLU B 183 10.85 23.63 -7.09
C GLU B 183 9.40 23.20 -6.88
N ILE B 184 9.09 22.86 -5.64
CA ILE B 184 7.72 22.55 -5.15
C ILE B 184 7.06 23.86 -4.75
N PRO B 185 5.93 24.29 -5.36
CA PRO B 185 5.21 25.48 -4.89
C PRO B 185 5.11 25.52 -3.35
N GLU B 186 4.99 26.73 -2.83
CA GLU B 186 5.35 27.16 -1.45
C GLU B 186 4.41 26.64 -0.36
N GLY B 187 3.13 26.41 -0.68
CA GLY B 187 2.07 26.05 0.27
C GLY B 187 2.47 24.95 1.26
N ALA B 188 1.84 24.94 2.44
CA ALA B 188 1.68 23.74 3.30
C ALA B 188 1.01 22.64 2.46
N ILE B 189 1.41 21.39 2.66
CA ILE B 189 0.91 20.23 1.86
C ILE B 189 0.30 19.23 2.83
N LYS B 190 -0.98 18.92 2.67
CA LYS B 190 -1.77 18.06 3.57
C LYS B 190 -1.84 16.66 2.94
N LEU B 191 -1.95 15.64 3.79
CA LEU B 191 -2.28 14.25 3.38
C LEU B 191 -3.80 14.10 3.49
N ASN B 192 -4.45 13.77 2.37
CA ASN B 192 -5.89 13.42 2.31
C ASN B 192 -6.08 11.97 2.75
N TRP B 193 -6.66 11.75 3.92
CA TRP B 193 -6.82 10.41 4.53
C TRP B 193 -7.63 9.50 3.60
N HIS B 194 -8.69 10.02 2.99
CA HIS B 194 -9.64 9.26 2.14
C HIS B 194 -8.89 8.66 0.94
N GLN B 195 -7.99 9.43 0.31
CA GLN B 195 -7.20 8.94 -0.86
C GLN B 195 -6.26 7.81 -0.40
N LEU B 196 -5.56 8.00 0.73
CA LEU B 196 -4.62 7.00 1.30
C LEU B 196 -5.38 5.72 1.60
N LYS B 197 -6.44 5.84 2.40
CA LYS B 197 -7.23 4.68 2.84
C LYS B 197 -7.82 3.97 1.60
N ASN B 198 -8.33 4.73 0.65
CA ASN B 198 -8.86 4.09 -0.60
C ASN B 198 -7.73 3.39 -1.37
N ALA B 199 -6.54 3.99 -1.43
CA ALA B 199 -5.42 3.41 -2.20
C ALA B 199 -5.02 2.09 -1.53
N VAL B 200 -4.93 2.11 -0.19
CA VAL B 200 -4.61 0.93 0.66
C VAL B 200 -5.66 -0.16 0.49
N GLN B 201 -6.93 0.21 0.63
CA GLN B 201 -8.08 -0.75 0.54
C GLN B 201 -8.16 -1.30 -0.88
N ASN B 202 -7.86 -0.51 -1.91
CA ASN B 202 -7.86 -1.03 -3.30
C ASN B 202 -6.81 -2.14 -3.39
N HIS B 203 -5.58 -1.89 -2.90
CA HIS B 203 -4.51 -2.91 -2.90
C HIS B 203 -4.96 -4.16 -2.12
N ILE B 204 -5.42 -3.95 -0.89
CA ILE B 204 -5.91 -5.11 -0.08
C ILE B 204 -6.94 -5.91 -0.93
N ALA B 205 -7.94 -5.23 -1.48
CA ALA B 205 -8.98 -5.86 -2.33
C ALA B 205 -8.30 -6.75 -3.39
N SER B 206 -7.20 -6.31 -4.01
CA SER B 206 -6.53 -7.07 -5.09
C SER B 206 -5.93 -8.35 -4.50
N LEU B 207 -5.35 -8.28 -3.27
CA LEU B 207 -4.80 -9.45 -2.54
C LEU B 207 -5.95 -10.42 -2.15
N ASN B 208 -6.99 -9.92 -1.46
CA ASN B 208 -8.21 -10.72 -1.14
C ASN B 208 -8.55 -11.59 -2.35
N TRP B 209 -8.65 -10.97 -3.51
CA TRP B 209 -9.14 -11.63 -4.73
C TRP B 209 -8.04 -12.54 -5.30
N GLY B 210 -6.78 -12.11 -5.27
CA GLY B 210 -5.63 -12.94 -5.67
C GLY B 210 -5.58 -14.26 -4.90
N TYR B 211 -5.81 -14.22 -3.59
CA TYR B 211 -5.77 -15.45 -2.74
C TYR B 211 -6.99 -16.33 -3.07
N ARG B 212 -8.17 -15.70 -3.18
CA ARG B 212 -9.44 -16.39 -3.50
C ARG B 212 -9.28 -17.12 -4.84
N VAL B 213 -8.63 -16.49 -5.82
CA VAL B 213 -8.38 -17.07 -7.17
C VAL B 213 -7.34 -18.18 -7.02
N GLN B 214 -6.20 -17.82 -6.44
CA GLN B 214 -5.08 -18.77 -6.18
C GLN B 214 -5.65 -20.07 -5.59
N LEU B 215 -6.62 -20.01 -4.67
CA LEU B 215 -7.17 -21.25 -4.05
C LEU B 215 -7.96 -22.08 -5.09
N LYS B 216 -8.74 -21.40 -5.94
CA LYS B 216 -9.60 -22.05 -6.99
C LYS B 216 -8.69 -22.69 -8.04
N GLU B 217 -7.75 -21.90 -8.59
CA GLU B 217 -6.76 -22.34 -9.60
C GLU B 217 -6.05 -23.64 -9.18
N LYS B 218 -5.89 -23.89 -7.89
CA LYS B 218 -5.15 -25.07 -7.36
C LYS B 218 -6.11 -26.15 -6.82
N SER B 219 -7.44 -26.01 -7.01
CA SER B 219 -8.47 -26.96 -6.48
C SER B 219 -8.43 -27.07 -4.93
N VAL B 220 -8.11 -26.01 -4.19
CA VAL B 220 -8.36 -25.98 -2.72
C VAL B 220 -9.82 -25.61 -2.51
N THR B 221 -10.57 -26.39 -1.73
CA THR B 221 -11.97 -26.07 -1.35
C THR B 221 -11.93 -24.97 -0.27
N TYR B 222 -12.32 -23.76 -0.63
CA TYR B 222 -12.46 -22.60 0.29
C TYR B 222 -13.89 -22.55 0.82
N MET B 223 -14.06 -22.38 2.13
CA MET B 223 -15.37 -22.16 2.78
C MET B 223 -15.25 -20.95 3.71
N ASN B 224 -16.00 -19.89 3.42
CA ASN B 224 -16.07 -18.66 4.25
C ASN B 224 -16.96 -18.97 5.46
N SER B 225 -16.50 -19.87 6.33
CA SER B 225 -17.28 -20.39 7.49
C SER B 225 -16.38 -20.46 8.73
N TYR B 226 -16.92 -20.16 9.91
CA TYR B 226 -16.19 -20.26 11.20
C TYR B 226 -16.33 -21.70 11.72
N ALA B 227 -15.18 -22.33 12.03
CA ALA B 227 -15.07 -23.78 12.29
C ALA B 227 -14.95 -24.02 13.80
N THR B 228 -15.52 -25.14 14.26
CA THR B 228 -15.42 -25.62 15.67
C THR B 228 -15.36 -27.14 15.62
N PHE B 229 -14.58 -27.79 16.47
CA PHE B 229 -14.55 -29.27 16.57
C PHE B 229 -15.81 -29.72 17.30
N THR B 230 -16.58 -30.61 16.66
CA THR B 230 -17.76 -31.29 17.25
C THR B 230 -17.55 -32.81 17.23
N GLY B 231 -16.48 -33.31 16.58
CA GLY B 231 -16.05 -34.72 16.74
C GLY B 231 -14.53 -34.84 16.76
N SER B 232 -14.03 -36.02 17.12
CA SER B 232 -12.60 -36.44 17.04
C SER B 232 -12.03 -36.05 15.69
N HIS B 233 -12.80 -36.23 14.62
CA HIS B 233 -12.37 -35.93 13.22
C HIS B 233 -13.47 -35.14 12.50
N GLU B 234 -14.15 -34.26 13.23
CA GLU B 234 -15.33 -33.52 12.69
C GLU B 234 -15.35 -32.08 13.18
N LEU B 235 -15.28 -31.16 12.20
CA LEU B 235 -15.55 -29.71 12.38
C LEU B 235 -16.98 -29.41 11.94
N SER B 236 -17.68 -28.61 12.72
CA SER B 236 -18.94 -27.90 12.36
C SER B 236 -18.56 -26.45 12.02
N VAL B 237 -18.98 -26.01 10.84
CA VAL B 237 -18.55 -24.71 10.25
C VAL B 237 -19.81 -23.90 9.91
N LYS B 238 -19.83 -22.64 10.36
CA LYS B 238 -21.02 -21.75 10.24
C LYS B 238 -20.68 -20.58 9.33
N ASN B 239 -21.45 -20.39 8.25
CA ASN B 239 -21.20 -19.31 7.25
C ASN B 239 -21.89 -18.02 7.72
N LYS B 240 -21.68 -16.91 6.99
CA LYS B 240 -22.24 -15.57 7.31
C LYS B 240 -23.75 -15.66 7.58
N LYS B 241 -24.52 -16.21 6.63
CA LYS B 241 -26.02 -16.26 6.68
C LYS B 241 -26.54 -17.13 7.83
N GLY B 242 -25.70 -17.97 8.45
CA GLY B 242 -26.06 -18.80 9.62
C GLY B 242 -26.14 -20.29 9.31
N LYS B 243 -25.95 -20.68 8.04
CA LYS B 243 -25.82 -22.09 7.56
C LYS B 243 -24.68 -22.79 8.31
N VAL B 244 -24.95 -23.96 8.89
CA VAL B 244 -23.98 -24.85 9.61
C VAL B 244 -23.78 -26.12 8.77
N GLU B 245 -22.55 -26.37 8.32
CA GLU B 245 -22.16 -27.60 7.60
C GLU B 245 -21.18 -28.39 8.47
N LYS B 246 -21.04 -29.68 8.17
CA LYS B 246 -20.07 -30.60 8.84
C LYS B 246 -18.98 -30.99 7.84
N VAL B 247 -17.73 -30.88 8.27
CA VAL B 247 -16.49 -31.18 7.50
C VAL B 247 -15.63 -32.16 8.30
N THR B 248 -15.31 -33.31 7.70
CA THR B 248 -14.43 -34.34 8.27
C THR B 248 -13.08 -34.34 7.56
N ALA B 249 -12.02 -34.71 8.28
CA ALA B 249 -10.64 -34.80 7.76
C ALA B 249 -9.78 -35.77 8.59
N ASP B 250 -8.77 -36.36 7.96
CA ASP B 250 -7.82 -37.31 8.59
C ASP B 250 -6.81 -36.51 9.43
N ARG B 251 -6.68 -35.22 9.12
CA ARG B 251 -5.75 -34.29 9.80
C ARG B 251 -6.34 -32.88 9.82
N PHE B 252 -5.95 -32.14 10.86
CA PHE B 252 -6.34 -30.73 11.02
C PHE B 252 -5.10 -29.88 11.27
N LEU B 253 -5.12 -28.68 10.69
CA LEU B 253 -4.12 -27.61 10.94
C LEU B 253 -4.87 -26.38 11.43
N ILE B 254 -4.56 -25.90 12.64
CA ILE B 254 -5.12 -24.65 13.22
C ILE B 254 -4.09 -23.53 12.98
N ALA B 255 -4.51 -22.53 12.21
CA ALA B 255 -3.73 -21.34 11.81
C ALA B 255 -4.66 -20.13 11.93
N VAL B 256 -5.35 -20.07 13.08
CA VAL B 256 -6.43 -19.09 13.41
C VAL B 256 -5.89 -17.72 13.81
N GLY B 257 -4.67 -17.65 14.30
CA GLY B 257 -4.08 -16.36 14.67
C GLY B 257 -4.70 -15.80 15.95
N LEU B 258 -4.63 -14.48 16.07
CA LEU B 258 -4.94 -13.66 17.24
C LEU B 258 -5.89 -12.53 16.83
N ARG B 259 -6.42 -11.83 17.83
CA ARG B 259 -7.16 -10.57 17.62
C ARG B 259 -6.69 -9.60 18.68
N PRO B 260 -6.88 -8.28 18.48
CA PRO B 260 -6.34 -7.28 19.40
C PRO B 260 -6.91 -7.46 20.81
N ARG B 261 -6.04 -7.31 21.82
CA ARG B 261 -6.42 -7.41 23.25
C ARG B 261 -7.13 -6.12 23.68
N PHE B 262 -8.23 -6.22 24.42
CA PHE B 262 -8.85 -5.05 25.09
C PHE B 262 -8.73 -5.25 26.60
N PRO B 263 -8.41 -4.20 27.38
CA PRO B 263 -8.28 -4.34 28.83
C PRO B 263 -9.65 -4.20 29.50
N ASP B 264 -9.75 -4.68 30.74
CA ASP B 264 -10.97 -4.56 31.56
C ASP B 264 -11.01 -3.13 32.12
N VAL B 265 -11.29 -2.14 31.26
CA VAL B 265 -11.41 -0.71 31.66
C VAL B 265 -12.73 -0.15 31.12
N PRO B 266 -13.50 0.60 31.94
CA PRO B 266 -14.76 1.20 31.49
C PRO B 266 -14.59 2.09 30.26
N GLY B 267 -15.33 1.75 29.20
CA GLY B 267 -15.35 2.44 27.89
C GLY B 267 -14.44 1.82 26.85
N ALA B 268 -13.38 1.10 27.24
CA ALA B 268 -12.33 0.62 26.30
C ALA B 268 -12.94 0.17 24.97
N LEU B 269 -13.86 -0.80 25.07
CA LEU B 269 -14.49 -1.52 23.94
C LEU B 269 -15.45 -0.59 23.19
N GLU B 270 -16.11 0.34 23.89
CA GLU B 270 -17.10 1.26 23.27
C GLU B 270 -16.35 2.37 22.52
N CYS B 271 -15.20 2.80 23.01
CA CYS B 271 -14.54 4.08 22.65
C CYS B 271 -13.28 3.89 21.81
N CYS B 272 -12.55 2.78 21.99
CA CYS B 272 -11.20 2.64 21.38
C CYS B 272 -11.30 1.76 20.13
N ILE B 273 -10.80 2.28 19.01
CA ILE B 273 -10.58 1.43 17.80
C ILE B 273 -9.39 0.53 18.10
N SER B 274 -9.22 -0.53 17.31
CA SER B 274 -7.97 -1.32 17.22
C SER B 274 -7.41 -1.23 15.80
N SER B 275 -6.24 -1.82 15.57
CA SER B 275 -5.61 -1.98 14.24
C SER B 275 -6.61 -2.64 13.28
N ASP B 276 -7.56 -3.43 13.78
CA ASP B 276 -8.61 -4.09 12.94
C ASP B 276 -9.47 -3.01 12.27
N ASP B 277 -9.59 -1.83 12.89
CA ASP B 277 -10.48 -0.73 12.42
C ASP B 277 -9.66 0.35 11.72
N LEU B 278 -8.41 0.56 12.13
CA LEU B 278 -7.65 1.78 11.76
C LEU B 278 -7.52 1.88 10.23
N PHE B 279 -7.32 0.74 9.55
CA PHE B 279 -6.90 0.74 8.12
C PHE B 279 -8.09 0.86 7.18
N SER B 280 -9.33 0.82 7.66
CA SER B 280 -10.54 1.08 6.82
C SER B 280 -11.38 2.23 7.40
N LEU B 281 -10.80 3.09 8.24
CA LEU B 281 -11.55 4.21 8.87
C LEU B 281 -12.08 5.11 7.77
N PRO B 282 -13.38 5.46 7.75
CA PRO B 282 -13.91 6.38 6.76
C PRO B 282 -13.70 7.87 7.11
N TYR B 283 -12.79 8.16 8.04
CA TYR B 283 -12.48 9.52 8.54
C TYR B 283 -10.99 9.59 8.90
N ASN B 284 -10.41 10.77 8.76
CA ASN B 284 -9.09 11.11 9.33
C ASN B 284 -9.21 10.99 10.85
N PRO B 285 -8.38 10.15 11.50
CA PRO B 285 -8.50 9.91 12.94
C PRO B 285 -8.25 11.15 13.81
N GLY B 286 -7.62 12.20 13.26
CA GLY B 286 -7.42 13.48 13.96
C GLY B 286 -6.49 13.32 15.14
N LYS B 287 -6.68 14.12 16.20
CA LYS B 287 -5.90 14.05 17.46
C LYS B 287 -6.03 12.63 18.05
N THR B 288 -4.93 11.88 18.08
CA THR B 288 -4.96 10.42 18.37
C THR B 288 -4.20 10.09 19.65
N LEU B 289 -4.81 9.20 20.43
CA LEU B 289 -4.12 8.56 21.59
C LEU B 289 -3.89 7.11 21.22
N CYS B 290 -2.62 6.69 21.18
CA CYS B 290 -2.19 5.27 21.03
C CYS B 290 -1.90 4.71 22.43
N VAL B 291 -2.69 3.72 22.86
CA VAL B 291 -2.53 3.08 24.20
C VAL B 291 -1.74 1.79 24.00
N GLY B 292 -0.56 1.69 24.64
CA GLY B 292 0.28 0.49 24.64
C GLY B 292 1.69 0.72 24.07
N ALA B 293 2.60 -0.20 24.39
CA ALA B 293 4.06 -0.09 24.16
C ALA B 293 4.52 -1.10 23.09
N SER B 294 3.58 -1.84 22.52
CA SER B 294 3.84 -2.85 21.47
C SER B 294 4.30 -2.15 20.18
N TYR B 295 4.97 -2.89 19.31
CA TYR B 295 5.45 -2.35 18.03
C TYR B 295 4.26 -1.80 17.25
N VAL B 296 3.09 -2.44 17.35
CA VAL B 296 1.85 -1.95 16.69
C VAL B 296 1.58 -0.52 17.17
N SER B 297 1.66 -0.26 18.46
CA SER B 297 1.32 1.07 19.02
C SER B 297 2.25 2.13 18.38
N LEU B 298 3.55 1.84 18.37
CA LEU B 298 4.61 2.79 17.96
C LEU B 298 4.60 2.97 16.45
N GLU B 299 4.43 1.88 15.69
CA GLU B 299 4.38 1.95 14.21
C GLU B 299 3.20 2.86 13.82
N CYS B 300 2.03 2.60 14.41
CA CYS B 300 0.78 3.36 14.13
C CYS B 300 0.96 4.81 14.59
N ALA B 301 1.49 5.02 15.80
CA ALA B 301 1.75 6.39 16.32
C ALA B 301 2.66 7.13 15.33
N GLY B 302 3.68 6.43 14.83
CA GLY B 302 4.71 6.98 13.95
C GLY B 302 4.09 7.52 12.66
N PHE B 303 3.30 6.71 11.96
CA PHE B 303 2.81 7.10 10.63
C PHE B 303 1.71 8.17 10.80
N LEU B 304 0.88 8.07 11.84
CA LEU B 304 -0.18 9.07 12.09
C LEU B 304 0.46 10.44 12.31
N LYS B 305 1.60 10.51 12.99
CA LYS B 305 2.39 11.76 13.14
C LYS B 305 2.89 12.19 11.75
N GLY B 306 3.40 11.22 11.00
CA GLY B 306 4.02 11.48 9.68
C GLY B 306 3.01 12.03 8.71
N ILE B 307 1.73 11.73 8.88
CA ILE B 307 0.68 12.29 7.98
C ILE B 307 0.04 13.52 8.63
N GLY B 308 0.57 14.04 9.76
CA GLY B 308 0.28 15.39 10.28
C GLY B 308 -0.66 15.42 11.49
N ASN B 309 -0.99 14.28 12.09
CA ASN B 309 -1.85 14.23 13.30
C ASN B 309 -1.04 14.57 14.56
N ASP B 310 -1.71 15.22 15.51
CA ASP B 310 -1.38 15.33 16.95
C ASP B 310 -1.46 13.92 17.56
N VAL B 311 -0.33 13.34 17.91
CA VAL B 311 -0.25 11.91 18.36
C VAL B 311 0.31 11.84 19.79
N THR B 312 -0.41 11.15 20.67
CA THR B 312 0.08 10.82 22.04
C THR B 312 0.19 9.30 22.14
N VAL B 313 1.20 8.81 22.86
CA VAL B 313 1.40 7.36 23.16
C VAL B 313 1.39 7.22 24.67
N MET B 314 0.50 6.40 25.20
CA MET B 314 0.43 6.15 26.66
C MET B 314 0.89 4.72 26.91
N VAL B 315 1.92 4.58 27.75
CA VAL B 315 2.61 3.28 28.02
C VAL B 315 2.67 3.07 29.53
N ARG B 316 2.56 1.80 29.94
CA ARG B 316 2.63 1.34 31.36
C ARG B 316 3.99 1.75 31.93
N SER B 317 5.10 1.23 31.38
CA SER B 317 6.49 1.55 31.76
C SER B 317 7.58 1.73 30.68
N VAL B 318 7.83 0.68 29.88
CA VAL B 318 8.90 0.71 28.83
C VAL B 318 8.26 0.50 27.45
N LEU B 319 8.90 0.96 26.38
CA LEU B 319 8.51 0.64 24.98
C LEU B 319 9.09 -0.74 24.62
N LEU B 320 8.39 -1.48 23.78
CA LEU B 320 8.95 -2.64 23.05
C LEU B 320 9.61 -3.61 24.04
N ARG B 321 8.86 -3.94 25.07
CA ARG B 321 9.13 -5.11 25.95
C ARG B 321 9.44 -6.28 25.03
N GLY B 322 10.57 -6.95 25.28
CA GLY B 322 11.07 -8.08 24.47
C GLY B 322 12.12 -7.68 23.45
N PHE B 323 12.20 -6.40 23.07
CA PHE B 323 13.27 -5.86 22.21
C PHE B 323 14.36 -5.23 23.10
N ASP B 324 15.54 -5.02 22.53
CA ASP B 324 16.69 -4.30 23.09
C ASP B 324 16.24 -2.88 23.50
N GLN B 325 16.36 -2.63 24.80
CA GLN B 325 15.86 -1.44 25.52
C GLN B 325 16.71 -0.22 25.18
N ASP B 326 17.99 -0.43 24.88
CA ASP B 326 18.85 0.65 24.35
C ASP B 326 18.22 1.14 23.03
N MET B 327 17.94 0.23 22.10
CA MET B 327 17.31 0.59 20.81
C MET B 327 15.91 1.22 21.04
N ALA B 328 15.11 0.59 21.91
CA ALA B 328 13.78 1.14 22.30
C ALA B 328 13.88 2.62 22.79
N GLU B 329 14.81 2.88 23.69
CA GLU B 329 15.05 4.27 24.20
C GLU B 329 15.43 5.18 23.03
N ARG B 330 16.16 4.66 22.06
CA ARG B 330 16.68 5.55 20.99
C ARG B 330 15.49 5.88 20.10
N ILE B 331 14.61 4.90 19.86
CA ILE B 331 13.34 5.09 19.10
C ILE B 331 12.52 6.16 19.83
N LYS B 332 12.41 6.01 21.16
CA LYS B 332 11.67 7.03 21.97
C LYS B 332 12.27 8.43 21.75
N LYS B 333 13.59 8.57 21.92
CA LYS B 333 14.22 9.92 21.75
C LYS B 333 13.78 10.51 20.40
N HIS B 334 13.96 9.72 19.33
CA HIS B 334 13.77 10.15 17.92
C HIS B 334 12.30 10.53 17.70
N MET B 335 11.38 9.65 18.08
CA MET B 335 9.93 9.90 17.89
C MET B 335 9.52 11.12 18.72
N THR B 336 10.16 11.34 19.88
CA THR B 336 9.92 12.55 20.70
C THR B 336 10.39 13.77 19.91
N GLU B 337 11.63 13.76 19.40
CA GLU B 337 12.11 14.87 18.53
C GLU B 337 11.18 15.06 17.31
N ARG B 338 10.55 14.01 16.78
CA ARG B 338 9.61 14.17 15.62
C ARG B 338 8.22 14.61 16.07
N GLY B 339 8.00 14.86 17.37
CA GLY B 339 6.78 15.50 17.87
C GLY B 339 5.78 14.51 18.45
N VAL B 340 6.14 13.23 18.59
CA VAL B 340 5.23 12.26 19.28
C VAL B 340 5.35 12.54 20.79
N LYS B 341 4.23 12.51 21.51
CA LYS B 341 4.23 12.78 22.97
C LYS B 341 4.10 11.45 23.70
N PHE B 342 5.06 11.12 24.56
CA PHE B 342 5.06 9.91 25.40
C PHE B 342 4.68 10.27 26.83
N VAL B 343 3.69 9.59 27.39
CA VAL B 343 3.33 9.79 28.82
C VAL B 343 3.21 8.41 29.45
N GLN B 344 3.73 8.27 30.67
CA GLN B 344 3.62 6.98 31.38
C GLN B 344 2.37 7.00 32.23
N CSO B 345 1.25 6.61 31.65
CA CSO B 345 -0.01 6.54 32.42
CB CSO B 345 -0.68 7.89 32.42
SG CSO B 345 -1.35 8.41 34.03
C CSO B 345 -0.90 5.49 31.77
O CSO B 345 -0.72 5.21 30.59
OD CSO B 345 -0.19 8.43 35.19
N VAL B 346 -1.77 4.86 32.55
CA VAL B 346 -2.72 3.88 31.96
C VAL B 346 -4.12 4.41 32.22
N PRO B 347 -4.88 4.79 31.18
CA PRO B 347 -6.24 5.30 31.39
C PRO B 347 -7.03 4.42 32.35
N ILE B 348 -7.90 5.03 33.18
CA ILE B 348 -8.79 4.29 34.12
C ILE B 348 -10.24 4.31 33.62
N LYS B 349 -10.57 5.18 32.67
CA LYS B 349 -11.90 5.25 32.02
C LYS B 349 -11.79 5.98 30.67
N TYR B 350 -12.56 5.49 29.69
CA TYR B 350 -12.82 6.18 28.39
C TYR B 350 -14.30 6.57 28.37
N GLU B 351 -14.63 7.83 28.09
CA GLU B 351 -16.04 8.28 27.95
C GLU B 351 -16.24 8.85 26.54
N ARG B 352 -17.22 8.33 25.80
CA ARG B 352 -17.56 8.84 24.43
C ARG B 352 -18.26 10.19 24.58
N LEU B 353 -17.68 11.26 24.07
CA LEU B 353 -18.29 12.62 23.99
C LEU B 353 -19.04 12.71 22.67
N LYS B 354 -18.44 12.23 21.58
CA LYS B 354 -19.06 12.33 20.23
C LYS B 354 -18.90 10.98 19.52
N LYS B 355 -19.87 10.63 18.67
CA LYS B 355 -19.79 9.48 17.72
C LYS B 355 -19.16 9.97 16.43
N PRO B 356 -18.36 9.16 15.71
CA PRO B 356 -17.98 9.51 14.35
C PRO B 356 -19.24 9.64 13.47
N THR B 357 -19.31 10.70 12.66
CA THR B 357 -20.11 10.75 11.41
C THR B 357 -19.43 9.85 10.35
N ASP B 358 -20.02 9.81 9.15
CA ASP B 358 -19.56 9.00 7.99
C ASP B 358 -18.21 9.52 7.46
N SER B 359 -17.72 10.70 7.90
CA SER B 359 -16.64 11.47 7.26
C SER B 359 -15.82 12.31 8.27
N GLU B 360 -16.30 12.50 9.50
CA GLU B 360 -15.57 13.18 10.60
C GLU B 360 -15.40 12.20 11.77
N PRO B 361 -14.30 12.31 12.55
CA PRO B 361 -14.08 11.46 13.71
C PRO B 361 -14.98 11.90 14.86
N GLY B 362 -15.25 10.97 15.77
CA GLY B 362 -15.86 11.27 17.08
C GLY B 362 -14.90 11.98 18.01
N MET B 363 -15.21 11.95 19.31
CA MET B 363 -14.38 12.53 20.39
C MET B 363 -14.59 11.68 21.65
N ILE B 364 -13.47 11.28 22.26
CA ILE B 364 -13.37 10.48 23.52
C ILE B 364 -12.63 11.32 24.57
N ARG B 365 -13.21 11.37 25.77
CA ARG B 365 -12.62 11.89 27.03
C ARG B 365 -11.87 10.72 27.69
N VAL B 366 -10.54 10.84 27.82
CA VAL B 366 -9.68 9.80 28.45
C VAL B 366 -9.33 10.22 29.88
N HIS B 367 -9.69 9.41 30.89
CA HIS B 367 -9.44 9.68 32.33
C HIS B 367 -8.16 9.00 32.84
N THR B 368 -7.30 9.75 33.54
CA THR B 368 -6.03 9.27 34.14
C THR B 368 -5.88 9.77 35.59
N MET B 369 -5.21 9.00 36.45
CA MET B 369 -4.78 9.42 37.80
C MET B 369 -3.34 9.94 37.70
N GLN B 370 -3.15 11.25 37.82
CA GLN B 370 -1.83 11.92 37.68
C GLN B 370 -1.39 12.43 39.05
N GLU B 371 -0.07 12.39 39.28
CA GLU B 371 0.62 12.47 40.59
C GLU B 371 1.28 13.85 40.74
N ASP B 372 0.85 14.64 41.71
CA ASP B 372 1.49 15.92 42.08
C ASP B 372 2.77 15.57 42.85
N GLU B 373 3.34 16.54 43.57
CA GLU B 373 4.19 16.32 44.77
C GLU B 373 3.34 16.54 46.03
N ASP B 374 2.21 17.26 45.91
CA ASP B 374 1.33 17.65 47.05
C ASP B 374 0.02 16.84 47.03
N GLY B 375 -0.05 15.70 46.32
CA GLY B 375 -1.24 14.83 46.29
C GLY B 375 -1.47 14.20 44.92
N THR B 376 -2.68 13.66 44.68
CA THR B 376 -3.06 12.90 43.44
C THR B 376 -4.32 13.55 42.83
N LYS B 377 -4.38 13.62 41.50
CA LYS B 377 -5.47 14.31 40.74
C LYS B 377 -6.03 13.35 39.68
N GLU B 378 -7.37 13.27 39.57
CA GLU B 378 -8.05 12.78 38.33
C GLU B 378 -7.86 13.86 37.28
N VAL B 379 -7.47 13.44 36.08
CA VAL B 379 -7.14 14.32 34.94
C VAL B 379 -7.85 13.72 33.72
N THR B 380 -8.37 14.58 32.86
CA THR B 380 -9.01 14.19 31.59
C THR B 380 -8.27 14.90 30.47
N GLU B 381 -8.33 14.31 29.29
CA GLU B 381 -7.88 14.93 28.03
C GLU B 381 -8.75 14.33 26.93
N ASP B 382 -9.09 15.16 25.93
CA ASP B 382 -10.02 14.82 24.82
C ASP B 382 -9.19 14.45 23.58
N PHE B 383 -9.54 13.33 22.95
CA PHE B 383 -8.90 12.85 21.69
C PHE B 383 -10.00 12.52 20.68
N ASN B 384 -9.73 12.79 19.39
CA ASN B 384 -10.65 12.41 18.29
C ASN B 384 -10.77 10.88 18.24
N THR B 385 -9.64 10.19 18.40
CA THR B 385 -9.51 8.71 18.24
C THR B 385 -8.52 8.14 19.27
N VAL B 386 -8.88 7.00 19.85
CA VAL B 386 -8.02 6.19 20.74
C VAL B 386 -7.82 4.81 20.10
N LEU B 387 -6.56 4.46 19.85
CA LEU B 387 -6.13 3.15 19.31
C LEU B 387 -5.68 2.29 20.49
N MET B 388 -6.44 1.22 20.75
CA MET B 388 -6.07 0.23 21.78
C MET B 388 -5.07 -0.76 21.17
N ALA B 389 -3.80 -0.64 21.53
CA ALA B 389 -2.69 -1.42 20.91
C ALA B 389 -1.77 -2.00 22.00
N ILE B 390 -2.35 -2.70 22.98
CA ILE B 390 -1.60 -3.20 24.17
C ILE B 390 -1.09 -4.61 23.86
N GLY B 391 -1.79 -5.34 22.99
CA GLY B 391 -1.33 -6.64 22.50
C GLY B 391 -2.36 -7.39 21.67
N ARG B 392 -2.13 -8.68 21.52
CA ARG B 392 -2.91 -9.59 20.65
C ARG B 392 -3.14 -10.91 21.39
N ASP B 393 -4.37 -11.40 21.41
CA ASP B 393 -4.71 -12.65 22.15
C ASP B 393 -5.24 -13.68 21.18
N ALA B 394 -5.03 -14.94 21.52
CA ALA B 394 -5.63 -16.07 20.79
C ALA B 394 -7.08 -16.21 21.25
N MET B 395 -8.03 -16.16 20.33
CA MET B 395 -9.49 -16.24 20.58
C MET B 395 -9.94 -17.66 20.26
N THR B 396 -9.46 -18.63 21.05
CA THR B 396 -9.63 -20.08 20.80
C THR B 396 -10.64 -20.72 21.75
N ASP B 397 -11.38 -19.96 22.57
CA ASP B 397 -12.34 -20.56 23.54
C ASP B 397 -13.46 -21.33 22.82
N ASP B 398 -13.86 -20.88 21.62
CA ASP B 398 -15.07 -21.43 20.93
C ASP B 398 -14.68 -22.40 19.82
N LEU B 399 -13.47 -22.93 19.83
CA LEU B 399 -12.94 -23.84 18.77
C LEU B 399 -13.29 -25.30 19.08
N GLY B 400 -13.74 -25.63 20.28
CA GLY B 400 -14.01 -27.02 20.69
C GLY B 400 -12.74 -27.84 20.80
N LEU B 401 -11.62 -27.23 21.18
CA LEU B 401 -10.34 -27.97 21.37
C LEU B 401 -10.45 -28.97 22.54
N ASP B 402 -11.38 -28.73 23.46
CA ASP B 402 -11.80 -29.70 24.52
C ASP B 402 -12.33 -30.99 23.85
N VAL B 403 -13.03 -30.89 22.72
CA VAL B 403 -13.66 -32.08 22.07
C VAL B 403 -12.57 -32.98 21.47
N VAL B 404 -11.57 -32.40 20.80
N VAL B 404 -11.57 -32.38 20.80
CA VAL B 404 -10.43 -33.20 20.22
CA VAL B 404 -10.42 -33.12 20.18
C VAL B 404 -9.31 -33.37 21.25
C VAL B 404 -9.32 -33.36 21.23
N GLY B 405 -9.40 -32.74 22.42
CA GLY B 405 -8.41 -32.93 23.48
C GLY B 405 -7.08 -32.33 23.07
N VAL B 406 -7.13 -31.10 22.52
CA VAL B 406 -5.96 -30.26 22.16
C VAL B 406 -5.70 -29.31 23.32
N ASN B 407 -4.66 -29.61 24.10
CA ASN B 407 -4.15 -28.79 25.22
C ASN B 407 -3.78 -27.39 24.74
N ARG B 408 -4.24 -26.39 25.50
CA ARG B 408 -3.96 -24.95 25.34
C ARG B 408 -3.21 -24.41 26.56
N ALA B 409 -2.45 -23.34 26.36
CA ALA B 409 -1.83 -22.59 27.48
C ALA B 409 -2.83 -21.58 28.05
N LYS B 410 -2.50 -21.00 29.19
CA LYS B 410 -3.30 -19.95 29.88
C LYS B 410 -3.78 -18.93 28.84
N SER B 411 -2.92 -18.57 27.90
CA SER B 411 -3.09 -17.50 26.91
C SER B 411 -4.02 -17.91 25.77
N GLY B 412 -4.41 -19.20 25.66
CA GLY B 412 -5.33 -19.62 24.59
C GLY B 412 -4.60 -20.23 23.41
N LYS B 413 -3.27 -20.19 23.42
CA LYS B 413 -2.42 -20.73 22.33
C LYS B 413 -2.36 -22.25 22.47
N ILE B 414 -2.18 -22.91 21.34
CA ILE B 414 -2.09 -24.40 21.33
C ILE B 414 -0.65 -24.81 21.70
N ILE B 415 -0.52 -25.81 22.57
CA ILE B 415 0.81 -26.32 23.01
C ILE B 415 1.30 -27.41 22.04
N GLY B 416 2.47 -27.15 21.47
CA GLY B 416 3.08 -27.96 20.43
C GLY B 416 4.15 -28.88 20.95
N ARG B 417 4.23 -30.05 20.31
CA ARG B 417 5.40 -30.95 20.11
C ARG B 417 5.89 -30.61 18.71
N ARG B 418 6.73 -29.60 18.64
CA ARG B 418 6.94 -28.77 17.45
C ARG B 418 5.54 -28.23 17.09
N GLU B 419 5.04 -28.53 15.89
CA GLU B 419 3.74 -28.02 15.38
C GLU B 419 2.61 -29.04 15.68
N GLN B 420 2.91 -30.28 16.07
CA GLN B 420 1.89 -31.30 16.42
C GLN B 420 1.27 -30.90 17.76
N SER B 421 -0.05 -30.91 17.96
CA SER B 421 -0.61 -30.73 19.32
C SER B 421 0.10 -31.72 20.26
N VAL B 422 0.59 -31.23 21.40
CA VAL B 422 1.33 -32.11 22.36
C VAL B 422 0.45 -33.28 22.78
N SER B 423 -0.87 -33.17 22.67
CA SER B 423 -1.85 -34.12 23.29
C SER B 423 -2.71 -34.84 22.24
N CYS B 424 -2.55 -34.56 20.94
CA CYS B 424 -3.42 -35.11 19.86
C CYS B 424 -2.64 -35.18 18.55
N PRO B 425 -2.33 -36.39 18.05
CA PRO B 425 -1.34 -36.53 16.99
C PRO B 425 -1.73 -36.15 15.56
N TYR B 426 -2.99 -35.84 15.27
CA TYR B 426 -3.47 -35.53 13.90
C TYR B 426 -3.98 -34.08 13.83
N VAL B 427 -3.82 -33.35 14.93
CA VAL B 427 -4.04 -31.88 14.97
C VAL B 427 -2.68 -31.19 15.09
N TYR B 428 -2.45 -30.21 14.22
CA TYR B 428 -1.22 -29.40 14.17
C TYR B 428 -1.63 -27.93 14.26
N ALA B 429 -0.71 -27.10 14.71
CA ALA B 429 -0.86 -25.63 14.78
C ALA B 429 0.43 -24.99 14.29
N ILE B 430 0.25 -23.87 13.59
CA ILE B 430 1.33 -22.97 13.10
C ILE B 430 0.87 -21.54 13.28
N GLY B 431 1.83 -20.63 13.15
CA GLY B 431 1.56 -19.19 13.14
C GLY B 431 1.39 -18.72 14.55
N ASP B 432 0.69 -17.60 14.68
CA ASP B 432 0.61 -16.87 15.96
C ASP B 432 0.01 -17.78 17.04
N VAL B 433 -0.83 -18.75 16.68
CA VAL B 433 -1.62 -19.51 17.71
C VAL B 433 -0.78 -20.63 18.32
N LEU B 434 0.39 -20.95 17.74
CA LEU B 434 1.29 -21.98 18.32
C LEU B 434 2.05 -21.37 19.49
N TYR B 435 1.95 -21.97 20.67
CA TYR B 435 2.60 -21.47 21.90
C TYR B 435 4.09 -21.32 21.58
N GLY B 436 4.65 -20.14 21.85
CA GLY B 436 6.09 -19.83 21.67
C GLY B 436 6.49 -19.47 20.25
N SER B 437 5.62 -19.52 19.24
CA SER B 437 5.99 -19.17 17.85
C SER B 437 6.13 -17.66 17.76
N PRO B 438 7.25 -17.12 17.25
CA PRO B 438 7.34 -15.68 17.07
C PRO B 438 6.20 -15.26 16.13
N GLU B 439 5.52 -14.16 16.43
CA GLU B 439 4.29 -13.73 15.74
C GLU B 439 4.66 -12.92 14.49
N LEU B 440 5.14 -13.59 13.43
CA LEU B 440 5.56 -12.94 12.16
C LEU B 440 5.01 -13.73 10.97
N THR B 441 4.64 -13.03 9.89
CA THR B 441 4.05 -13.61 8.68
C THR B 441 4.98 -14.67 8.13
N PRO B 442 6.26 -14.35 7.86
CA PRO B 442 7.16 -15.30 7.19
C PRO B 442 7.44 -16.58 7.99
N VAL B 443 7.31 -16.50 9.30
CA VAL B 443 7.36 -17.66 10.23
C VAL B 443 6.10 -18.52 10.02
N ALA B 444 4.93 -17.88 10.04
CA ALA B 444 3.66 -18.59 9.74
C ALA B 444 3.82 -19.27 8.39
N ILE B 445 4.34 -18.55 7.40
CA ILE B 445 4.46 -19.07 6.01
C ILE B 445 5.46 -20.25 6.01
N GLN B 446 6.62 -20.12 6.63
CA GLN B 446 7.66 -21.18 6.59
C GLN B 446 7.15 -22.42 7.35
N ALA B 447 6.58 -22.22 8.55
CA ALA B 447 6.05 -23.31 9.40
C ALA B 447 5.04 -24.14 8.58
N GLY B 448 4.11 -23.46 7.93
CA GLY B 448 3.09 -24.10 7.09
C GLY B 448 3.75 -24.92 6.00
N LYS B 449 4.61 -24.32 5.20
CA LYS B 449 5.20 -24.98 4.01
C LYS B 449 6.04 -26.18 4.49
N VAL B 450 6.87 -26.00 5.51
CA VAL B 450 7.77 -27.07 6.01
C VAL B 450 6.91 -28.21 6.60
N LEU B 451 5.93 -27.89 7.45
CA LEU B 451 5.08 -28.94 8.06
C LEU B 451 4.49 -29.83 6.96
N MET B 452 3.91 -29.20 5.93
CA MET B 452 3.24 -29.92 4.83
C MET B 452 4.27 -30.85 4.16
N ARG B 453 5.57 -30.51 4.13
CA ARG B 453 6.55 -31.39 3.45
C ARG B 453 6.87 -32.57 4.37
N ARG B 454 6.99 -32.30 5.66
CA ARG B 454 7.17 -33.38 6.68
C ARG B 454 6.00 -34.36 6.57
N LEU B 455 4.75 -33.88 6.71
CA LEU B 455 3.54 -34.74 6.73
C LEU B 455 3.39 -35.58 5.45
N PHE B 456 3.58 -35.00 4.27
CA PHE B 456 3.18 -35.63 2.98
C PHE B 456 4.37 -36.09 2.14
N THR B 457 5.59 -35.86 2.60
CA THR B 457 6.83 -36.31 1.92
C THR B 457 7.68 -37.14 2.88
N GLY B 458 7.47 -37.02 4.20
CA GLY B 458 8.33 -37.69 5.19
C GLY B 458 9.77 -37.21 5.15
N SER B 459 9.99 -35.89 5.14
CA SER B 459 11.32 -35.25 5.24
C SER B 459 11.60 -34.81 6.68
N SER B 460 12.85 -34.52 7.01
CA SER B 460 13.31 -34.20 8.38
C SER B 460 13.46 -32.68 8.55
N GLU B 461 12.97 -31.91 7.57
CA GLU B 461 13.11 -30.44 7.55
C GLU B 461 12.34 -29.82 8.73
N LEU B 462 13.02 -29.05 9.56
CA LEU B 462 12.43 -28.28 10.69
C LEU B 462 12.47 -26.79 10.34
N THR B 463 11.44 -26.06 10.71
CA THR B 463 11.47 -24.59 10.70
C THR B 463 12.49 -24.13 11.74
N GLU B 464 13.31 -23.17 11.40
CA GLU B 464 14.30 -22.57 12.32
C GLU B 464 13.66 -21.32 12.94
N TYR B 465 13.33 -21.43 14.24
CA TYR B 465 12.61 -20.44 15.06
C TYR B 465 13.60 -19.56 15.84
N ASP B 466 14.91 -19.83 15.76
CA ASP B 466 15.94 -19.01 16.44
C ASP B 466 16.54 -17.99 15.44
N LYS B 467 17.05 -16.87 15.95
CA LYS B 467 17.86 -15.88 15.19
C LYS B 467 17.04 -15.35 14.01
N ILE B 468 15.77 -15.14 14.22
CA ILE B 468 14.84 -14.61 13.21
C ILE B 468 15.03 -13.10 13.14
N PRO B 469 15.30 -12.52 11.95
CA PRO B 469 15.40 -11.07 11.84
C PRO B 469 14.01 -10.44 11.88
N THR B 470 13.94 -9.25 12.47
CA THR B 470 12.75 -8.38 12.42
C THR B 470 13.17 -6.96 12.06
N THR B 471 12.14 -6.21 11.71
CA THR B 471 12.18 -4.76 11.57
C THR B 471 10.90 -4.22 12.19
N VAL B 472 11.05 -3.28 13.11
CA VAL B 472 10.00 -2.36 13.61
C VAL B 472 10.00 -1.12 12.71
N PHE B 473 8.89 -0.90 12.01
CA PHE B 473 8.75 0.15 10.98
C PHE B 473 8.30 1.46 11.63
N THR B 474 8.99 1.86 12.70
CA THR B 474 8.89 3.19 13.33
C THR B 474 9.37 4.24 12.31
N PRO B 475 9.13 5.55 12.55
CA PRO B 475 9.46 6.59 11.58
C PRO B 475 10.90 6.44 11.06
N LEU B 476 11.85 6.21 11.96
CA LEU B 476 13.22 5.69 11.68
C LEU B 476 13.19 4.19 12.02
N GLU B 477 13.41 3.33 11.03
CA GLU B 477 13.16 1.89 11.11
C GLU B 477 14.21 1.22 12.02
N TYR B 478 13.80 0.18 12.75
CA TYR B 478 14.69 -0.57 13.67
C TYR B 478 14.78 -2.02 13.22
N GLY B 479 15.96 -2.40 12.75
CA GLY B 479 16.22 -3.77 12.25
C GLY B 479 17.02 -4.54 13.28
N SER B 480 16.68 -5.81 13.51
CA SER B 480 17.47 -6.63 14.47
C SER B 480 17.40 -8.10 14.13
N CYS B 481 18.38 -8.80 14.69
CA CYS B 481 18.55 -10.27 14.60
C CYS B 481 19.41 -10.72 15.79
N GLY B 482 18.97 -11.73 16.54
CA GLY B 482 19.76 -12.34 17.62
C GLY B 482 19.58 -11.62 18.95
N LEU B 483 20.55 -11.72 19.84
CA LEU B 483 20.33 -11.31 21.24
C LEU B 483 20.36 -9.79 21.32
N SER B 484 19.61 -9.25 22.27
CA SER B 484 19.82 -7.88 22.78
C SER B 484 21.16 -7.85 23.52
N GLU B 485 21.73 -6.66 23.67
CA GLU B 485 22.93 -6.43 24.52
C GLU B 485 22.68 -7.00 25.92
N TYR B 486 21.50 -6.76 26.47
CA TYR B 486 21.15 -7.17 27.84
C TYR B 486 21.11 -8.71 27.90
N SER B 487 20.42 -9.39 26.99
CA SER B 487 20.28 -10.87 27.04
C SER B 487 21.67 -11.52 26.97
N ALA B 488 22.55 -10.98 26.11
CA ALA B 488 23.93 -11.48 25.93
C ALA B 488 24.70 -11.34 27.25
N ILE B 489 24.63 -10.15 27.84
CA ILE B 489 25.34 -9.86 29.13
C ILE B 489 24.76 -10.75 30.23
N GLN B 490 23.43 -10.82 30.38
CA GLN B 490 22.73 -11.69 31.36
C GLN B 490 23.22 -13.15 31.15
N LYS B 491 23.28 -13.63 29.92
CA LYS B 491 23.61 -15.06 29.67
C LYS B 491 25.12 -15.36 29.80
N TYR B 492 26.04 -14.46 29.39
CA TYR B 492 27.48 -14.82 29.24
C TYR B 492 28.40 -14.01 30.17
N GLY B 493 27.92 -12.91 30.74
CA GLY B 493 28.70 -12.02 31.61
C GLY B 493 29.24 -10.83 30.84
N LYS B 494 29.15 -9.65 31.45
CA LYS B 494 29.72 -8.36 30.96
C LYS B 494 31.11 -8.63 30.40
N GLU B 495 31.92 -9.40 31.14
CA GLU B 495 33.36 -9.61 30.87
C GLU B 495 33.52 -10.34 29.53
N ASN B 496 32.54 -11.12 29.05
CA ASN B 496 32.69 -11.98 27.85
C ASN B 496 31.90 -11.44 26.64
N ILE B 497 31.46 -10.19 26.70
CA ILE B 497 30.69 -9.59 25.58
C ILE B 497 31.49 -8.41 25.04
N ASN B 498 31.72 -8.39 23.74
CA ASN B 498 32.16 -7.16 23.03
C ASN B 498 30.94 -6.60 22.30
N VAL B 499 30.67 -5.32 22.47
CA VAL B 499 29.68 -4.56 21.69
C VAL B 499 30.46 -3.59 20.80
N TYR B 500 30.38 -3.81 19.49
CA TYR B 500 31.00 -2.89 18.51
C TYR B 500 29.88 -2.00 17.97
N HIS B 501 30.13 -0.70 17.83
CA HIS B 501 29.02 0.23 17.43
C HIS B 501 29.54 1.45 16.69
N ASN B 502 28.62 2.15 16.03
CA ASN B 502 28.92 3.43 15.36
C ASN B 502 27.65 4.22 15.13
N VAL B 503 27.79 5.54 14.97
CA VAL B 503 26.75 6.40 14.37
C VAL B 503 27.15 6.63 12.91
N PHE B 504 26.25 7.16 12.11
CA PHE B 504 26.46 7.37 10.66
C PHE B 504 25.32 8.25 10.18
N ILE B 505 25.56 8.95 9.09
CA ILE B 505 24.53 9.76 8.41
C ILE B 505 24.31 9.10 7.05
N PRO B 506 23.16 8.47 6.82
CA PRO B 506 22.81 8.09 5.47
C PRO B 506 23.07 9.26 4.51
N LEU B 507 23.81 8.99 3.44
CA LEU B 507 24.24 10.03 2.47
C LEU B 507 23.00 10.79 1.95
N GLU B 508 21.86 10.16 1.83
CA GLU B 508 20.57 10.78 1.39
C GLU B 508 20.17 11.95 2.29
N TYR B 509 20.66 11.99 3.53
CA TYR B 509 20.24 12.98 4.56
C TYR B 509 21.27 14.11 4.63
N ALA B 510 22.48 13.91 4.08
CA ALA B 510 23.69 14.76 4.22
C ALA B 510 23.40 16.22 3.91
N VAL B 511 22.53 16.47 2.94
CA VAL B 511 22.22 17.78 2.29
C VAL B 511 21.00 18.39 2.96
N THR B 512 20.33 17.64 3.83
CA THR B 512 19.09 18.08 4.51
C THR B 512 19.42 18.49 5.94
N GLU B 513 18.45 18.97 6.72
CA GLU B 513 18.65 19.26 8.17
C GLU B 513 17.68 18.33 8.90
N ARG B 514 17.60 17.08 8.45
CA ARG B 514 16.68 16.08 9.04
C ARG B 514 17.12 15.75 10.46
N LYS B 515 16.16 15.43 11.31
CA LYS B 515 16.43 15.07 12.73
C LYS B 515 17.14 13.72 12.75
N GLU B 516 16.78 12.85 11.83
CA GLU B 516 17.41 11.50 11.64
C GLU B 516 18.96 11.56 11.62
N LYS B 517 19.56 12.66 11.15
CA LYS B 517 21.04 12.81 11.01
C LYS B 517 21.77 12.55 12.34
N THR B 518 21.10 12.68 13.48
CA THR B 518 21.73 12.49 14.82
C THR B 518 21.23 11.22 15.49
N HIS B 519 20.38 10.40 14.85
CA HIS B 519 19.75 9.22 15.51
C HIS B 519 20.17 7.86 14.90
N CYS B 520 20.78 7.84 13.71
CA CYS B 520 21.15 6.57 13.04
C CYS B 520 22.33 5.96 13.81
N TYR B 521 22.21 4.69 14.17
CA TYR B 521 23.10 3.94 15.07
C TYR B 521 23.04 2.47 14.67
N CYS B 522 24.16 1.76 14.72
CA CYS B 522 24.16 0.30 14.60
C CYS B 522 25.05 -0.31 15.67
N LYS B 523 24.72 -1.52 16.10
CA LYS B 523 25.64 -2.23 17.00
C LYS B 523 25.60 -3.72 16.74
N LEU B 524 26.73 -4.33 17.06
CA LEU B 524 27.07 -5.74 16.81
C LEU B 524 27.51 -6.32 18.15
N ILE B 525 26.80 -7.37 18.56
CA ILE B 525 26.98 -7.98 19.90
C ILE B 525 27.69 -9.32 19.72
N CYS B 526 28.84 -9.45 20.40
CA CYS B 526 29.85 -10.48 20.13
C CYS B 526 30.23 -11.21 21.42
N LEU B 527 30.41 -12.51 21.28
CA LEU B 527 30.90 -13.40 22.38
C LEU B 527 32.42 -13.38 22.35
N LYS B 528 33.04 -12.58 23.22
CA LYS B 528 34.50 -12.32 23.26
C LYS B 528 35.29 -13.63 23.34
N ASN B 529 34.82 -14.60 24.13
CA ASN B 529 35.63 -15.83 24.45
C ASN B 529 35.47 -16.84 23.31
N GLU B 530 34.66 -16.56 22.27
CA GLU B 530 34.52 -17.46 21.08
C GLU B 530 34.72 -16.67 19.79
N GLN B 531 35.84 -15.94 19.74
CA GLN B 531 36.40 -15.22 18.56
C GLN B 531 35.42 -14.16 18.10
N ASP B 532 34.73 -13.51 19.04
CA ASP B 532 33.72 -12.46 18.74
C ASP B 532 32.67 -13.08 17.81
N LEU B 533 32.22 -14.31 18.12
CA LEU B 533 31.00 -14.92 17.54
C LEU B 533 29.88 -13.88 17.60
N ILE B 534 29.14 -13.70 16.50
CA ILE B 534 28.08 -12.69 16.49
C ILE B 534 26.81 -13.31 17.05
N LEU B 535 26.32 -12.73 18.14
CA LEU B 535 25.16 -13.16 18.93
C LEU B 535 23.92 -12.38 18.50
N GLY B 536 24.14 -11.14 18.04
CA GLY B 536 23.05 -10.27 17.57
C GLY B 536 23.57 -9.02 16.89
N PHE B 537 22.72 -8.40 16.09
CA PHE B 537 23.01 -7.05 15.56
C PHE B 537 21.73 -6.23 15.55
N HIS B 538 21.90 -4.90 15.61
CA HIS B 538 20.78 -3.95 15.78
C HIS B 538 21.08 -2.70 14.95
N ILE B 539 20.11 -2.20 14.20
CA ILE B 539 20.39 -0.97 13.43
C ILE B 539 19.15 -0.07 13.38
N LEU B 540 19.41 1.22 13.50
CA LEU B 540 18.41 2.30 13.48
C LEU B 540 18.76 3.14 12.25
N THR B 541 17.94 3.05 11.20
CA THR B 541 18.26 3.61 9.87
C THR B 541 17.02 3.57 8.98
N PRO B 542 16.95 4.36 7.90
CA PRO B 542 16.07 4.06 6.78
C PRO B 542 16.45 2.69 6.20
N ASN B 543 15.45 1.97 5.68
CA ASN B 543 15.57 0.67 4.98
C ASN B 543 16.19 -0.40 5.88
N ALA B 544 15.94 -0.33 7.18
CA ALA B 544 16.44 -1.29 8.18
C ALA B 544 16.10 -2.74 7.77
N GLY B 545 14.87 -2.94 7.31
CA GLY B 545 14.43 -4.25 6.82
C GLY B 545 15.31 -4.72 5.70
N GLU B 546 15.66 -3.85 4.75
CA GLU B 546 16.36 -4.30 3.53
C GLU B 546 17.81 -4.62 3.94
N ILE B 547 18.34 -3.95 4.95
CA ILE B 547 19.73 -4.12 5.41
C ILE B 547 19.81 -5.40 6.25
N THR B 548 18.86 -5.59 7.16
CA THR B 548 18.92 -6.63 8.20
C THR B 548 18.78 -8.02 7.56
N GLN B 549 17.99 -8.15 6.50
CA GLN B 549 17.55 -9.46 5.96
C GLN B 549 18.78 -10.32 5.63
N GLY B 550 19.71 -9.81 4.85
CA GLY B 550 20.86 -10.57 4.32
C GLY B 550 21.90 -10.79 5.38
N PHE B 551 22.15 -9.79 6.22
CA PHE B 551 23.09 -9.90 7.36
C PHE B 551 22.62 -11.02 8.31
N ALA B 552 21.31 -11.21 8.44
CA ALA B 552 20.72 -12.27 9.29
C ALA B 552 21.26 -13.64 8.90
N ILE B 553 21.55 -13.88 7.64
CA ILE B 553 22.09 -15.22 7.22
C ILE B 553 23.46 -15.45 7.89
N ALA B 554 24.18 -14.42 8.34
CA ALA B 554 25.50 -14.61 8.96
C ALA B 554 25.33 -15.48 10.21
N LEU B 555 24.21 -15.36 10.91
CA LEU B 555 24.02 -16.09 12.19
C LEU B 555 23.79 -17.59 11.96
N LYS B 556 23.36 -17.99 10.77
CA LYS B 556 23.17 -19.42 10.38
C LYS B 556 24.53 -20.11 10.20
N PHE B 557 25.62 -19.37 10.08
CA PHE B 557 26.98 -19.94 9.86
C PHE B 557 27.90 -19.59 11.03
N ASP B 558 27.39 -19.13 12.19
CA ASP B 558 28.24 -18.84 13.38
C ASP B 558 29.32 -17.81 12.98
N ALA B 559 28.95 -16.84 12.17
CA ALA B 559 29.78 -15.70 11.74
C ALA B 559 30.43 -15.04 12.95
N LYS B 560 31.69 -14.67 12.77
CA LYS B 560 32.51 -13.92 13.75
C LYS B 560 32.62 -12.46 13.30
N LYS B 561 32.97 -11.57 14.19
CA LYS B 561 33.35 -10.18 13.81
C LYS B 561 34.28 -10.16 12.59
N ALA B 562 35.30 -11.03 12.61
CA ALA B 562 36.31 -11.15 11.52
C ALA B 562 35.63 -11.37 10.14
N ASP B 563 34.48 -12.03 10.12
CA ASP B 563 33.73 -12.31 8.88
C ASP B 563 33.06 -11.02 8.41
N PHE B 564 32.55 -10.21 9.35
CA PHE B 564 31.97 -8.90 9.01
C PHE B 564 33.12 -8.04 8.50
N ASP B 565 34.30 -8.13 9.11
CA ASP B 565 35.43 -7.23 8.74
C ASP B 565 36.05 -7.59 7.38
N ARG B 566 35.92 -8.82 6.89
CA ARG B 566 36.60 -9.22 5.62
C ARG B 566 35.57 -9.13 4.47
N LEU B 567 34.33 -8.89 4.78
CA LEU B 567 33.29 -8.57 3.80
C LEU B 567 33.56 -7.15 3.32
N ILE B 568 33.65 -6.97 2.01
CA ILE B 568 33.89 -5.66 1.37
C ILE B 568 32.55 -4.94 1.27
N GLY B 569 32.52 -3.67 1.68
CA GLY B 569 31.31 -2.87 1.56
C GLY B 569 30.96 -2.54 0.13
N ILE B 570 29.69 -2.17 -0.04
CA ILE B 570 29.16 -1.42 -1.20
C ILE B 570 29.06 0.03 -0.76
N HIS B 571 29.69 0.91 -1.52
CA HIS B 571 29.70 2.36 -1.23
C HIS B 571 28.94 3.08 -2.34
N PRO B 572 28.12 4.09 -2.02
CA PRO B 572 27.79 4.46 -0.65
C PRO B 572 26.45 3.88 -0.18
N THR B 573 26.41 3.23 0.98
CA THR B 573 25.18 2.61 1.52
C THR B 573 25.25 2.76 3.02
N VAL B 574 24.15 2.60 3.71
CA VAL B 574 24.19 2.43 5.19
C VAL B 574 24.78 1.05 5.55
N ALA B 575 24.34 -0.01 4.87
CA ALA B 575 24.68 -1.44 5.15
C ALA B 575 26.19 -1.62 5.31
N GLU B 576 27.01 -0.92 4.56
CA GLU B 576 28.48 -1.14 4.60
C GLU B 576 29.01 -0.80 6.00
N ASN B 577 28.24 -0.07 6.79
CA ASN B 577 28.69 0.31 8.15
C ASN B 577 28.96 -0.96 8.95
N PHE B 578 28.27 -2.09 8.70
CA PHE B 578 28.50 -3.32 9.48
C PHE B 578 29.89 -3.90 9.16
N THR B 579 30.58 -3.32 8.20
CA THR B 579 31.84 -3.84 7.60
C THR B 579 33.08 -3.20 8.27
N THR B 580 32.94 -2.07 8.96
CA THR B 580 34.08 -1.23 9.43
C THR B 580 33.89 -0.81 10.89
N LEU B 581 33.15 -1.56 11.71
CA LEU B 581 33.04 -1.28 13.16
C LEU B 581 34.37 -1.54 13.88
N THR B 582 34.87 -0.57 14.63
CA THR B 582 36.11 -0.68 15.42
C THR B 582 35.86 -0.26 16.87
N LEU B 583 34.94 0.68 17.12
CA LEU B 583 34.63 1.26 18.44
C LEU B 583 33.85 0.27 19.29
N VAL B 584 34.40 0.04 20.49
CA VAL B 584 33.84 -0.85 21.54
C VAL B 584 33.03 0.04 22.48
N LYS B 585 31.81 -0.39 22.78
CA LYS B 585 30.95 0.32 23.74
C LYS B 585 31.48 -0.02 25.13
N GLU B 586 32.01 0.97 25.85
CA GLU B 586 32.58 0.76 27.20
C GLU B 586 33.57 -0.41 27.16
N GLY B 595 52.39 -1.43 16.71
CA GLY B 595 53.86 -1.24 16.77
C GLY B 595 54.57 -2.49 17.27
N CYS B 596 55.39 -3.11 16.40
CA CYS B 596 56.33 -4.23 16.71
C CYS B 596 57.19 -3.74 17.89
N SEC B 597 56.95 -4.27 19.08
CA SEC B 597 57.62 -3.82 20.30
C SEC B 597 59.07 -4.35 20.35
N GLY B 598 59.35 -5.41 19.58
CA GLY B 598 60.73 -5.79 19.27
C GLY B 598 61.33 -6.73 20.31
N ALA C 14 -16.12 7.62 -24.68
CA ALA C 14 -17.29 8.37 -24.15
C ALA C 14 -18.54 7.93 -24.91
N ASP C 15 -19.14 8.82 -25.70
CA ASP C 15 -20.39 8.44 -26.40
C ASP C 15 -20.14 7.26 -27.33
N ALA C 16 -19.01 7.23 -28.04
CA ALA C 16 -18.73 6.09 -28.94
C ALA C 16 -18.64 4.79 -28.11
N VAL C 17 -17.97 4.88 -26.96
CA VAL C 17 -17.80 3.71 -26.06
C VAL C 17 -19.18 3.22 -25.64
N PHE C 18 -20.03 4.16 -25.24
CA PHE C 18 -21.39 3.81 -24.74
C PHE C 18 -22.22 3.19 -25.86
N LYS C 19 -22.15 3.72 -27.09
CA LYS C 19 -22.96 3.13 -28.18
C LYS C 19 -22.48 1.69 -28.40
N SER C 20 -21.16 1.48 -28.43
CA SER C 20 -20.70 0.09 -28.66
C SER C 20 -21.16 -0.80 -27.50
N ALA C 21 -21.05 -0.29 -26.27
CA ALA C 21 -21.40 -1.09 -25.08
C ALA C 21 -22.87 -1.46 -25.13
N CYS C 22 -23.74 -0.55 -25.55
CA CYS C 22 -25.19 -0.82 -25.63
C CYS C 22 -25.41 -1.83 -26.75
N GLU C 23 -24.55 -1.74 -27.77
CA GLU C 23 -24.69 -2.56 -29.02
C GLU C 23 -24.19 -3.99 -28.78
N GLU C 24 -23.14 -4.15 -27.96
CA GLU C 24 -22.39 -5.42 -27.78
C GLU C 24 -22.88 -6.16 -26.53
N ARG C 25 -22.84 -7.50 -26.59
CA ARG C 25 -23.28 -8.44 -25.52
C ARG C 25 -22.36 -8.28 -24.30
N ILE C 26 -21.05 -8.46 -24.51
CA ILE C 26 -20.02 -8.36 -23.44
C ILE C 26 -18.90 -7.47 -23.97
N LEU C 27 -18.69 -6.34 -23.29
CA LEU C 27 -17.65 -5.32 -23.62
C LEU C 27 -16.78 -5.10 -22.38
N LEU C 28 -15.47 -5.18 -22.58
CA LEU C 28 -14.43 -4.83 -21.58
C LEU C 28 -13.83 -3.47 -21.96
N ALA C 29 -14.11 -2.44 -21.16
CA ALA C 29 -13.61 -1.06 -21.28
C ALA C 29 -12.41 -0.90 -20.33
N TYR C 30 -11.34 -0.24 -20.81
CA TYR C 30 -9.93 -0.33 -20.31
C TYR C 30 -9.87 -1.14 -19.01
N PRO C 35 -3.94 -4.97 -12.81
CA PRO C 35 -4.65 -5.07 -14.09
C PRO C 35 -4.41 -6.41 -14.78
N ASP C 36 -5.11 -7.47 -14.33
CA ASP C 36 -4.94 -8.81 -14.93
C ASP C 36 -5.38 -8.75 -16.39
N MET C 37 -6.48 -8.03 -16.67
CA MET C 37 -7.08 -8.03 -18.03
C MET C 37 -7.16 -9.49 -18.46
N THR C 38 -6.68 -10.42 -17.61
CA THR C 38 -6.75 -11.81 -18.12
C THR C 38 -7.78 -12.60 -17.29
N LYS C 39 -7.61 -12.62 -15.96
CA LYS C 39 -8.48 -13.37 -15.02
C LYS C 39 -9.93 -12.84 -15.07
N VAL C 40 -10.23 -11.79 -15.85
CA VAL C 40 -11.61 -11.40 -16.24
C VAL C 40 -12.08 -12.32 -17.38
N VAL C 41 -11.36 -12.29 -18.51
CA VAL C 41 -11.64 -13.11 -19.73
C VAL C 41 -11.68 -14.60 -19.31
N ASN C 42 -10.72 -15.03 -18.47
CA ASN C 42 -10.71 -16.37 -17.82
C ASN C 42 -12.04 -16.61 -17.08
N LEU C 43 -12.50 -15.65 -16.28
CA LEU C 43 -13.76 -15.79 -15.47
C LEU C 43 -14.94 -15.94 -16.43
N PHE C 44 -15.00 -15.12 -17.50
CA PHE C 44 -16.14 -15.14 -18.46
C PHE C 44 -16.11 -16.40 -19.33
N SER C 45 -14.92 -16.90 -19.70
CA SER C 45 -14.74 -18.15 -20.48
C SER C 45 -15.54 -19.29 -19.86
N LYS C 46 -15.83 -19.20 -18.56
CA LYS C 46 -16.61 -20.25 -17.87
C LYS C 46 -18.02 -20.37 -18.49
N TYR C 47 -18.67 -19.24 -18.81
CA TYR C 47 -20.04 -19.32 -19.40
C TYR C 47 -20.13 -18.61 -20.75
N ASN C 48 -19.67 -17.36 -20.78
CA ASN C 48 -19.83 -16.45 -21.94
C ASN C 48 -18.91 -16.77 -23.13
N GLU C 49 -19.27 -16.22 -24.29
CA GLU C 49 -18.48 -16.31 -25.55
C GLU C 49 -18.32 -14.90 -26.13
N THR C 50 -17.18 -14.58 -26.75
CA THR C 50 -16.89 -13.29 -27.47
C THR C 50 -16.80 -11.93 -26.74
N VAL C 51 -15.78 -11.72 -25.88
CA VAL C 51 -15.59 -10.48 -25.06
C VAL C 51 -15.02 -9.37 -25.96
N ASN C 52 -15.79 -8.32 -26.24
CA ASN C 52 -15.34 -7.16 -27.06
C ASN C 52 -14.46 -6.24 -26.19
N THR C 53 -13.65 -5.37 -26.82
CA THR C 53 -12.62 -4.51 -26.16
C THR C 53 -12.73 -3.06 -26.62
N VAL C 54 -12.44 -2.11 -25.70
CA VAL C 54 -12.23 -0.65 -25.93
C VAL C 54 -11.39 -0.12 -24.75
N ARG C 55 -10.25 0.52 -25.05
CA ARG C 55 -9.32 1.07 -24.02
C ARG C 55 -9.63 2.54 -23.70
N VAL C 56 -10.55 3.15 -24.46
CA VAL C 56 -11.02 4.57 -24.28
C VAL C 56 -9.95 5.67 -24.41
N SER C 57 -9.79 6.51 -23.38
CA SER C 57 -8.76 7.59 -23.30
C SER C 57 -8.51 7.96 -21.84
N ASN C 58 -7.41 8.66 -21.54
CA ASN C 58 -7.09 9.02 -20.13
C ASN C 58 -8.04 10.12 -19.63
N ASP C 59 -8.20 11.19 -20.41
CA ASP C 59 -8.97 12.40 -19.99
C ASP C 59 -10.45 12.18 -20.30
N ALA C 60 -10.88 10.92 -20.45
CA ALA C 60 -12.29 10.49 -20.56
C ALA C 60 -12.71 9.62 -19.36
N VAL C 61 -11.76 8.97 -18.68
CA VAL C 61 -12.05 7.95 -17.63
C VAL C 61 -12.81 8.61 -16.48
N LYS C 62 -12.26 9.69 -15.90
CA LYS C 62 -12.82 10.41 -14.72
C LYS C 62 -14.29 10.78 -14.97
N ASP C 63 -14.60 11.22 -16.20
CA ASP C 63 -15.98 11.49 -16.70
C ASP C 63 -16.83 10.22 -16.66
N ILE C 64 -16.33 9.11 -17.22
CA ILE C 64 -17.08 7.82 -17.30
C ILE C 64 -17.36 7.33 -15.89
N LEU C 65 -16.38 7.41 -14.99
CA LEU C 65 -16.51 6.92 -13.59
C LEU C 65 -17.55 7.76 -12.85
N GLU C 66 -17.51 9.09 -13.03
CA GLU C 66 -18.48 10.03 -12.38
C GLU C 66 -19.90 9.61 -12.77
N ILE C 67 -20.13 9.39 -14.07
CA ILE C 67 -21.46 9.05 -14.65
C ILE C 67 -22.02 7.76 -13.99
N VAL C 68 -21.26 6.66 -14.00
CA VAL C 68 -21.75 5.32 -13.53
C VAL C 68 -21.65 5.25 -11.99
N GLY C 69 -20.88 6.15 -11.38
CA GLY C 69 -20.76 6.30 -9.92
C GLY C 69 -19.95 5.19 -9.30
N TRP C 70 -18.80 4.82 -9.91
CA TRP C 70 -17.86 3.88 -9.27
C TRP C 70 -16.51 4.57 -9.08
N PRO C 71 -15.79 4.25 -7.97
CA PRO C 71 -14.42 4.72 -7.77
C PRO C 71 -13.49 4.10 -8.84
N SER C 72 -12.46 4.85 -9.22
CA SER C 72 -11.63 4.66 -10.45
C SER C 72 -11.52 3.13 -10.46
N MET C 73 -12.15 2.49 -11.47
CA MET C 73 -11.97 1.07 -11.88
C MET C 73 -11.95 0.98 -13.40
N PRO C 74 -11.23 -0.02 -13.96
CA PRO C 74 -11.47 -0.54 -15.31
C PRO C 74 -12.52 -1.68 -15.31
N LEU C 75 -13.76 -1.40 -15.72
CA LEU C 75 -14.96 -2.26 -15.47
C LEU C 75 -15.60 -2.75 -16.78
N ILE C 76 -16.60 -3.62 -16.67
CA ILE C 76 -17.18 -4.44 -17.80
C ILE C 76 -18.69 -4.20 -17.97
N PHE C 77 -19.17 -4.42 -19.20
CA PHE C 77 -20.62 -4.33 -19.56
C PHE C 77 -21.15 -5.73 -19.91
N VAL C 78 -22.40 -6.01 -19.50
CA VAL C 78 -23.18 -7.23 -19.84
C VAL C 78 -24.58 -6.80 -20.30
N LYS C 79 -24.89 -7.00 -21.58
CA LYS C 79 -26.17 -6.60 -22.23
C LYS C 79 -26.50 -5.15 -21.88
N GLY C 80 -25.53 -4.25 -22.10
CA GLY C 80 -25.51 -2.87 -21.55
C GLY C 80 -25.24 -2.98 -20.07
N ASN C 81 -25.91 -2.20 -19.23
CA ASN C 81 -25.82 -2.45 -17.77
C ASN C 81 -24.58 -2.61 -16.89
N CYS C 82 -23.82 -1.53 -16.66
CA CYS C 82 -22.39 -1.48 -16.29
C CYS C 82 -22.18 -2.23 -14.97
N CYS C 83 -21.29 -3.24 -14.98
CA CYS C 83 -20.99 -4.13 -13.81
C CYS C 83 -19.77 -3.63 -13.04
N GLY C 84 -19.81 -3.69 -11.70
CA GLY C 84 -18.63 -3.53 -10.82
C GLY C 84 -18.93 -2.60 -9.66
N GLU C 88 -18.44 -7.28 -8.96
CA GLU C 88 -17.40 -7.94 -8.14
C GLU C 88 -17.99 -9.15 -7.36
N LEU C 89 -19.31 -9.15 -7.13
CA LEU C 89 -20.03 -10.17 -6.32
C LEU C 89 -19.75 -11.58 -6.87
N TYR C 90 -20.02 -11.79 -8.16
CA TYR C 90 -19.87 -13.06 -8.92
C TYR C 90 -18.58 -13.81 -8.55
N SER C 95 -21.93 -16.11 -6.81
CA SER C 95 -23.30 -16.23 -6.26
C SER C 95 -24.22 -16.99 -7.22
N GLY C 96 -23.75 -17.30 -8.44
CA GLY C 96 -24.53 -17.97 -9.51
C GLY C 96 -25.41 -17.00 -10.29
N PHE C 97 -25.49 -15.73 -9.88
CA PHE C 97 -26.35 -14.69 -10.50
C PHE C 97 -25.93 -14.46 -11.97
N LEU C 98 -24.61 -14.46 -12.22
CA LEU C 98 -24.03 -14.16 -13.56
C LEU C 98 -24.45 -15.24 -14.54
N ASN C 99 -24.43 -16.50 -14.10
CA ASN C 99 -24.84 -17.67 -14.90
C ASN C 99 -26.28 -17.48 -15.38
N GLU C 100 -27.17 -17.10 -14.46
CA GLU C 100 -28.61 -16.93 -14.75
C GLU C 100 -28.80 -15.64 -15.59
N TRP C 101 -27.96 -14.62 -15.38
CA TRP C 101 -28.04 -13.32 -16.11
C TRP C 101 -27.82 -13.54 -17.61
N LEU C 102 -26.83 -14.35 -17.98
CA LEU C 102 -26.39 -14.54 -19.39
C LEU C 102 -27.43 -15.32 -20.21
N LYS C 103 -28.40 -15.96 -19.53
CA LYS C 103 -29.51 -16.67 -20.23
C LYS C 103 -30.44 -15.69 -20.92
N GLU C 104 -31.14 -16.18 -21.95
CA GLU C 104 -32.34 -15.55 -22.57
C GLU C 104 -33.43 -15.46 -21.49
N HIS C 105 -34.16 -14.35 -21.46
CA HIS C 105 -35.30 -14.14 -20.52
C HIS C 105 -36.53 -13.70 -21.33
N GLU C 106 -37.71 -13.84 -20.73
CA GLU C 106 -39.02 -13.55 -21.37
C GLU C 106 -39.09 -12.06 -21.78
N TYR C 107 -38.63 -11.15 -20.92
CA TYR C 107 -38.76 -9.67 -21.11
C TYR C 107 -37.38 -9.00 -21.07
N ASP C 108 -37.20 -7.93 -21.84
CA ASP C 108 -35.95 -7.12 -21.79
C ASP C 108 -35.93 -6.37 -20.47
N LEU C 109 -37.12 -6.00 -19.98
CA LEU C 109 -37.31 -5.16 -18.78
C LEU C 109 -38.64 -5.49 -18.11
N ALA C 110 -38.62 -5.74 -16.81
CA ALA C 110 -39.85 -5.84 -15.99
C ALA C 110 -39.95 -4.61 -15.09
N ILE C 111 -41.09 -3.93 -15.16
CA ILE C 111 -41.36 -2.68 -14.41
C ILE C 111 -42.37 -2.99 -13.32
N VAL C 112 -41.97 -2.83 -12.07
CA VAL C 112 -42.87 -3.01 -10.89
C VAL C 112 -43.41 -1.66 -10.50
N GLY C 113 -44.64 -1.35 -10.91
CA GLY C 113 -45.38 -0.10 -10.58
C GLY C 113 -45.97 0.53 -11.83
N GLY C 114 -47.27 0.82 -11.82
CA GLY C 114 -48.02 1.42 -12.95
C GLY C 114 -48.44 2.84 -12.64
N GLY C 115 -47.49 3.59 -12.09
CA GLY C 115 -47.66 5.01 -11.73
C GLY C 115 -46.90 5.90 -12.67
N SER C 116 -46.70 7.15 -12.23
CA SER C 116 -46.07 8.22 -13.02
C SER C 116 -44.79 7.66 -13.65
N GLY C 117 -43.87 7.15 -12.82
CA GLY C 117 -42.55 6.69 -13.26
C GLY C 117 -42.65 5.43 -14.09
N GLY C 118 -43.30 4.41 -13.53
CA GLY C 118 -43.49 3.12 -14.23
C GLY C 118 -44.01 3.30 -15.64
N LEU C 119 -45.09 4.09 -15.82
CA LEU C 119 -45.78 4.19 -17.13
C LEU C 119 -44.90 4.96 -18.12
N ALA C 120 -44.25 6.02 -17.64
CA ALA C 120 -43.32 6.84 -18.43
C ALA C 120 -42.15 5.95 -18.89
N ALA C 121 -41.57 5.17 -17.98
CA ALA C 121 -40.48 4.22 -18.34
C ALA C 121 -41.04 3.20 -19.35
N ALA C 122 -42.24 2.68 -19.12
CA ALA C 122 -42.85 1.70 -20.06
C ALA C 122 -42.94 2.32 -21.46
N LYS C 123 -43.51 3.52 -21.58
CA LYS C 123 -43.71 4.17 -22.90
C LYS C 123 -42.35 4.38 -23.56
N GLU C 124 -41.35 4.83 -22.81
CA GLU C 124 -40.03 5.17 -23.40
C GLU C 124 -39.29 3.88 -23.80
N ALA C 125 -39.29 2.83 -22.96
CA ALA C 125 -38.63 1.54 -23.30
C ALA C 125 -39.22 1.00 -24.61
N VAL C 126 -40.54 1.03 -24.75
CA VAL C 126 -41.24 0.45 -25.94
C VAL C 126 -40.90 1.29 -27.19
N ARG C 127 -40.89 2.61 -27.08
CA ARG C 127 -40.48 3.51 -28.20
C ARG C 127 -39.07 3.13 -28.67
N LEU C 128 -38.22 2.60 -27.79
CA LEU C 128 -36.84 2.16 -28.12
C LEU C 128 -36.82 0.68 -28.51
N GLY C 129 -37.98 0.09 -28.78
CA GLY C 129 -38.15 -1.22 -29.46
C GLY C 129 -37.92 -2.43 -28.55
N LYS C 130 -38.20 -2.31 -27.25
CA LYS C 130 -37.88 -3.32 -26.23
C LYS C 130 -39.16 -4.04 -25.77
N LYS C 131 -39.03 -5.32 -25.42
CA LYS C 131 -40.16 -6.13 -24.86
C LYS C 131 -40.20 -5.87 -23.36
N VAL C 132 -41.31 -5.32 -22.91
CA VAL C 132 -41.46 -4.75 -21.54
C VAL C 132 -42.74 -5.29 -20.92
N VAL C 133 -42.68 -5.63 -19.63
CA VAL C 133 -43.88 -6.01 -18.84
C VAL C 133 -44.05 -4.98 -17.73
N CYS C 134 -45.25 -4.41 -17.64
CA CYS C 134 -45.59 -3.43 -16.58
C CYS C 134 -46.54 -4.10 -15.58
N LEU C 135 -46.14 -4.14 -14.31
CA LEU C 135 -46.97 -4.76 -13.24
C LEU C 135 -47.57 -3.65 -12.40
N ASP C 136 -48.89 -3.62 -12.20
CA ASP C 136 -49.48 -2.61 -11.27
C ASP C 136 -50.61 -3.25 -10.48
N PHE C 137 -50.57 -3.08 -9.16
CA PHE C 137 -51.63 -3.54 -8.24
C PHE C 137 -51.77 -2.52 -7.12
N VAL C 138 -53.01 -2.19 -6.78
CA VAL C 138 -53.34 -1.21 -5.71
C VAL C 138 -54.10 -1.97 -4.62
N LYS C 139 -53.37 -2.39 -3.59
CA LYS C 139 -53.93 -2.95 -2.34
C LYS C 139 -54.95 -1.95 -1.81
N PRO C 140 -56.17 -2.37 -1.43
CA PRO C 140 -57.14 -1.42 -0.88
C PRO C 140 -56.60 -0.70 0.38
N SER C 141 -55.68 -1.36 1.11
CA SER C 141 -54.88 -0.80 2.23
C SER C 141 -55.83 -0.32 3.33
N ALA C 142 -55.73 0.92 3.85
CA ALA C 142 -56.15 1.31 5.21
C ALA C 142 -57.64 0.98 5.45
N MET C 143 -58.50 1.21 4.46
CA MET C 143 -59.98 1.05 4.49
C MET C 143 -60.26 0.23 3.22
N GLY C 144 -61.47 0.27 2.67
CA GLY C 144 -61.88 -0.59 1.53
C GLY C 144 -61.48 -0.03 0.16
N THR C 145 -60.88 1.16 0.10
CA THR C 145 -60.81 1.97 -1.16
C THR C 145 -59.72 1.47 -2.09
N THR C 146 -60.04 1.41 -3.38
CA THR C 146 -59.18 0.89 -4.47
C THR C 146 -59.47 1.67 -5.77
N TRP C 147 -58.65 1.48 -6.80
CA TRP C 147 -58.71 2.31 -8.03
C TRP C 147 -57.90 1.67 -9.16
N GLY C 148 -57.99 2.27 -10.36
CA GLY C 148 -57.37 1.77 -11.60
C GLY C 148 -55.95 2.28 -11.79
N LEU C 149 -55.44 2.09 -13.01
CA LEU C 149 -54.01 2.22 -13.41
C LEU C 149 -53.61 3.70 -13.38
N GLY C 150 -52.33 4.00 -13.16
CA GLY C 150 -51.84 5.39 -13.31
C GLY C 150 -51.18 5.92 -12.07
N GLY C 151 -51.40 5.25 -10.94
CA GLY C 151 -50.63 5.45 -9.69
C GLY C 151 -51.25 6.53 -8.80
N THR C 152 -50.46 7.04 -7.87
CA THR C 152 -50.94 7.98 -6.84
C THR C 152 -51.49 9.25 -7.51
N CYS C 153 -50.74 9.78 -8.48
CA CYS C 153 -51.01 11.12 -9.01
C CYS C 153 -52.39 11.12 -9.65
N VAL C 154 -52.60 10.16 -10.54
CA VAL C 154 -53.85 10.02 -11.35
C VAL C 154 -55.05 9.78 -10.41
N ASN C 155 -54.92 8.89 -9.44
CA ASN C 155 -56.10 8.31 -8.74
C ASN C 155 -56.34 9.03 -7.41
N VAL C 156 -55.29 9.30 -6.63
CA VAL C 156 -55.47 9.75 -5.23
C VAL C 156 -54.47 10.85 -4.87
N GLY C 157 -54.10 11.70 -5.83
CA GLY C 157 -53.02 12.69 -5.65
C GLY C 157 -53.27 13.95 -6.44
N CYS C 158 -52.29 14.35 -7.26
CA CYS C 158 -52.20 15.69 -7.91
C CYS C 158 -53.54 16.01 -8.62
N ILE C 159 -54.01 15.08 -9.46
CA ILE C 159 -55.16 15.29 -10.37
C ILE C 159 -56.43 15.56 -9.55
N PRO C 160 -56.93 14.62 -8.73
CA PRO C 160 -58.15 14.90 -7.97
C PRO C 160 -58.00 16.15 -7.08
N LYS C 161 -56.83 16.31 -6.45
CA LYS C 161 -56.54 17.43 -5.53
C LYS C 161 -56.70 18.77 -6.28
N LYS C 162 -56.13 18.86 -7.49
CA LYS C 162 -56.09 20.14 -8.23
C LYS C 162 -57.53 20.50 -8.64
N LEU C 163 -58.33 19.49 -8.99
CA LEU C 163 -59.71 19.66 -9.50
C LEU C 163 -60.60 20.19 -8.35
N MET C 164 -60.39 19.67 -7.15
CA MET C 164 -61.16 20.13 -5.95
C MET C 164 -60.64 21.51 -5.52
N HIS C 165 -59.33 21.72 -5.56
CA HIS C 165 -58.76 23.09 -5.40
C HIS C 165 -59.45 24.06 -6.37
N GLN C 166 -59.59 23.69 -7.65
CA GLN C 166 -60.23 24.57 -8.65
C GLN C 166 -61.72 24.73 -8.26
N ALA C 167 -62.39 23.66 -7.84
CA ALA C 167 -63.77 23.80 -7.31
C ALA C 167 -63.76 24.91 -6.26
N ALA C 168 -62.79 24.91 -5.35
CA ALA C 168 -62.72 25.93 -4.28
C ALA C 168 -62.50 27.32 -4.91
N LEU C 169 -61.48 27.49 -5.74
CA LEU C 169 -61.24 28.80 -6.41
C LEU C 169 -62.54 29.31 -7.09
N LEU C 170 -63.22 28.44 -7.85
CA LEU C 170 -64.46 28.82 -8.58
C LEU C 170 -65.52 29.35 -7.60
N GLY C 171 -65.50 28.89 -6.35
CA GLY C 171 -66.35 29.44 -5.28
C GLY C 171 -66.07 30.91 -5.06
N GLU C 172 -64.78 31.26 -5.01
CA GLU C 172 -64.34 32.64 -4.76
C GLU C 172 -64.60 33.45 -6.03
N TYR C 173 -64.48 32.81 -7.20
CA TYR C 173 -64.65 33.50 -8.51
C TYR C 173 -66.12 33.95 -8.69
N ILE C 174 -67.09 33.16 -8.18
CA ILE C 174 -68.52 33.58 -8.20
C ILE C 174 -68.67 34.93 -7.49
N GLU C 175 -67.99 35.14 -6.35
CA GLU C 175 -68.14 36.39 -5.56
C GLU C 175 -67.53 37.55 -6.36
N ASP C 176 -66.37 37.34 -7.01
CA ASP C 176 -65.70 38.33 -7.88
C ASP C 176 -66.63 38.70 -9.04
N ALA C 177 -67.27 37.69 -9.65
CA ALA C 177 -68.25 37.89 -10.75
C ALA C 177 -69.30 38.95 -10.35
N LYS C 178 -69.77 38.96 -9.11
CA LYS C 178 -70.78 39.95 -8.63
C LYS C 178 -70.15 41.34 -8.62
N LYS C 179 -68.87 41.43 -8.19
CA LYS C 179 -68.15 42.72 -8.06
C LYS C 179 -67.79 43.24 -9.45
N PHE C 180 -67.66 42.38 -10.46
CA PHE C 180 -67.42 42.84 -11.87
C PHE C 180 -68.73 43.16 -12.57
N GLY C 181 -69.87 42.83 -11.94
CA GLY C 181 -71.20 43.29 -12.38
C GLY C 181 -72.11 42.16 -12.86
N TRP C 182 -71.67 40.89 -12.79
CA TRP C 182 -72.54 39.75 -13.20
C TRP C 182 -73.70 39.66 -12.20
N GLU C 183 -74.95 39.65 -12.70
CA GLU C 183 -76.17 39.57 -11.87
C GLU C 183 -76.40 38.11 -11.49
N ILE C 184 -75.76 37.67 -10.41
CA ILE C 184 -75.95 36.34 -9.78
C ILE C 184 -77.10 36.47 -8.78
N PRO C 185 -78.23 35.72 -8.91
CA PRO C 185 -79.26 35.72 -7.88
C PRO C 185 -78.66 35.72 -6.46
N GLU C 186 -79.36 36.38 -5.53
CA GLU C 186 -78.85 36.82 -4.20
C GLU C 186 -78.70 35.64 -3.22
N GLY C 187 -79.44 34.55 -3.42
CA GLY C 187 -79.41 33.32 -2.58
C GLY C 187 -78.00 32.81 -2.30
N ALA C 188 -77.78 32.27 -1.09
CA ALA C 188 -76.57 31.53 -0.71
C ALA C 188 -76.43 30.33 -1.65
N ILE C 189 -75.21 29.98 -2.00
CA ILE C 189 -74.89 28.85 -2.93
C ILE C 189 -73.97 27.88 -2.19
N LYS C 190 -74.40 26.63 -2.03
CA LYS C 190 -73.59 25.51 -1.50
C LYS C 190 -73.04 24.69 -2.67
N LEU C 191 -71.95 23.98 -2.42
CA LEU C 191 -71.31 23.02 -3.35
C LEU C 191 -71.89 21.63 -3.06
N ASN C 192 -72.50 21.00 -4.08
CA ASN C 192 -72.95 19.59 -4.06
C ASN C 192 -71.75 18.64 -4.20
N TRP C 193 -71.37 17.98 -3.10
CA TRP C 193 -70.16 17.11 -3.04
C TRP C 193 -70.27 15.99 -4.09
N HIS C 194 -71.44 15.38 -4.23
CA HIS C 194 -71.67 14.22 -5.12
C HIS C 194 -71.34 14.61 -6.56
N GLN C 195 -71.77 15.80 -7.01
CA GLN C 195 -71.53 16.27 -8.40
C GLN C 195 -70.01 16.47 -8.62
N LEU C 196 -69.33 17.12 -7.67
CA LEU C 196 -67.87 17.39 -7.73
C LEU C 196 -67.13 16.04 -7.79
N LYS C 197 -67.42 15.15 -6.82
CA LYS C 197 -66.73 13.84 -6.73
C LYS C 197 -67.00 13.05 -8.01
N ASN C 198 -68.24 13.07 -8.48
CA ASN C 198 -68.52 12.35 -9.76
C ASN C 198 -67.77 12.98 -10.93
N ALA C 199 -67.65 14.31 -10.98
CA ALA C 199 -66.97 15.00 -12.10
C ALA C 199 -65.48 14.60 -12.07
N VAL C 200 -64.88 14.63 -10.86
CA VAL C 200 -63.48 14.21 -10.59
C VAL C 200 -63.27 12.74 -10.98
N GLN C 201 -64.13 11.86 -10.48
CA GLN C 201 -64.01 10.39 -10.69
C GLN C 201 -64.26 10.07 -12.18
N ASN C 202 -65.12 10.82 -12.86
CA ASN C 202 -65.32 10.62 -14.32
C ASN C 202 -63.99 10.92 -15.01
N HIS C 203 -63.34 12.04 -14.70
CA HIS C 203 -62.02 12.39 -15.30
C HIS C 203 -61.01 11.30 -14.96
N ILE C 204 -60.88 10.94 -13.67
CA ILE C 204 -59.94 9.85 -13.28
C ILE C 204 -60.21 8.60 -14.16
N ALA C 205 -61.47 8.17 -14.22
CA ALA C 205 -61.89 7.01 -15.05
C ALA C 205 -61.31 7.16 -16.47
N SER C 206 -61.33 8.36 -17.06
CA SER C 206 -60.87 8.59 -18.45
C SER C 206 -59.36 8.34 -18.50
N LEU C 207 -58.61 8.78 -17.48
CA LEU C 207 -57.14 8.57 -17.36
C LEU C 207 -56.84 7.08 -17.17
N ASN C 208 -57.46 6.43 -16.18
CA ASN C 208 -57.31 4.96 -15.96
C ASN C 208 -57.35 4.27 -17.33
N TRP C 209 -58.38 4.59 -18.11
CA TRP C 209 -58.67 3.90 -19.39
C TRP C 209 -57.64 4.38 -20.45
N GLY C 210 -57.34 5.66 -20.50
CA GLY C 210 -56.30 6.22 -21.40
C GLY C 210 -54.96 5.52 -21.23
N TYR C 211 -54.52 5.28 -20.00
CA TYR C 211 -53.22 4.60 -19.70
C TYR C 211 -53.33 3.11 -20.11
N ARG C 212 -54.43 2.47 -19.74
CA ARG C 212 -54.69 1.04 -20.04
C ARG C 212 -54.68 0.84 -21.57
N VAL C 213 -55.26 1.78 -22.32
CA VAL C 213 -55.29 1.75 -23.82
C VAL C 213 -53.88 2.01 -24.33
N GLN C 214 -53.31 3.13 -23.88
CA GLN C 214 -51.92 3.54 -24.23
C GLN C 214 -51.00 2.31 -24.12
N LEU C 215 -51.13 1.50 -23.06
CA LEU C 215 -50.20 0.35 -22.87
C LEU C 215 -50.45 -0.74 -23.94
N LYS C 216 -51.72 -0.98 -24.29
CA LYS C 216 -52.14 -2.03 -25.25
C LYS C 216 -51.67 -1.61 -26.65
N GLU C 217 -52.04 -0.38 -27.06
CA GLU C 217 -51.67 0.22 -28.38
C GLU C 217 -50.17 0.10 -28.66
N LYS C 218 -49.33 0.08 -27.61
CA LYS C 218 -47.85 0.07 -27.76
C LYS C 218 -47.27 -1.33 -27.48
N SER C 219 -48.11 -2.36 -27.31
CA SER C 219 -47.72 -3.75 -27.02
C SER C 219 -46.93 -3.87 -25.72
N VAL C 220 -47.23 -3.05 -24.69
CA VAL C 220 -46.70 -3.30 -23.33
C VAL C 220 -47.61 -4.35 -22.69
N THR C 221 -47.03 -5.44 -22.16
CA THR C 221 -47.80 -6.45 -21.39
C THR C 221 -48.14 -5.85 -20.02
N TYR C 222 -49.41 -5.48 -19.83
CA TYR C 222 -49.96 -4.95 -18.55
C TYR C 222 -50.53 -6.16 -17.81
N MET C 223 -50.15 -6.31 -16.54
CA MET C 223 -50.69 -7.36 -15.64
C MET C 223 -51.10 -6.68 -14.34
N ASN C 224 -52.40 -6.73 -14.03
CA ASN C 224 -52.96 -6.18 -12.77
C ASN C 224 -52.62 -7.16 -11.65
N SER C 225 -51.33 -7.30 -11.34
CA SER C 225 -50.77 -8.32 -10.41
C SER C 225 -49.72 -7.66 -9.50
N TYR C 226 -49.66 -8.05 -8.23
CA TYR C 226 -48.62 -7.57 -7.27
C TYR C 226 -47.40 -8.49 -7.38
N ALA C 227 -46.21 -7.91 -7.58
CA ALA C 227 -44.95 -8.61 -7.92
C ALA C 227 -44.05 -8.76 -6.68
N THR C 228 -43.27 -9.85 -6.60
CA THR C 228 -42.20 -10.09 -5.59
C THR C 228 -41.05 -10.85 -6.24
N PHE C 229 -39.79 -10.59 -5.88
CA PHE C 229 -38.65 -11.35 -6.45
C PHE C 229 -38.61 -12.73 -5.80
N THR C 230 -38.60 -13.79 -6.61
CA THR C 230 -38.37 -15.19 -6.19
C THR C 230 -37.13 -15.78 -6.86
N GLY C 231 -36.50 -15.08 -7.80
CA GLY C 231 -35.16 -15.45 -8.32
C GLY C 231 -34.31 -14.23 -8.64
N SER C 232 -33.01 -14.47 -8.89
CA SER C 232 -32.03 -13.44 -9.34
C SER C 232 -32.63 -12.63 -10.51
N HIS C 233 -33.31 -13.32 -11.40
CA HIS C 233 -33.96 -12.75 -12.61
C HIS C 233 -35.41 -13.26 -12.73
N GLU C 234 -36.12 -13.38 -11.60
CA GLU C 234 -37.49 -13.95 -11.56
C GLU C 234 -38.37 -13.24 -10.53
N LEU C 235 -39.49 -12.68 -11.00
CA LEU C 235 -40.63 -12.17 -10.19
C LEU C 235 -41.76 -13.20 -10.18
N SER C 236 -42.39 -13.40 -9.02
CA SER C 236 -43.70 -14.07 -8.82
C SER C 236 -44.74 -12.97 -8.61
N VAL C 237 -45.83 -13.01 -9.39
CA VAL C 237 -46.84 -11.91 -9.47
C VAL C 237 -48.24 -12.49 -9.21
N LYS C 238 -49.02 -11.86 -8.33
CA LYS C 238 -50.32 -12.39 -7.84
C LYS C 238 -51.44 -11.44 -8.24
N ASN C 239 -52.44 -11.93 -8.98
CA ASN C 239 -53.58 -11.10 -9.48
C ASN C 239 -54.69 -11.06 -8.40
N LYS C 240 -55.76 -10.28 -8.66
CA LYS C 240 -56.98 -10.11 -7.80
C LYS C 240 -57.44 -11.46 -7.24
N LYS C 241 -57.78 -12.40 -8.12
CA LYS C 241 -58.45 -13.70 -7.80
C LYS C 241 -57.51 -14.60 -6.97
N GLY C 242 -56.20 -14.33 -6.94
CA GLY C 242 -55.21 -15.09 -6.16
C GLY C 242 -54.28 -15.91 -7.04
N LYS C 243 -54.48 -15.89 -8.37
CA LYS C 243 -53.61 -16.53 -9.40
C LYS C 243 -52.19 -15.95 -9.27
N VAL C 244 -51.19 -16.85 -9.20
CA VAL C 244 -49.73 -16.55 -9.10
C VAL C 244 -49.06 -16.98 -10.40
N GLU C 245 -48.45 -16.03 -11.11
CA GLU C 245 -47.69 -16.29 -12.37
C GLU C 245 -46.22 -15.95 -12.13
N LYS C 246 -45.31 -16.53 -12.92
CA LYS C 246 -43.84 -16.28 -12.84
C LYS C 246 -43.36 -15.54 -14.10
N VAL C 247 -42.57 -14.47 -13.90
CA VAL C 247 -42.13 -13.50 -14.94
C VAL C 247 -40.62 -13.32 -14.80
N THR C 248 -39.88 -13.58 -15.88
CA THR C 248 -38.39 -13.41 -15.94
C THR C 248 -38.06 -12.21 -16.83
N ALA C 249 -36.92 -11.55 -16.55
CA ALA C 249 -36.43 -10.37 -17.32
C ALA C 249 -34.92 -10.21 -17.15
N ASP C 250 -34.26 -9.61 -18.15
CA ASP C 250 -32.79 -9.31 -18.12
C ASP C 250 -32.55 -8.10 -17.20
N ARG C 251 -33.59 -7.28 -17.00
CA ARG C 251 -33.52 -6.07 -16.14
C ARG C 251 -34.86 -5.81 -15.47
N PHE C 252 -34.82 -5.16 -14.31
CA PHE C 252 -35.98 -4.79 -13.48
C PHE C 252 -35.88 -3.31 -13.11
N LEU C 253 -37.04 -2.64 -13.14
CA LEU C 253 -37.19 -1.25 -12.65
C LEU C 253 -38.28 -1.24 -11.56
N ILE C 254 -37.92 -0.82 -10.34
CA ILE C 254 -38.86 -0.71 -9.20
C ILE C 254 -39.36 0.73 -9.09
N ALA C 255 -40.66 0.95 -9.27
CA ALA C 255 -41.33 2.27 -9.34
C ALA C 255 -42.67 2.15 -8.61
N VAL C 256 -42.59 1.60 -7.39
CA VAL C 256 -43.72 1.14 -6.54
C VAL C 256 -44.32 2.26 -5.69
N GLY C 257 -43.61 3.38 -5.50
CA GLY C 257 -44.13 4.55 -4.77
C GLY C 257 -44.39 4.25 -3.30
N LEU C 258 -45.31 5.02 -2.69
CA LEU C 258 -45.56 5.13 -1.22
C LEU C 258 -47.05 4.98 -0.94
N ARG C 259 -47.38 4.92 0.35
CA ARG C 259 -48.79 4.81 0.82
C ARG C 259 -48.93 5.70 2.06
N PRO C 260 -50.11 6.26 2.37
CA PRO C 260 -50.22 7.19 3.50
C PRO C 260 -49.78 6.54 4.82
N ARG C 261 -49.04 7.30 5.64
CA ARG C 261 -48.55 6.86 6.97
C ARG C 261 -49.70 6.92 7.99
N PHE C 262 -49.89 5.89 8.81
CA PHE C 262 -50.79 5.96 9.98
C PHE C 262 -49.97 5.86 11.26
N PRO C 263 -50.31 6.60 12.33
CA PRO C 263 -49.54 6.57 13.57
C PRO C 263 -50.00 5.42 14.48
N ASP C 264 -49.17 5.05 15.46
CA ASP C 264 -49.46 3.98 16.45
C ASP C 264 -50.41 4.54 17.51
N VAL C 265 -51.67 4.83 17.15
CA VAL C 265 -52.66 5.51 18.04
C VAL C 265 -53.98 4.74 18.00
N PRO C 266 -54.60 4.47 19.18
CA PRO C 266 -55.89 3.78 19.24
C PRO C 266 -56.98 4.46 18.40
N GLY C 267 -57.55 3.71 17.43
CA GLY C 267 -58.63 4.16 16.53
C GLY C 267 -58.13 4.67 15.17
N ALA C 268 -56.87 5.12 15.07
CA ALA C 268 -56.35 5.83 13.87
C ALA C 268 -56.94 5.22 12.59
N LEU C 269 -56.69 3.91 12.39
CA LEU C 269 -56.99 3.15 11.15
C LEU C 269 -58.52 2.95 11.03
N GLU C 270 -59.22 2.81 12.15
CA GLU C 270 -60.68 2.51 12.17
C GLU C 270 -61.45 3.79 11.84
N CYS C 271 -60.92 4.94 12.27
CA CYS C 271 -61.67 6.22 12.36
C CYS C 271 -61.22 7.22 11.29
N CYS C 272 -59.94 7.22 10.92
CA CYS C 272 -59.38 8.30 10.04
C CYS C 272 -59.30 7.81 8.60
N ILE C 273 -59.93 8.55 7.69
CA ILE C 273 -59.71 8.35 6.22
C ILE C 273 -58.31 8.88 5.92
N SER C 274 -57.77 8.48 4.77
CA SER C 274 -56.57 9.11 4.14
C SER C 274 -56.94 9.72 2.81
N SER C 275 -55.99 10.40 2.17
CA SER C 275 -56.14 10.95 0.79
C SER C 275 -56.66 9.85 -0.14
N ASP C 276 -56.22 8.61 0.04
CA ASP C 276 -56.72 7.51 -0.84
C ASP C 276 -58.25 7.46 -0.82
N ASP C 277 -58.85 7.72 0.33
CA ASP C 277 -60.32 7.60 0.50
C ASP C 277 -60.99 8.93 0.13
N LEU C 278 -60.32 10.07 0.35
CA LEU C 278 -61.01 11.39 0.37
C LEU C 278 -61.65 11.67 -0.99
N PHE C 279 -60.98 11.29 -2.08
CA PHE C 279 -61.33 11.73 -3.46
C PHE C 279 -62.43 10.85 -4.08
N SER C 280 -62.82 9.74 -3.45
CA SER C 280 -63.99 8.91 -3.91
C SER C 280 -65.05 8.78 -2.80
N LEU C 281 -65.07 9.69 -1.82
CA LEU C 281 -66.03 9.61 -0.68
C LEU C 281 -67.45 9.68 -1.25
N PRO C 282 -68.35 8.76 -0.88
CA PRO C 282 -69.75 8.83 -1.33
C PRO C 282 -70.62 9.76 -0.47
N TYR C 283 -69.99 10.65 0.30
CA TYR C 283 -70.66 11.61 1.23
C TYR C 283 -69.81 12.88 1.33
N ASN C 284 -70.48 14.02 1.54
CA ASN C 284 -69.84 15.28 1.98
C ASN C 284 -69.17 15.02 3.32
N PRO C 285 -67.86 15.27 3.44
CA PRO C 285 -67.12 14.95 4.67
C PRO C 285 -67.55 15.78 5.90
N GLY C 286 -68.31 16.86 5.70
CA GLY C 286 -68.87 17.69 6.80
C GLY C 286 -67.77 18.33 7.63
N LYS C 287 -68.02 18.53 8.93
CA LYS C 287 -67.02 19.09 9.88
C LYS C 287 -65.78 18.18 9.90
N THR C 288 -64.65 18.72 9.42
CA THR C 288 -63.44 17.88 9.14
C THR C 288 -62.28 18.26 10.06
N LEU C 289 -61.58 17.23 10.56
CA LEU C 289 -60.27 17.39 11.23
C LEU C 289 -59.20 16.83 10.30
N CYS C 290 -58.26 17.67 9.88
CA CYS C 290 -57.06 17.30 9.08
C CYS C 290 -55.86 17.17 10.03
N VAL C 291 -55.33 15.97 10.19
CA VAL C 291 -54.20 15.72 11.15
C VAL C 291 -52.90 15.64 10.36
N GLY C 292 -51.98 16.56 10.65
CA GLY C 292 -50.63 16.61 10.06
C GLY C 292 -50.33 17.91 9.34
N ALA C 293 -49.04 18.15 9.09
CA ALA C 293 -48.47 19.45 8.65
C ALA C 293 -47.95 19.37 7.22
N SER C 294 -48.12 18.22 6.57
CA SER C 294 -47.71 17.96 5.18
C SER C 294 -48.53 18.83 4.22
N TYR C 295 -48.00 19.08 3.03
CA TYR C 295 -48.72 19.86 1.99
C TYR C 295 -50.07 19.20 1.72
N VAL C 296 -50.15 17.87 1.77
CA VAL C 296 -51.42 17.12 1.58
C VAL C 296 -52.44 17.62 2.61
N SER C 297 -52.04 17.74 3.87
CA SER C 297 -52.97 18.12 4.95
C SER C 297 -53.57 19.50 4.62
N LEU C 298 -52.69 20.46 4.30
CA LEU C 298 -53.03 21.89 4.12
C LEU C 298 -53.81 22.08 2.83
N GLU C 299 -53.40 21.43 1.74
CA GLU C 299 -54.09 21.55 0.44
C GLU C 299 -55.53 21.07 0.64
N CYS C 300 -55.69 19.89 1.27
CA CYS C 300 -57.01 19.26 1.52
C CYS C 300 -57.83 20.14 2.48
N ALA C 301 -57.22 20.61 3.58
CA ALA C 301 -57.87 21.54 4.52
C ALA C 301 -58.39 22.76 3.75
N GLY C 302 -57.56 23.29 2.85
CA GLY C 302 -57.82 24.52 2.08
C GLY C 302 -59.06 24.37 1.22
N PHE C 303 -59.13 23.31 0.40
CA PHE C 303 -60.24 23.19 -0.57
C PHE C 303 -61.53 22.82 0.19
N LEU C 304 -61.43 22.00 1.24
CA LEU C 304 -62.64 21.61 2.04
C LEU C 304 -63.27 22.87 2.64
N LYS C 305 -62.44 23.84 3.06
CA LYS C 305 -62.92 25.16 3.53
C LYS C 305 -63.57 25.90 2.35
N GLY C 306 -62.91 25.86 1.20
CA GLY C 306 -63.35 26.58 0.00
C GLY C 306 -64.69 26.06 -0.50
N ILE C 307 -65.04 24.80 -0.21
CA ILE C 307 -66.37 24.27 -0.59
C ILE C 307 -67.35 24.37 0.60
N GLY C 308 -66.97 25.02 1.72
CA GLY C 308 -67.91 25.46 2.77
C GLY C 308 -67.90 24.61 4.04
N ASN C 309 -66.96 23.68 4.19
CA ASN C 309 -66.87 22.84 5.42
C ASN C 309 -66.20 23.61 6.56
N ASP C 310 -66.64 23.32 7.79
CA ASP C 310 -65.91 23.63 9.04
C ASP C 310 -64.66 22.74 9.09
N VAL C 311 -63.47 23.35 8.91
CA VAL C 311 -62.18 22.62 8.83
C VAL C 311 -61.27 22.98 10.00
N THR C 312 -60.74 21.96 10.69
CA THR C 312 -59.68 22.12 11.71
C THR C 312 -58.42 21.39 11.22
N VAL C 313 -57.24 21.91 11.53
CA VAL C 313 -55.92 21.31 11.19
C VAL C 313 -55.17 21.12 12.50
N MET C 314 -54.75 19.90 12.80
CA MET C 314 -53.97 19.60 14.03
C MET C 314 -52.55 19.21 13.61
N VAL C 315 -51.55 19.92 14.13
CA VAL C 315 -50.12 19.72 13.75
C VAL C 315 -49.27 19.49 15.02
N ARG C 316 -48.25 18.64 14.89
CA ARG C 316 -47.22 18.33 15.93
C ARG C 316 -46.54 19.63 16.36
N SER C 317 -45.83 20.29 15.44
CA SER C 317 -45.12 21.59 15.67
C SER C 317 -45.24 22.66 14.59
N VAL C 318 -44.61 22.47 13.43
CA VAL C 318 -44.55 23.50 12.34
C VAL C 318 -45.30 22.99 11.12
N LEU C 319 -45.79 23.90 10.25
CA LEU C 319 -46.38 23.56 8.93
C LEU C 319 -45.25 23.34 7.91
N LEU C 320 -45.43 22.41 6.96
CA LEU C 320 -44.56 22.32 5.75
C LEU C 320 -43.08 22.29 6.14
N ARG C 321 -42.73 21.44 7.10
CA ARG C 321 -41.34 20.96 7.32
C ARG C 321 -40.68 20.74 5.96
N GLY C 322 -39.53 21.37 5.72
CA GLY C 322 -38.78 21.27 4.45
C GLY C 322 -39.00 22.48 3.56
N PHE C 323 -40.12 23.20 3.73
CA PHE C 323 -40.40 24.45 2.99
C PHE C 323 -40.02 25.65 3.84
N ASP C 324 -39.89 26.81 3.18
CA ASP C 324 -39.60 28.13 3.80
C ASP C 324 -40.72 28.48 4.81
N GLN C 325 -40.29 28.61 6.08
CA GLN C 325 -41.19 28.77 7.26
C GLN C 325 -41.81 30.18 7.27
N ASP C 326 -41.13 31.17 6.69
CA ASP C 326 -41.72 32.51 6.47
C ASP C 326 -42.95 32.33 5.57
N MET C 327 -42.79 31.66 4.44
CA MET C 327 -43.92 31.39 3.50
C MET C 327 -44.98 30.53 4.21
N ALA C 328 -44.57 29.47 4.91
CA ALA C 328 -45.50 28.62 5.72
C ALA C 328 -46.35 29.48 6.68
N GLU C 329 -45.71 30.36 7.46
CA GLU C 329 -46.43 31.28 8.39
C GLU C 329 -47.40 32.14 7.58
N ARG C 330 -47.04 32.55 6.37
CA ARG C 330 -47.90 33.50 5.64
C ARG C 330 -49.12 32.73 5.17
N ILE C 331 -48.91 31.48 4.72
CA ILE C 331 -50.01 30.55 4.35
C ILE C 331 -50.92 30.36 5.57
N LYS C 332 -50.31 30.10 6.75
CA LYS C 332 -51.09 29.94 8.00
C LYS C 332 -51.95 31.19 8.25
N LYS C 333 -51.34 32.38 8.23
CA LYS C 333 -52.11 33.63 8.49
C LYS C 333 -53.34 33.66 7.57
N HIS C 334 -53.12 33.46 6.27
CA HIS C 334 -54.14 33.57 5.19
C HIS C 334 -55.26 32.54 5.41
N MET C 335 -54.88 31.27 5.60
CA MET C 335 -55.86 30.19 5.81
C MET C 335 -56.63 30.44 7.13
N THR C 336 -55.98 31.05 8.13
CA THR C 336 -56.66 31.47 9.39
C THR C 336 -57.68 32.55 9.02
N GLU C 337 -57.28 33.61 8.32
CA GLU C 337 -58.24 34.65 7.85
C GLU C 337 -59.36 34.03 7.01
N ARG C 338 -59.12 32.93 6.27
CA ARG C 338 -60.20 32.29 5.46
C ARG C 338 -61.05 31.34 6.31
N GLY C 339 -60.78 31.22 7.61
CA GLY C 339 -61.66 30.52 8.56
C GLY C 339 -61.17 29.11 8.88
N VAL C 340 -59.97 28.72 8.44
CA VAL C 340 -59.40 27.40 8.86
C VAL C 340 -58.92 27.56 10.32
N LYS C 341 -59.14 26.56 11.16
CA LYS C 341 -58.73 26.59 12.58
C LYS C 341 -57.47 25.73 12.73
N PHE C 342 -56.38 26.29 13.23
CA PHE C 342 -55.12 25.56 13.49
C PHE C 342 -54.96 25.38 15.01
N VAL C 343 -54.60 24.17 15.43
CA VAL C 343 -54.30 23.92 16.87
C VAL C 343 -53.09 23.00 16.92
N GLN C 344 -52.22 23.16 17.90
CA GLN C 344 -51.08 22.20 17.99
C GLN C 344 -51.52 21.04 18.89
N CYS C 345 -52.10 20.00 18.30
CA CYS C 345 -52.57 18.83 19.10
C CYS C 345 -52.16 17.50 18.46
N VAL C 346 -51.44 16.66 19.20
CA VAL C 346 -51.14 15.28 18.73
C VAL C 346 -52.40 14.48 19.09
N PRO C 347 -52.98 13.63 18.23
CA PRO C 347 -54.24 12.97 18.57
C PRO C 347 -54.47 12.51 20.01
N ILE C 348 -55.57 12.98 20.63
CA ILE C 348 -56.08 12.51 21.95
C ILE C 348 -57.34 11.68 21.68
N LYS C 349 -57.11 10.42 21.32
CA LYS C 349 -58.14 9.35 21.17
C LYS C 349 -59.32 8.96 20.30
N TYR C 350 -59.03 8.48 19.07
CA TYR C 350 -60.06 8.38 18.02
C TYR C 350 -61.04 7.26 18.42
N GLU C 351 -62.32 7.61 18.63
CA GLU C 351 -63.40 6.61 18.84
C GLU C 351 -64.56 6.91 17.90
N ARG C 352 -65.10 5.89 17.21
CA ARG C 352 -66.30 6.01 16.34
C ARG C 352 -67.53 6.25 17.22
N LEU C 353 -68.18 7.41 17.07
CA LEU C 353 -69.48 7.75 17.74
C LEU C 353 -70.60 7.30 16.81
N LYS C 354 -70.47 7.55 15.51
CA LYS C 354 -71.52 7.21 14.51
C LYS C 354 -70.87 6.52 13.30
N LYS C 355 -71.59 5.58 12.69
CA LYS C 355 -71.10 4.70 11.59
C LYS C 355 -71.28 5.35 10.22
N PRO C 356 -72.32 6.19 9.99
CA PRO C 356 -72.89 6.42 8.67
C PRO C 356 -71.92 6.35 7.48
N THR C 357 -72.31 5.49 6.53
CA THR C 357 -71.66 5.26 5.22
C THR C 357 -72.48 5.94 4.12
N ASP C 358 -73.77 5.54 3.98
CA ASP C 358 -74.59 5.81 2.78
C ASP C 358 -75.06 7.27 2.78
N SER C 359 -74.47 8.06 1.87
CA SER C 359 -74.88 9.44 1.52
C SER C 359 -74.92 10.39 2.73
N GLU C 360 -74.46 9.97 3.91
CA GLU C 360 -74.11 10.83 5.09
C GLU C 360 -72.80 10.35 5.69
N PRO C 361 -72.00 11.28 6.26
CA PRO C 361 -70.75 10.91 6.93
C PRO C 361 -71.08 10.29 8.30
N GLY C 362 -70.17 9.43 8.81
CA GLY C 362 -70.14 9.02 10.23
C GLY C 362 -69.74 10.18 11.13
N MET C 363 -69.42 9.90 12.40
CA MET C 363 -68.90 10.89 13.37
C MET C 363 -67.92 10.22 14.34
N ILE C 364 -66.77 10.86 14.52
CA ILE C 364 -65.60 10.40 15.33
C ILE C 364 -65.36 11.40 16.46
N ARG C 365 -65.21 10.87 17.67
CA ARG C 365 -64.75 11.56 18.90
C ARG C 365 -63.22 11.53 18.90
N VAL C 366 -62.62 12.72 18.87
CA VAL C 366 -61.16 12.94 18.98
C VAL C 366 -60.90 13.81 20.22
N THR C 380 -63.74 14.86 23.80
CA THR C 380 -63.28 16.28 23.85
C THR C 380 -63.79 17.06 22.64
N GLU C 381 -63.69 16.50 21.42
CA GLU C 381 -64.33 17.15 20.24
C GLU C 381 -64.71 16.12 19.15
N ASP C 382 -65.92 16.29 18.61
CA ASP C 382 -66.56 15.39 17.62
C ASP C 382 -66.42 15.99 16.22
N PHE C 383 -65.98 15.19 15.25
CA PHE C 383 -65.84 15.58 13.82
C PHE C 383 -66.55 14.55 12.94
N ASN C 384 -67.16 14.99 11.84
CA ASN C 384 -67.83 14.10 10.85
C ASN C 384 -66.76 13.20 10.21
N THR C 385 -65.59 13.79 9.90
CA THR C 385 -64.47 13.13 9.16
C THR C 385 -63.11 13.59 9.71
N VAL C 386 -62.21 12.63 9.85
CA VAL C 386 -60.79 12.86 10.22
C VAL C 386 -59.89 12.35 9.09
N LEU C 387 -59.12 13.27 8.48
CA LEU C 387 -58.13 12.96 7.42
C LEU C 387 -56.76 12.81 8.08
N MET C 388 -56.22 11.59 8.04
CA MET C 388 -54.85 11.28 8.51
C MET C 388 -53.87 11.65 7.40
N ALA C 389 -53.12 12.74 7.56
CA ALA C 389 -52.25 13.30 6.51
C ALA C 389 -50.90 13.72 7.11
N ILE C 390 -50.21 12.83 7.84
CA ILE C 390 -48.93 13.20 8.52
C ILE C 390 -47.77 12.92 7.57
N GLY C 391 -47.92 11.96 6.66
CA GLY C 391 -46.92 11.69 5.61
C GLY C 391 -47.19 10.41 4.84
N ARG C 392 -46.17 9.92 4.15
CA ARG C 392 -46.26 8.83 3.15
C ARG C 392 -45.04 7.92 3.27
N ASP C 393 -45.25 6.61 3.33
CA ASP C 393 -44.15 5.65 3.57
C ASP C 393 -44.08 4.66 2.41
N ALA C 394 -42.88 4.12 2.18
CA ALA C 394 -42.64 3.04 1.20
C ALA C 394 -43.10 1.72 1.83
N MET C 395 -44.04 1.02 1.19
CA MET C 395 -44.56 -0.30 1.65
C MET C 395 -43.84 -1.38 0.84
N THR C 396 -42.55 -1.56 1.09
CA THR C 396 -41.63 -2.41 0.26
C THR C 396 -41.28 -3.74 0.96
N ASP C 397 -41.89 -4.08 2.09
CA ASP C 397 -41.49 -5.28 2.89
C ASP C 397 -41.75 -6.57 2.09
N ASP C 398 -42.72 -6.57 1.17
CA ASP C 398 -43.24 -7.76 0.45
C ASP C 398 -42.50 -8.02 -0.87
N LEU C 399 -41.46 -7.26 -1.21
CA LEU C 399 -40.94 -7.19 -2.61
C LEU C 399 -39.86 -8.24 -2.87
N GLY C 400 -39.33 -8.89 -1.84
CA GLY C 400 -38.30 -9.95 -2.00
C GLY C 400 -36.96 -9.36 -2.43
N LEU C 401 -36.68 -8.11 -2.06
CA LEU C 401 -35.43 -7.42 -2.44
C LEU C 401 -34.23 -8.12 -1.78
N ASP C 402 -34.45 -8.84 -0.67
CA ASP C 402 -33.46 -9.76 -0.03
C ASP C 402 -33.05 -10.84 -1.03
N VAL C 403 -33.95 -11.32 -1.88
CA VAL C 403 -33.65 -12.44 -2.84
C VAL C 403 -32.66 -11.94 -3.91
N VAL C 404 -32.87 -10.74 -4.47
CA VAL C 404 -31.93 -10.17 -5.50
C VAL C 404 -30.81 -9.38 -4.82
N GLY C 405 -30.87 -9.17 -3.51
CA GLY C 405 -29.83 -8.44 -2.77
C GLY C 405 -29.82 -6.98 -3.16
N VAL C 406 -31.02 -6.38 -3.21
CA VAL C 406 -31.25 -4.91 -3.39
C VAL C 406 -31.39 -4.28 -2.00
N ASN C 407 -30.33 -3.57 -1.58
CA ASN C 407 -30.27 -2.78 -0.32
C ASN C 407 -31.37 -1.72 -0.28
N ARG C 408 -32.05 -1.64 0.87
CA ARG C 408 -33.03 -0.59 1.25
C ARG C 408 -32.51 0.24 2.42
N ALA C 409 -32.95 1.49 2.56
CA ALA C 409 -32.67 2.35 3.73
C ALA C 409 -33.69 2.07 4.83
N LYS C 410 -33.48 2.65 6.01
CA LYS C 410 -34.31 2.46 7.23
C LYS C 410 -35.79 2.53 6.85
N SER C 411 -36.16 3.49 5.99
CA SER C 411 -37.57 3.82 5.65
C SER C 411 -38.17 2.82 4.65
N GLY C 412 -37.37 1.95 4.04
CA GLY C 412 -37.88 0.98 3.04
C GLY C 412 -37.74 1.50 1.61
N LYS C 413 -37.13 2.68 1.44
CA LYS C 413 -36.74 3.20 0.11
C LYS C 413 -35.49 2.47 -0.39
N ILE C 414 -35.37 2.31 -1.70
CA ILE C 414 -34.23 1.59 -2.34
C ILE C 414 -33.03 2.54 -2.45
N ILE C 415 -31.83 2.06 -2.15
CA ILE C 415 -30.58 2.88 -2.21
C ILE C 415 -29.95 2.78 -3.60
N GLY C 416 -29.81 3.94 -4.23
CA GLY C 416 -29.31 4.09 -5.60
C GLY C 416 -27.84 4.47 -5.66
N ARG C 417 -27.20 3.98 -6.72
CA ARG C 417 -25.99 4.48 -7.42
C ARG C 417 -26.53 5.18 -8.66
N ARG C 418 -26.89 6.46 -8.49
CA ARG C 418 -27.91 7.12 -9.32
C ARG C 418 -29.17 6.27 -9.17
N GLU C 419 -29.71 5.73 -10.29
CA GLU C 419 -30.97 4.94 -10.30
C GLU C 419 -30.66 3.45 -10.23
N GLN C 420 -29.41 3.02 -10.43
CA GLN C 420 -29.01 1.58 -10.32
C GLN C 420 -29.05 1.18 -8.84
N SER C 421 -29.62 0.04 -8.46
CA SER C 421 -29.47 -0.43 -7.04
C SER C 421 -27.99 -0.37 -6.68
N VAL C 422 -27.65 0.24 -5.54
CA VAL C 422 -26.21 0.38 -5.12
C VAL C 422 -25.55 -0.99 -5.04
N SER C 423 -26.34 -2.06 -4.85
CA SER C 423 -25.83 -3.40 -4.46
C SER C 423 -26.11 -4.46 -5.54
N CYS C 424 -26.80 -4.12 -6.63
CA CYS C 424 -27.20 -5.08 -7.70
C CYS C 424 -27.29 -4.37 -9.04
N PRO C 425 -26.33 -4.60 -9.94
CA PRO C 425 -26.49 -4.15 -11.31
C PRO C 425 -27.66 -4.98 -11.87
N TYR C 426 -28.34 -4.44 -12.87
CA TYR C 426 -29.50 -5.05 -13.58
C TYR C 426 -30.81 -4.79 -12.82
N VAL C 427 -30.74 -4.24 -11.61
CA VAL C 427 -31.97 -3.74 -10.94
C VAL C 427 -31.86 -2.21 -10.76
N TYR C 428 -32.89 -1.46 -11.17
CA TYR C 428 -32.93 0.03 -11.06
C TYR C 428 -34.19 0.45 -10.30
N ALA C 429 -34.19 1.65 -9.72
CA ALA C 429 -35.32 2.27 -9.03
C ALA C 429 -35.43 3.75 -9.41
N ILE C 430 -36.66 4.25 -9.51
CA ILE C 430 -37.03 5.67 -9.78
C ILE C 430 -38.27 6.02 -8.96
N GLY C 431 -38.58 7.31 -8.93
CA GLY C 431 -39.83 7.85 -8.33
C GLY C 431 -39.70 7.87 -6.83
N ASP C 432 -40.82 7.93 -6.13
CA ASP C 432 -40.89 8.15 -4.66
C ASP C 432 -40.07 7.06 -3.92
N VAL C 433 -39.89 5.88 -4.48
CA VAL C 433 -39.28 4.73 -3.74
C VAL C 433 -37.75 4.85 -3.76
N LEU C 434 -37.17 5.67 -4.64
CA LEU C 434 -35.69 5.84 -4.69
C LEU C 434 -35.25 6.76 -3.54
N TYR C 435 -34.34 6.30 -2.68
CA TYR C 435 -33.88 7.00 -1.46
C TYR C 435 -33.79 8.53 -1.62
N GLY C 436 -32.91 9.03 -2.50
CA GLY C 436 -32.64 10.47 -2.63
C GLY C 436 -33.52 11.18 -3.66
N SER C 437 -34.74 10.73 -3.92
CA SER C 437 -35.61 11.29 -4.99
C SER C 437 -36.69 12.20 -4.41
N PRO C 438 -36.77 13.47 -4.85
CA PRO C 438 -37.88 14.31 -4.48
C PRO C 438 -39.16 13.59 -4.90
N GLU C 439 -40.19 13.60 -4.05
CA GLU C 439 -41.45 12.86 -4.29
C GLU C 439 -42.39 13.71 -5.15
N LEU C 440 -42.11 13.84 -6.46
CA LEU C 440 -42.95 14.61 -7.41
C LEU C 440 -43.16 13.83 -8.71
N THR C 441 -44.33 13.99 -9.32
CA THR C 441 -44.74 13.27 -10.55
C THR C 441 -43.72 13.50 -11.66
N PRO C 442 -43.42 14.77 -12.01
CA PRO C 442 -42.52 15.08 -13.14
C PRO C 442 -41.09 14.56 -12.97
N VAL C 443 -40.65 14.42 -11.72
CA VAL C 443 -39.35 13.78 -11.38
C VAL C 443 -39.44 12.28 -11.70
N ALA C 444 -40.48 11.62 -11.22
CA ALA C 444 -40.73 10.19 -11.53
C ALA C 444 -40.72 10.06 -13.05
N ILE C 445 -41.45 10.94 -13.73
CA ILE C 445 -41.58 10.86 -15.22
C ILE C 445 -40.21 11.08 -15.88
N GLN C 446 -39.45 12.10 -15.50
CA GLN C 446 -38.15 12.42 -16.15
C GLN C 446 -37.15 11.28 -15.87
N ALA C 447 -37.08 10.83 -14.61
CA ALA C 447 -36.14 9.75 -14.19
C ALA C 447 -36.37 8.51 -15.06
N GLY C 448 -37.64 8.13 -15.19
CA GLY C 448 -38.03 6.98 -16.02
C GLY C 448 -37.55 7.15 -17.45
N LYS C 449 -37.93 8.26 -18.08
CA LYS C 449 -37.64 8.49 -19.51
C LYS C 449 -36.13 8.52 -19.72
N VAL C 450 -35.41 9.25 -18.88
CA VAL C 450 -33.93 9.41 -19.02
C VAL C 450 -33.25 8.05 -18.81
N LEU C 451 -33.58 7.34 -17.72
CA LEU C 451 -32.94 6.03 -17.46
C LEU C 451 -33.06 5.13 -18.71
N MET C 452 -34.28 5.05 -19.26
CA MET C 452 -34.56 4.17 -20.40
C MET C 452 -33.66 4.58 -21.58
N ARG C 453 -33.29 5.86 -21.71
CA ARG C 453 -32.46 6.28 -22.87
C ARG C 453 -31.00 5.89 -22.59
N ARG C 454 -30.55 6.06 -21.35
CA ARG C 454 -29.22 5.57 -20.92
C ARG C 454 -29.12 4.07 -21.22
N LEU C 455 -30.02 3.25 -20.65
CA LEU C 455 -29.94 1.77 -20.74
C LEU C 455 -30.00 1.28 -22.20
N PHE C 456 -30.84 1.84 -23.08
CA PHE C 456 -31.14 1.23 -24.40
C PHE C 456 -30.57 2.06 -25.56
N THR C 457 -29.95 3.21 -25.29
CA THR C 457 -29.28 4.01 -26.34
C THR C 457 -27.82 4.28 -25.96
N GLY C 458 -27.44 4.08 -24.69
CA GLY C 458 -26.06 4.32 -24.22
C GLY C 458 -25.69 5.80 -24.35
N SER C 459 -26.56 6.70 -23.86
CA SER C 459 -26.32 8.15 -23.77
C SER C 459 -25.91 8.50 -22.33
N SER C 460 -25.37 9.70 -22.11
CA SER C 460 -24.79 10.13 -20.81
C SER C 460 -25.79 11.03 -20.06
N GLU C 461 -27.03 11.10 -20.55
CA GLU C 461 -28.07 12.03 -20.02
C GLU C 461 -28.40 11.65 -18.57
N LEU C 462 -28.28 12.59 -17.64
CA LEU C 462 -28.65 12.43 -16.21
C LEU C 462 -29.89 13.28 -15.91
N THR C 463 -30.79 12.76 -15.09
CA THR C 463 -31.89 13.55 -14.50
C THR C 463 -31.26 14.56 -13.55
N GLU C 464 -31.73 15.81 -13.59
CA GLU C 464 -31.26 16.88 -12.69
C GLU C 464 -32.25 16.97 -11.53
N TYR C 465 -31.77 16.60 -10.33
CA TYR C 465 -32.55 16.46 -9.08
C TYR C 465 -32.39 17.73 -8.21
N ASP C 466 -31.60 18.71 -8.64
CA ASP C 466 -31.41 19.98 -7.87
C ASP C 466 -32.31 21.10 -8.45
N LYS C 467 -32.67 22.06 -7.61
CA LYS C 467 -33.34 23.32 -7.99
C LYS C 467 -34.69 23.01 -8.66
N ILE C 468 -35.38 22.01 -8.15
CA ILE C 468 -36.67 21.56 -8.72
C ILE C 468 -37.77 22.50 -8.25
N PRO C 469 -38.56 23.11 -9.16
CA PRO C 469 -39.66 23.96 -8.74
C PRO C 469 -40.84 23.13 -8.20
N THR C 470 -41.54 23.68 -7.23
CA THR C 470 -42.83 23.16 -6.73
C THR C 470 -43.84 24.29 -6.60
N THR C 471 -45.07 23.86 -6.45
CA THR C 471 -46.21 24.69 -6.00
C THR C 471 -47.01 23.86 -4.99
N VAL C 472 -47.26 24.43 -3.83
CA VAL C 472 -48.27 23.99 -2.84
C VAL C 472 -49.57 24.71 -3.17
N PHE C 473 -50.61 23.95 -3.52
CA PHE C 473 -51.90 24.46 -4.03
C PHE C 473 -52.85 24.72 -2.86
N THR C 474 -52.36 25.45 -1.85
CA THR C 474 -53.17 26.03 -0.74
C THR C 474 -54.14 27.06 -1.33
N PRO C 475 -55.13 27.56 -0.56
CA PRO C 475 -56.17 28.43 -1.13
C PRO C 475 -55.54 29.60 -1.90
N LEU C 476 -54.51 30.23 -1.33
CA LEU C 476 -53.56 31.11 -2.05
C LEU C 476 -52.32 30.26 -2.32
N GLU C 477 -52.00 30.04 -3.60
CA GLU C 477 -50.98 29.06 -4.02
C GLU C 477 -49.58 29.55 -3.63
N TYR C 478 -48.68 28.61 -3.29
CA TYR C 478 -47.29 28.91 -2.92
C TYR C 478 -46.34 28.24 -3.91
N GLY C 479 -45.66 29.04 -4.74
CA GLY C 479 -44.70 28.53 -5.73
C GLY C 479 -43.29 28.78 -5.26
N SER C 480 -42.38 27.83 -5.52
CA SER C 480 -40.98 28.00 -5.09
C SER C 480 -40.02 27.16 -5.93
N CYS C 481 -38.77 27.58 -5.89
CA CYS C 481 -37.61 26.94 -6.53
C CYS C 481 -36.35 27.35 -5.78
N GLY C 482 -35.55 26.36 -5.38
CA GLY C 482 -34.23 26.58 -4.76
C GLY C 482 -34.30 26.81 -3.27
N LEU C 483 -33.33 27.52 -2.70
CA LEU C 483 -33.17 27.54 -1.22
C LEU C 483 -34.28 28.37 -0.58
N SER C 484 -34.66 27.98 0.63
CA SER C 484 -35.44 28.83 1.56
C SER C 484 -34.50 29.95 2.02
N GLU C 485 -35.05 31.06 2.51
CA GLU C 485 -34.29 32.14 3.16
C GLU C 485 -33.41 31.52 4.25
N TYR C 486 -33.97 30.64 5.05
CA TYR C 486 -33.25 30.03 6.20
C TYR C 486 -32.07 29.20 5.70
N SER C 487 -32.28 28.30 4.74
CA SER C 487 -31.21 27.40 4.23
C SER C 487 -30.05 28.23 3.65
N ALA C 488 -30.37 29.29 2.92
CA ALA C 488 -29.36 30.17 2.29
C ALA C 488 -28.53 30.86 3.39
N ILE C 489 -29.20 31.40 4.41
CA ILE C 489 -28.51 32.09 5.53
C ILE C 489 -27.66 31.06 6.31
N GLN C 490 -28.24 29.91 6.68
CA GLN C 490 -27.52 28.79 7.33
C GLN C 490 -26.29 28.42 6.49
N LYS C 491 -26.40 28.29 5.18
CA LYS C 491 -25.28 27.79 4.34
C LYS C 491 -24.23 28.89 4.07
N TYR C 492 -24.61 30.15 3.83
CA TYR C 492 -23.67 31.18 3.30
C TYR C 492 -23.42 32.35 4.26
N GLY C 493 -24.25 32.52 5.30
CA GLY C 493 -24.10 33.58 6.31
C GLY C 493 -25.03 34.74 6.04
N LYS C 494 -25.73 35.22 7.07
CA LYS C 494 -26.70 36.35 6.99
C LYS C 494 -26.08 37.48 6.18
N GLU C 495 -24.79 37.77 6.42
CA GLU C 495 -24.06 38.92 5.81
C GLU C 495 -23.95 38.74 4.28
N ASN C 496 -24.04 37.53 3.74
CA ASN C 496 -23.80 37.27 2.28
C ASN C 496 -25.10 36.95 1.53
N ILE C 497 -26.25 37.21 2.16
CA ILE C 497 -27.56 36.95 1.49
C ILE C 497 -28.29 38.27 1.34
N ASN C 498 -28.71 38.57 0.12
CA ASN C 498 -29.72 39.63 -0.14
C ASN C 498 -31.06 38.95 -0.40
N VAL C 499 -32.09 39.39 0.30
CA VAL C 499 -33.50 38.98 0.08
C VAL C 499 -34.21 40.20 -0.50
N TYR C 500 -34.62 40.10 -1.76
CA TYR C 500 -35.40 41.17 -2.43
C TYR C 500 -36.86 40.75 -2.39
N HIS C 501 -37.76 41.67 -2.05
CA HIS C 501 -39.18 41.27 -1.88
C HIS C 501 -40.13 42.40 -2.21
N ASN C 502 -41.41 42.05 -2.35
CA ASN C 502 -42.49 43.04 -2.54
C ASN C 502 -43.83 42.41 -2.19
N VAL C 503 -44.79 43.25 -1.87
CA VAL C 503 -46.23 42.87 -1.90
C VAL C 503 -46.81 43.40 -3.20
N PHE C 504 -47.97 42.92 -3.58
CA PHE C 504 -48.63 43.28 -4.86
C PHE C 504 -50.06 42.81 -4.76
N ILE C 505 -50.96 43.45 -5.50
CA ILE C 505 -52.38 43.03 -5.59
C ILE C 505 -52.59 42.55 -7.03
N PRO C 506 -52.83 41.26 -7.23
CA PRO C 506 -53.19 40.81 -8.57
C PRO C 506 -54.34 41.69 -9.08
N LEU C 507 -54.19 42.24 -10.28
CA LEU C 507 -55.16 43.17 -10.89
C LEU C 507 -56.59 42.60 -10.83
N GLU C 508 -56.71 41.27 -10.97
CA GLU C 508 -58.01 40.53 -10.93
C GLU C 508 -58.74 40.74 -9.58
N TYR C 509 -58.01 41.13 -8.53
CA TYR C 509 -58.55 41.25 -7.14
C TYR C 509 -58.87 42.72 -6.81
N ALA C 510 -58.42 43.67 -7.65
CA ALA C 510 -58.38 45.13 -7.39
C ALA C 510 -59.75 45.68 -7.02
N VAL C 511 -60.81 45.15 -7.63
CA VAL C 511 -62.20 45.66 -7.49
C VAL C 511 -62.96 44.82 -6.45
N THR C 512 -62.30 43.79 -5.90
CA THR C 512 -62.92 42.93 -4.87
C THR C 512 -62.46 43.39 -3.47
N GLU C 513 -63.04 42.83 -2.41
CA GLU C 513 -62.60 43.04 -1.02
C GLU C 513 -62.07 41.71 -0.51
N ARG C 514 -61.37 40.98 -1.38
CA ARG C 514 -60.76 39.66 -1.04
C ARG C 514 -59.73 39.84 0.07
N LYS C 515 -59.60 38.81 0.92
CA LYS C 515 -58.58 38.66 1.99
C LYS C 515 -57.19 38.63 1.35
N GLU C 516 -57.09 37.90 0.22
CA GLU C 516 -55.85 37.69 -0.56
C GLU C 516 -55.13 39.02 -0.83
N LYS C 517 -55.85 40.14 -0.99
CA LYS C 517 -55.28 41.47 -1.38
C LYS C 517 -54.19 41.93 -0.40
N THR C 518 -54.11 41.38 0.81
CA THR C 518 -53.10 41.78 1.82
C THR C 518 -52.08 40.64 2.04
N HIS C 519 -52.16 39.52 1.29
CA HIS C 519 -51.30 38.33 1.57
C HIS C 519 -50.33 38.00 0.44
N CYS C 520 -50.54 38.50 -0.79
CA CYS C 520 -49.68 38.17 -1.94
C CYS C 520 -48.32 38.83 -1.74
N TYR C 521 -47.27 38.02 -1.84
CA TYR C 521 -45.87 38.37 -1.49
C TYR C 521 -44.96 37.55 -2.41
N CYS C 522 -43.84 38.13 -2.84
CA CYS C 522 -42.79 37.34 -3.54
C CYS C 522 -41.44 37.71 -2.96
N LYS C 523 -40.51 36.77 -2.99
CA LYS C 523 -39.14 37.12 -2.60
C LYS C 523 -38.17 36.30 -3.42
N LEU C 524 -37.00 36.91 -3.55
CA LEU C 524 -35.87 36.45 -4.37
C LEU C 524 -34.68 36.41 -3.44
N ILE C 525 -34.03 35.25 -3.35
CA ILE C 525 -32.93 35.01 -2.38
C ILE C 525 -31.64 34.89 -3.17
N CYS C 526 -30.71 35.79 -2.86
CA CYS C 526 -29.54 36.13 -3.69
C CYS C 526 -28.25 36.01 -2.86
N LEU C 527 -27.22 35.43 -3.48
CA LEU C 527 -25.86 35.31 -2.92
C LEU C 527 -25.09 36.61 -3.21
N LYS C 528 -25.05 37.51 -2.22
CA LYS C 528 -24.52 38.89 -2.36
C LYS C 528 -23.10 38.90 -2.91
N ASN C 529 -22.26 37.94 -2.49
CA ASN C 529 -20.81 37.91 -2.80
C ASN C 529 -20.59 37.32 -4.21
N GLU C 530 -21.64 36.87 -4.90
CA GLU C 530 -21.53 36.34 -6.30
C GLU C 530 -22.57 37.02 -7.20
N GLN C 531 -22.58 38.35 -7.16
CA GLN C 531 -23.34 39.27 -8.05
C GLN C 531 -24.84 39.04 -7.86
N ASP C 532 -25.27 38.74 -6.64
CA ASP C 532 -26.69 38.43 -6.33
C ASP C 532 -27.14 37.26 -7.23
N LEU C 533 -26.30 36.21 -7.33
CA LEU C 533 -26.68 34.89 -7.91
C LEU C 533 -28.00 34.48 -7.26
N ILE C 534 -28.95 34.01 -8.06
CA ILE C 534 -30.27 33.63 -7.49
C ILE C 534 -30.19 32.19 -6.99
N LEU C 535 -30.40 32.02 -5.69
CA LEU C 535 -30.30 30.72 -4.97
C LEU C 535 -31.69 30.11 -4.80
N GLY C 536 -32.71 30.97 -4.77
CA GLY C 536 -34.12 30.55 -4.63
C GLY C 536 -35.08 31.68 -4.85
N PHE C 537 -36.32 31.36 -5.19
CA PHE C 537 -37.40 32.37 -5.23
C PHE C 537 -38.68 31.74 -4.70
N HIS C 538 -39.57 32.59 -4.17
CA HIS C 538 -40.78 32.15 -3.45
C HIS C 538 -41.91 33.10 -3.79
N ILE C 539 -43.11 32.59 -4.06
CA ILE C 539 -44.23 33.52 -4.36
C ILE C 539 -45.54 32.95 -3.85
N LEU C 540 -46.33 33.84 -3.26
CA LEU C 540 -47.66 33.57 -2.71
C LEU C 540 -48.62 34.39 -3.57
N THR C 541 -49.42 33.73 -4.42
CA THR C 541 -50.24 34.38 -5.47
C THR C 541 -51.20 33.37 -6.08
N PRO C 542 -52.28 33.81 -6.75
CA PRO C 542 -52.96 32.97 -7.71
C PRO C 542 -51.97 32.56 -8.81
N ASN C 543 -52.13 31.35 -9.36
CA ASN C 543 -51.40 30.82 -10.53
C ASN C 543 -49.90 30.70 -10.22
N ALA C 544 -49.54 30.47 -8.96
CA ALA C 544 -48.15 30.31 -8.50
C ALA C 544 -47.41 29.27 -9.36
N GLY C 545 -48.08 28.14 -9.61
CA GLY C 545 -47.55 27.08 -10.48
C GLY C 545 -47.17 27.63 -11.84
N GLU C 546 -48.05 28.44 -12.43
CA GLU C 546 -47.88 28.84 -13.85
C GLU C 546 -46.71 29.84 -13.89
N ILE C 547 -46.51 30.61 -12.83
CA ILE C 547 -45.51 31.69 -12.76
C ILE C 547 -44.16 31.05 -12.45
N THR C 548 -44.12 30.11 -11.52
CA THR C 548 -42.86 29.52 -11.00
C THR C 548 -42.14 28.69 -12.09
N GLN C 549 -42.89 28.01 -12.94
CA GLN C 549 -42.36 26.99 -13.88
C GLN C 549 -41.24 27.58 -14.74
N GLY C 550 -41.48 28.69 -15.42
CA GLY C 550 -40.55 29.27 -16.40
C GLY C 550 -39.42 30.01 -15.72
N PHE C 551 -39.73 30.72 -14.64
CA PHE C 551 -38.68 31.40 -13.81
C PHE C 551 -37.68 30.35 -13.27
N ALA C 552 -38.14 29.13 -13.00
CA ALA C 552 -37.28 28.02 -12.52
C ALA C 552 -36.10 27.80 -13.47
N ILE C 553 -36.28 27.98 -14.77
CA ILE C 553 -35.19 27.73 -15.74
C ILE C 553 -34.07 28.74 -15.49
N ALA C 554 -34.31 29.86 -14.80
CA ALA C 554 -33.25 30.86 -14.58
C ALA C 554 -32.13 30.19 -13.76
N LEU C 555 -32.48 29.28 -12.85
CA LEU C 555 -31.47 28.68 -11.95
C LEU C 555 -30.59 27.66 -12.69
N LYS C 556 -31.02 27.12 -13.85
CA LYS C 556 -30.19 26.24 -14.70
C LYS C 556 -29.04 27.02 -15.36
N PHE C 557 -29.08 28.36 -15.38
CA PHE C 557 -28.04 29.19 -16.03
C PHE C 557 -27.34 30.09 -15.01
N ASP C 558 -27.50 29.88 -13.71
CA ASP C 558 -26.81 30.71 -12.68
C ASP C 558 -27.20 32.19 -12.89
N ALA C 559 -28.46 32.44 -13.22
CA ALA C 559 -29.11 33.76 -13.26
C ALA C 559 -28.78 34.57 -12.01
N LYS C 560 -28.50 35.85 -12.25
CA LYS C 560 -28.28 36.89 -11.21
C LYS C 560 -29.52 37.76 -11.09
N LYS C 561 -29.68 38.47 -9.99
CA LYS C 561 -30.70 39.56 -9.85
C LYS C 561 -30.75 40.42 -11.13
N ALA C 562 -29.58 40.82 -11.63
CA ALA C 562 -29.40 41.68 -12.82
C ALA C 562 -30.10 41.06 -14.03
N ASP C 563 -30.21 39.73 -14.10
CA ASP C 563 -30.90 39.03 -15.22
C ASP C 563 -32.41 39.20 -15.05
N PHE C 564 -32.91 39.15 -13.81
CA PHE C 564 -34.33 39.37 -13.53
C PHE C 564 -34.62 40.85 -13.84
N ASP C 565 -33.68 41.74 -13.54
CA ASP C 565 -33.90 43.21 -13.74
C ASP C 565 -33.85 43.61 -15.22
N ARG C 566 -33.20 42.87 -16.10
CA ARG C 566 -33.06 43.29 -17.52
C ARG C 566 -34.08 42.53 -18.37
N LEU C 567 -34.80 41.62 -17.76
CA LEU C 567 -35.97 40.96 -18.38
C LEU C 567 -37.10 41.99 -18.38
N ILE C 568 -37.72 42.23 -19.51
CA ILE C 568 -38.86 43.17 -19.62
C ILE C 568 -40.12 42.43 -19.19
N GLY C 569 -40.94 43.05 -18.37
CA GLY C 569 -42.20 42.43 -17.92
C GLY C 569 -43.23 42.34 -19.03
N ILE C 570 -44.21 41.47 -18.81
CA ILE C 570 -45.53 41.49 -19.46
C ILE C 570 -46.50 42.17 -18.51
N HIS C 571 -47.15 43.23 -19.00
CA HIS C 571 -48.10 44.01 -18.18
C HIS C 571 -49.49 43.83 -18.76
N PRO C 572 -50.52 43.64 -17.94
CA PRO C 572 -50.38 43.47 -16.49
C PRO C 572 -50.42 41.99 -16.06
N THR C 573 -49.44 41.57 -15.26
CA THR C 573 -49.38 40.18 -14.73
C THR C 573 -48.89 40.27 -13.31
N VAL C 574 -49.09 39.23 -12.51
CA VAL C 574 -48.32 39.05 -11.25
C VAL C 574 -46.83 38.80 -11.58
N ALA C 575 -46.53 37.93 -12.54
CA ALA C 575 -45.19 37.42 -12.87
C ALA C 575 -44.20 38.58 -13.06
N GLU C 576 -44.62 39.69 -13.66
CA GLU C 576 -43.69 40.79 -13.97
C GLU C 576 -43.10 41.35 -12.67
N ASN C 577 -43.75 41.10 -11.52
CA ASN C 577 -43.21 41.56 -10.23
C ASN C 577 -41.80 41.04 -10.03
N PHE C 578 -41.39 39.90 -10.58
CA PHE C 578 -40.02 39.36 -10.38
C PHE C 578 -39.00 40.23 -11.12
N THR C 579 -39.46 41.19 -11.94
CA THR C 579 -38.57 42.00 -12.81
C THR C 579 -38.29 43.37 -12.21
N THR C 580 -38.99 43.81 -11.15
CA THR C 580 -38.90 45.20 -10.61
C THR C 580 -38.70 45.21 -9.10
N LEU C 581 -38.17 44.13 -8.50
CA LEU C 581 -37.85 44.10 -7.05
C LEU C 581 -36.69 45.05 -6.73
N THR C 582 -36.88 45.96 -5.78
CA THR C 582 -35.82 46.89 -5.30
C THR C 582 -35.67 46.81 -3.78
N LEU C 583 -36.74 46.49 -3.03
CA LEU C 583 -36.76 46.45 -1.55
C LEU C 583 -36.03 45.21 -1.03
N VAL C 584 -35.08 45.46 -0.14
CA VAL C 584 -34.26 44.46 0.59
C VAL C 584 -34.94 44.22 1.94
N LYS C 585 -35.20 42.95 2.26
CA LYS C 585 -35.69 42.56 3.60
C LYS C 585 -34.54 42.72 4.60
N GLU C 586 -34.73 43.49 5.68
CA GLU C 586 -33.63 43.90 6.61
C GLU C 586 -33.55 42.90 7.77
N ASP C 587 -34.50 42.97 8.72
CA ASP C 587 -34.55 42.13 9.95
C ASP C 587 -33.14 42.01 10.55
PA FAD D . 41.58 7.96 -6.08
O1A FAD D . 40.40 8.03 -5.21
O2A FAD D . 41.42 8.34 -7.51
O5B FAD D . 42.74 8.81 -5.44
C5B FAD D . 43.93 9.11 -6.19
C4B FAD D . 44.39 10.49 -5.79
O4B FAD D . 45.80 10.61 -6.07
C3B FAD D . 43.75 11.66 -6.55
O3B FAD D . 43.79 12.79 -5.70
C2B FAD D . 44.79 11.92 -7.62
O2B FAD D . 44.68 13.20 -8.20
C1B FAD D . 46.02 11.82 -6.74
N9A FAD D . 47.25 11.68 -7.47
C8A FAD D . 47.42 11.10 -8.67
N7A FAD D . 48.66 11.08 -9.06
C5A FAD D . 49.35 11.71 -8.04
C6A FAD D . 50.69 12.02 -7.83
N6A FAD D . 51.65 11.71 -8.70
N1A FAD D . 51.03 12.65 -6.69
C2A FAD D . 50.06 12.96 -5.82
N3A FAD D . 48.76 12.72 -5.90
C4A FAD D . 48.47 12.08 -7.05
N1 FAD D . 33.31 3.09 -6.41
C2 FAD D . 32.43 2.53 -5.60
O2 FAD D . 32.77 1.71 -4.79
N3 FAD D . 31.14 2.82 -5.65
C4 FAD D . 30.63 3.73 -6.53
O4 FAD D . 29.45 3.97 -6.52
C4X FAD D . 31.50 4.38 -7.37
N5 FAD D . 31.03 5.26 -8.20
C5X FAD D . 31.93 5.90 -8.99
C6 FAD D . 31.45 6.88 -9.86
C7 FAD D . 32.31 7.58 -10.69
C7M FAD D . 31.76 8.63 -11.60
C8 FAD D . 33.67 7.29 -10.67
C8M FAD D . 34.61 8.04 -11.56
C9 FAD D . 34.15 6.31 -9.84
C9A FAD D . 33.31 5.61 -8.98
N10 FAD D . 33.76 4.63 -8.10
C10 FAD D . 32.88 3.99 -7.26
C1' FAD D . 35.19 4.29 -8.05
C2' FAD D . 35.92 4.93 -6.94
O2' FAD D . 35.85 6.30 -7.10
C3' FAD D . 37.38 4.52 -7.06
O3' FAD D . 37.42 3.13 -7.17
C4' FAD D . 38.24 4.92 -5.87
O4' FAD D . 38.14 6.33 -5.69
C5' FAD D . 39.69 4.60 -6.09
O5' FAD D . 40.40 5.16 -4.97
P FAD D . 41.96 5.28 -5.06
O1P FAD D . 42.50 5.59 -3.73
O2P FAD D . 42.43 4.08 -5.77
O3P FAD D . 42.13 6.49 -6.05
C1 MPD E . 46.91 -8.76 -7.36
C2 MPD E . 45.67 -9.07 -6.52
O2 MPD E . 46.14 -9.27 -5.17
CM MPD E . 44.73 -7.87 -6.51
C3 MPD E . 44.96 -10.35 -6.95
C4 MPD E . 43.94 -10.23 -8.06
O4 MPD E . 44.51 -9.51 -9.15
C5 MPD E . 43.41 -11.55 -8.55
C1 MPD F . 40.65 -0.36 -16.29
C2 MPD F . 39.20 0.08 -16.45
O2 MPD F . 39.10 1.26 -15.64
CM MPD F . 38.23 -0.97 -15.94
C3 MPD F . 38.88 0.47 -17.91
C4 MPD F . 37.77 1.49 -18.13
O4 MPD F . 37.02 1.14 -19.30
C5 MPD F . 36.80 1.77 -17.00
NA NA G . 44.49 6.70 -2.68
NA NA H . 44.57 17.30 -2.22
PA FAD I . -3.76 -14.73 10.76
O1A FAD I . -4.36 -13.85 11.77
O2A FAD I . -3.04 -14.07 9.66
O5B FAD I . -4.86 -15.68 10.13
C5B FAD I . -5.83 -16.37 10.91
C4B FAD I . -7.12 -16.38 10.13
O4B FAD I . -8.02 -17.39 10.66
C3B FAD I . -7.93 -15.07 10.19
O3B FAD I . -8.64 -14.93 8.98
C2B FAD I . -8.95 -15.41 11.28
O2B FAD I . -10.04 -14.54 11.28
C1B FAD I . -9.28 -16.82 10.84
N9A FAD I . -9.95 -17.57 11.86
C8A FAD I . -9.85 -17.41 13.21
N7A FAD I . -10.58 -18.25 13.89
C5A FAD I . -11.20 -19.03 12.92
C6A FAD I . -12.10 -20.10 12.99
N6A FAD I . -12.56 -20.60 14.13
N1A FAD I . -12.51 -20.64 11.83
C2A FAD I . -12.05 -20.14 10.68
N3A FAD I . -11.21 -19.13 10.49
C4A FAD I . -10.82 -18.61 11.67
N1 FAD I . 4.32 -9.50 10.85
C2 FAD I . 5.42 -9.24 10.14
O2 FAD I . 6.17 -10.14 9.82
N3 FAD I . 5.76 -8.02 9.77
C4 FAD I . 5.00 -6.93 10.08
O4 FAD I . 5.35 -5.82 9.72
C4X FAD I . 3.84 -7.14 10.79
N5 FAD I . 3.10 -6.11 11.08
C5X FAD I . 1.95 -6.35 11.76
C6 FAD I . 1.12 -5.25 12.06
C7 FAD I . -0.06 -5.43 12.73
C7M FAD I . -0.93 -4.25 13.04
C8 FAD I . -0.44 -6.71 13.14
C8M FAD I . -1.72 -6.90 13.89
C9 FAD I . 0.36 -7.78 12.88
C9A FAD I . 1.56 -7.63 12.17
N10 FAD I . 2.39 -8.69 11.86
C10 FAD I . 3.55 -8.49 11.16
C1' FAD I . 2.03 -10.04 12.31
C2' FAD I . 1.47 -10.90 11.23
O2' FAD I . 0.32 -10.33 10.67
C3' FAD I . 1.07 -12.21 11.90
O3' FAD I . 2.20 -12.77 12.49
C4' FAD I . 0.48 -13.20 10.90
O4' FAD I . -0.57 -12.54 10.21
C5' FAD I . -0.09 -14.41 11.58
O5' FAD I . -0.59 -15.26 10.54
P FAD I . -1.48 -16.50 10.92
O1P FAD I . -1.78 -17.24 9.68
O2P FAD I . -0.83 -17.21 12.05
O3P FAD I . -2.77 -15.77 11.43
C1 MPD J . 1.03 -9.34 20.85
C2 MPD J . 1.47 -9.78 22.24
O2 MPD J . 2.87 -10.17 22.13
CM MPD J . 1.32 -8.65 23.26
C3 MPD J . 0.69 -11.01 22.74
C4 MPD J . 0.92 -12.25 21.95
O4 MPD J . 2.32 -12.49 21.86
C5 MPD J . 0.26 -13.47 22.51
CL CL K . 16.64 12.00 0.48
CL CL L . 8.41 1.80 3.19
CL CL M . 11.71 6.12 14.90
PA FAD N . -46.74 5.86 -7.74
O1A FAD N . -47.24 6.97 -8.58
O2A FAD N . -47.29 5.72 -6.38
O5B FAD N . -46.90 4.47 -8.53
C5B FAD N . -46.86 3.21 -7.82
C4B FAD N . -48.00 2.35 -8.30
O4B FAD N . -47.57 0.97 -8.35
C3B FAD N . -49.21 2.31 -7.36
O3B FAD N . -50.33 1.79 -8.05
C2B FAD N . -48.73 1.25 -6.37
O2B FAD N . -49.77 0.65 -5.64
C1B FAD N . -48.25 0.22 -7.37
N9A FAD N . -47.31 -0.71 -6.84
C8A FAD N . -46.32 -0.50 -5.92
N7A FAD N . -45.61 -1.58 -5.69
C5A FAD N . -46.15 -2.55 -6.52
C6A FAD N . -45.83 -3.89 -6.76
N6A FAD N . -44.84 -4.52 -6.15
N1A FAD N . -46.57 -4.55 -7.67
C2A FAD N . -47.57 -3.91 -8.28
N3A FAD N . -47.96 -2.65 -8.14
C4A FAD N . -47.20 -2.02 -7.24
N1 FAD N . -46.67 15.40 -7.10
C2 FAD N . -46.63 16.47 -7.90
O2 FAD N . -45.70 16.63 -8.66
N3 FAD N . -47.59 17.40 -7.90
C4 FAD N . -48.69 17.32 -7.08
O4 FAD N . -49.55 18.18 -7.10
C4X FAD N . -48.78 16.22 -6.24
N5 FAD N . -49.82 16.11 -5.46
C5X FAD N . -49.88 15.00 -4.66
C6 FAD N . -50.99 14.86 -3.82
C7 FAD N . -51.12 13.77 -2.99
C7M FAD N . -52.33 13.64 -2.10
C8 FAD N . -50.13 12.78 -2.98
C8M FAD N . -50.25 11.60 -2.06
C9 FAD N . -49.03 12.91 -3.79
C9A FAD N . -48.89 14.01 -4.64
N10 FAD N . -47.79 14.18 -5.48
C10 FAD N . -47.71 15.27 -6.31
C1' FAD N . -46.72 13.16 -5.48
C2' FAD N . -46.78 12.32 -6.71
O2' FAD N . -48.12 11.99 -6.97
C3' FAD N . -45.99 11.04 -6.46
O3' FAD N . -44.68 11.37 -6.05
C4' FAD N . -45.88 10.17 -7.71
O4' FAD N . -47.19 9.90 -8.20
C5' FAD N . -45.20 8.86 -7.41
O5' FAD N . -45.00 8.19 -8.65
P FAD N . -44.22 6.82 -8.63
O1P FAD N . -42.90 7.02 -8.00
O2P FAD N . -44.31 6.24 -9.99
O3P FAD N . -45.17 6.02 -7.63
#